data_7TFK
#
_entry.id   7TFK
#
_cell.length_a   1.00
_cell.length_b   1.00
_cell.length_c   1.00
_cell.angle_alpha   90.00
_cell.angle_beta   90.00
_cell.angle_gamma   90.00
#
_symmetry.space_group_name_H-M   'P 1'
#
loop_
_entity.id
_entity.type
_entity.pdbx_description
1 polymer 'Replication factor C subunit 1'
2 polymer 'Replication factor C subunit 4'
3 polymer 'Replication factor C subunit 3'
4 polymer 'Replication factor C subunit 2'
5 polymer 'Replication factor C subunit 5'
6 polymer 'Template strand'
7 polymer 'Primer strand'
8 non-polymer 'PHOSPHOTHIOPHOSPHORIC ACID-ADENYLATE ESTER'
9 non-polymer 'MAGNESIUM ION'
10 non-polymer "ADENOSINE-5'-DIPHOSPHATE"
#
loop_
_entity_poly.entity_id
_entity_poly.type
_entity_poly.pdbx_seq_one_letter_code
_entity_poly.pdbx_strand_id
1 'polypeptide(L)'
;MVNISDFFGKNKKSVRSSTSRPTRQVGSSKPEVIDLDTESDQESTNKTPKKMPVSNVIDVSETPEGEKKLPLPAKRKASS
PTVKPASSKKTKPSSKSSDSASNITAQDVLDKIPSLDLSNVHVKENAKFDFKSANSNADPDEIVSEIGSFPEGKPNCLLG
LTIVFTGVLPTLERGASEALAKRYGARVTKSISSKTSVVVLGDEAGPKKLEKIKQLKIKAIDEEGFKQLIAGMPAEGGDG
EAAEKARRKLEEQHNIATKEAELLVKKEEERSKKLAATRVSGGHLERDNVVREEDKLWTVKYAPTNLQQVCGNKGSVMKL
KNWLANWENSKKNSFKHAGKDGSGVFRAAMLYGPPGIGKTTAAHLVAQELGYDILEQNASDVRSKTLLNAGVKNALDNMS
VVGYFKHNEEAQNLNGKHFVIIMDEVDGMSGGDRGGVGQLAQFCRKTSTPLILICNERNLPKMRPFDRVCLDIQFRRPDA
NSIKSRLMTIAIREKFKLDPNVIDRLIQTTRGDIRQVINLLSTISTTTKTINHENINEISKAWEKNIALKPFDIAHKMLD
GQIYSDIGSRNFTLNDKIALYFDDFDFTPLMIQENYLSTRPSVLKPGQSHLEAVAEAANCISLGDIVEKKIRSSEQLWSL
LPLHAVLSSVYPASKVAGHMAGRINFTAWLGQNSKSAKYYRLLQEIHYHTRLGTSTDKIGLRLDYLPTFRKRLLDPFLKQ
GADAISSVIEVMDDYYLTKEDWDSIMEFFVGPDVTTAIIKKIPATVKSGFTRKYNSMTHPVAIYRTGSTIGGGGVGTSTS
TPDFEDVVDADDNPVPADDEETQDSSTDLKKDKLIKQKAKPTKRKTATSKPGGSKKRKTKA
;
A
2 'polypeptide(L)'
;MSKTLSLQLPWVEKYRPQVLSDIVGNKETIDRLQQIAKDGNMPHMIISGMPGIGKTTSVHCLAHELLGRSYADGVLELNA
SDDRGIDVVRNQIKHFAQKKLHLPPGKHKIVILDEADSMTAGAQQALRRTMELYSNSTRFAFACNQSNKIIEPLQSRCAI
LRYSKLSDEDVLKRLLQIIKLEDVKYTNDGLEAIIFTAEGDMRQAINNLQSTVAGHGLVNADNVFKIVDSPHPLIVKKML
LASNLEDSIQILRTDLWKKGYSSIDIVTTSFRVTKNLAQVKESVRLEMIKEIGLTHMRILEGVGTYLQLASMLAKIHKLN
NKA
;
B
3 'polypeptide(L)'
;MSTSTEKRSKENLPWVEKYRPETLDEVYGQNEVITTVRKFVDEGKLPHLLFYGPPGTGKTSTIVALAREIYGKNYSNMVL
ELNASDDRGIDVVRNQIKDFASTRQIFSKGFKLIILDEADAMTNAAQNALRRVIERYTKNTRFCVLANYAHKLTPALLSR
CTRFRFQPLPQEAIERRIANVLVHEKLKLSPNAEKALIELSNGDMRRVLNVLQSCKATLDNPDEDEISDDVIYECCGAPR
PSDLKAVLKSILEDDWGTAHYTLNKVRSAKGLALIDLIEGIVKILEDYELQNEETRVHLLTKLADIEYSISKGGNDQIQG
SAVIGAIKASFENETVKANV
;
C
4 'polypeptide(L)'
;MFEGFGPNKKRKISKLAAEQSLAQQPWVEKYRPKNLDEVTAQDHAVTVLKKTLKSANLPHMLFYGPPGTGKTSTILALTK
ELYGPDLMKSRILELNASDERGISIVREKVKNFARLTVSKPSKHDLENYPCPPYKIIILDEADSMTADAQSALRRTMETY
SGVTRFCLICNYVTRIIDPLASRCSKFRFKALDASNAIDRLRFISEQENVKCDDGVLERILDISAGDLRRGITLLQSASK
GAQYLGDGKNITSTQVEELAGVVPHDILIEIVEKVKSGDFDEIKKYVNTFMKSGWSAASVVNQLHEYYITNDNFDTNFKN
QISWLLFTTDSRLNNGTNEHIQLLNLLVKISQL
;
D
5 'polypeptide(L)'
;MSLWVDKYRPKSLNALSHNEELTNFLKSLSDQPRDLPHLLLYGPNGTGKKTRCMALLESIFGPGVYRLKIDVRQFVTASN
RKLELNVVSSPYHLEITPSDMGNNDRIVIQELLKEVAQMEQVDFQDSKDGLAHRYKCVIINEANSLTKDAQAALRRTMEK
YSKNIRLIMVCDSMSPIIAPIKSRCLLIRCPAPSDSEISTILSDVVTNERIQLETKDILKRIAQASNGNLRVSLLMLESM
ALNNELALKSSSPIIKPDWIIVIHKLTRKIVKERSVNSLIECRAVLYDLLAHCIPANIILKELTFSLLDVETLNTTNKSS
IIEYSSVFDERLSLGNKAIFHLEGFIAKVMCCLD
;
E
6 'polydeoxyribonucleotide'
;(DT)(DT)(DT)(DT)(DT)(DT)(DT)(DT)(DT)(DT)(DT)(DA)(DT)(DG)(DT)(DA)(DC)(DT)(DC)(DG)
(DT)(DA)(DG)(DT)(DG)(DT)(DC)(DT)(DG)(DC)(DT)(DT)(DT)(DT)(DT)(DT)(DT)(DT)(DT)(DT)
;
I,K
7 'polydeoxyribonucleotide' (DG)(DC)(DA)(DG)(DA)(DC)(DA)(DC)(DT)(DA)(DC)(DG)(DA)(DG)(DT)(DA)(DC)(DA)(DT)(DA) J,L
#
loop_
_chem_comp.id
_chem_comp.type
_chem_comp.name
_chem_comp.formula
ADP non-polymer ADENOSINE-5'-DIPHOSPHATE 'C10 H15 N5 O10 P2'
AGS non-polymer 'PHOSPHOTHIOPHOSPHORIC ACID-ADENYLATE ESTER' 'C10 H16 N5 O12 P3 S'
DA DNA linking 2'-DEOXYADENOSINE-5'-MONOPHOSPHATE 'C10 H14 N5 O6 P'
DC DNA linking 2'-DEOXYCYTIDINE-5'-MONOPHOSPHATE 'C9 H14 N3 O7 P'
DG DNA linking 2'-DEOXYGUANOSINE-5'-MONOPHOSPHATE 'C10 H14 N5 O7 P'
DT DNA linking THYMIDINE-5'-MONOPHOSPHATE 'C10 H15 N2 O8 P'
MG non-polymer 'MAGNESIUM ION' 'Mg 2'
#
# COMPACT_ATOMS: atom_id res chain seq x y z
N ARG A 292 17.19 -54.46 13.59
CA ARG A 292 18.17 -54.11 12.57
C ARG A 292 19.37 -53.41 13.20
N GLU A 293 20.54 -53.54 12.57
CA GLU A 293 21.77 -53.02 13.13
C GLU A 293 22.57 -52.41 11.98
N GLU A 294 23.59 -51.61 12.33
CA GLU A 294 24.56 -50.97 11.44
C GLU A 294 23.90 -50.17 10.32
N ASP A 295 22.63 -49.85 10.47
CA ASP A 295 21.89 -48.97 9.56
C ASP A 295 21.02 -48.01 10.35
N LYS A 296 21.51 -47.56 11.51
CA LYS A 296 20.72 -46.77 12.43
C LYS A 296 21.39 -45.41 12.64
N LEU A 297 20.57 -44.38 12.81
CA LEU A 297 21.08 -43.03 13.00
C LEU A 297 21.86 -42.92 14.31
N TRP A 298 22.88 -42.08 14.31
CA TRP A 298 23.72 -41.91 15.49
C TRP A 298 22.94 -41.32 16.65
N THR A 299 21.89 -40.54 16.37
CA THR A 299 21.11 -39.91 17.43
C THR A 299 20.22 -40.89 18.17
N VAL A 300 20.07 -42.13 17.68
CA VAL A 300 19.18 -43.09 18.33
C VAL A 300 19.97 -44.36 18.68
N LYS A 301 21.02 -44.65 17.93
CA LYS A 301 21.86 -45.79 18.29
C LYS A 301 22.76 -45.46 19.47
N TYR A 302 23.24 -44.22 19.54
CA TYR A 302 24.00 -43.74 20.70
C TYR A 302 23.07 -42.95 21.61
N ALA A 303 22.06 -43.64 22.10
CA ALA A 303 21.11 -42.98 22.98
C ALA A 303 21.50 -43.16 24.43
N PRO A 304 21.28 -42.16 25.28
CA PRO A 304 21.60 -42.30 26.70
C PRO A 304 20.75 -43.39 27.35
N THR A 305 21.43 -44.33 28.02
CA THR A 305 20.76 -45.43 28.68
C THR A 305 20.40 -45.12 30.12
N ASN A 306 21.16 -44.24 30.77
CA ASN A 306 20.87 -43.83 32.15
C ASN A 306 21.24 -42.36 32.31
N LEU A 307 20.87 -41.80 33.47
CA LEU A 307 21.14 -40.39 33.74
C LEU A 307 22.63 -40.11 33.91
N GLN A 308 23.47 -41.13 34.02
CA GLN A 308 24.90 -40.90 33.91
C GLN A 308 25.29 -40.57 32.47
N GLN A 309 24.57 -41.14 31.50
CA GLN A 309 24.89 -40.91 30.09
C GLN A 309 24.43 -39.54 29.60
N VAL A 310 23.34 -38.99 30.16
CA VAL A 310 22.91 -37.67 29.74
C VAL A 310 23.92 -36.64 30.21
N CYS A 311 24.08 -35.57 29.42
CA CYS A 311 25.12 -34.58 29.63
C CYS A 311 24.51 -33.19 29.73
N GLY A 312 24.84 -32.48 30.80
CA GLY A 312 24.40 -31.12 30.99
C GLY A 312 22.99 -31.04 31.57
N ASN A 313 22.69 -29.86 32.11
CA ASN A 313 21.41 -29.58 32.76
C ASN A 313 21.11 -30.61 33.85
N LYS A 314 22.15 -30.95 34.62
CA LYS A 314 22.03 -32.04 35.59
C LYS A 314 21.20 -31.62 36.80
N GLY A 315 21.25 -30.35 37.19
CA GLY A 315 20.44 -29.89 38.31
C GLY A 315 18.95 -30.07 38.05
N SER A 316 18.50 -29.75 36.83
CA SER A 316 17.13 -30.03 36.46
C SER A 316 16.85 -31.52 36.45
N VAL A 317 17.85 -32.33 36.16
CA VAL A 317 17.69 -33.78 36.19
C VAL A 317 17.40 -34.25 37.62
N MET A 318 18.18 -33.78 38.60
CA MET A 318 17.85 -34.12 39.98
C MET A 318 16.52 -33.53 40.42
N LYS A 319 16.17 -32.34 39.92
CA LYS A 319 14.88 -31.75 40.27
C LYS A 319 13.73 -32.63 39.80
N LEU A 320 13.78 -33.08 38.55
CA LEU A 320 12.73 -33.95 38.03
C LEU A 320 12.73 -35.30 38.73
N LYS A 321 13.92 -35.85 39.02
CA LYS A 321 14.00 -37.14 39.70
C LYS A 321 13.40 -37.06 41.11
N ASN A 322 13.70 -35.99 41.85
CA ASN A 322 13.14 -35.83 43.18
C ASN A 322 11.64 -35.53 43.12
N TRP A 323 11.18 -34.83 42.08
CA TRP A 323 9.75 -34.63 41.91
C TRP A 323 9.03 -35.95 41.70
N LEU A 324 9.56 -36.79 40.81
CA LEU A 324 8.88 -38.04 40.47
C LEU A 324 8.98 -39.06 41.59
N ALA A 325 10.11 -39.09 42.29
CA ALA A 325 10.26 -40.02 43.42
C ALA A 325 9.34 -39.64 44.58
N ASN A 326 9.14 -38.34 44.80
CA ASN A 326 8.29 -37.86 45.88
C ASN A 326 6.86 -37.57 45.44
N TRP A 327 6.51 -37.92 44.20
CA TRP A 327 5.15 -37.71 43.73
C TRP A 327 4.15 -38.53 44.54
N GLU A 328 4.49 -39.78 44.83
CA GLU A 328 3.64 -40.60 45.69
C GLU A 328 3.58 -40.06 47.11
N ASN A 329 4.70 -39.51 47.61
CA ASN A 329 4.70 -38.88 48.92
C ASN A 329 3.78 -37.66 48.93
N SER A 330 3.78 -36.88 47.86
CA SER A 330 2.86 -35.76 47.75
C SER A 330 1.41 -36.23 47.67
N LYS A 331 1.17 -37.34 46.97
CA LYS A 331 -0.18 -37.88 46.88
C LYS A 331 -0.68 -38.35 48.24
N LYS A 332 0.17 -38.99 49.03
CA LYS A 332 -0.20 -39.35 50.39
C LYS A 332 -0.34 -38.13 51.30
N ASN A 333 0.27 -37.01 50.93
CA ASN A 333 0.16 -35.76 51.68
C ASN A 333 -1.02 -34.91 51.23
N SER A 334 -1.78 -35.38 50.23
CA SER A 334 -2.95 -34.67 49.70
C SER A 334 -2.57 -33.29 49.15
N PHE A 335 -1.31 -33.14 48.72
CA PHE A 335 -0.80 -31.91 48.10
C PHE A 335 -0.98 -30.70 49.01
N LYS A 336 -0.84 -30.89 50.32
CA LYS A 336 -1.04 -29.78 51.26
C LYS A 336 0.14 -28.82 51.22
N HIS A 337 1.37 -29.34 51.17
CA HIS A 337 2.55 -28.49 51.16
C HIS A 337 3.65 -29.19 50.38
N ALA A 338 4.62 -28.40 49.94
CA ALA A 338 5.73 -28.88 49.13
C ALA A 338 6.95 -29.17 50.01
N GLY A 339 8.04 -29.56 49.37
CA GLY A 339 9.27 -29.90 50.04
C GLY A 339 10.31 -28.80 49.94
N LYS A 340 11.58 -29.20 50.01
CA LYS A 340 12.67 -28.23 49.94
C LYS A 340 12.73 -27.55 48.56
N ASP A 341 12.54 -28.33 47.50
CA ASP A 341 12.58 -27.80 46.14
C ASP A 341 11.29 -27.11 45.73
N GLY A 342 10.26 -27.15 46.56
CA GLY A 342 8.98 -26.54 46.22
C GLY A 342 8.27 -27.21 45.06
N SER A 343 8.30 -28.54 45.02
CA SER A 343 7.66 -29.30 43.95
C SER A 343 6.58 -30.25 44.43
N GLY A 344 6.34 -30.35 45.74
CA GLY A 344 5.33 -31.26 46.25
C GLY A 344 3.93 -30.87 45.85
N VAL A 345 3.62 -29.56 45.88
CA VAL A 345 2.28 -29.10 45.57
C VAL A 345 1.95 -29.19 44.09
N PHE A 346 2.97 -29.31 43.23
CA PHE A 346 2.72 -29.36 41.79
C PHE A 346 2.18 -30.72 41.39
N ARG A 347 1.04 -30.72 40.68
CA ARG A 347 0.45 -31.96 40.22
C ARG A 347 1.21 -32.55 39.03
N ALA A 348 1.73 -31.70 38.15
CA ALA A 348 2.46 -32.15 36.98
C ALA A 348 3.72 -31.30 36.80
N ALA A 349 4.73 -31.91 36.19
CA ALA A 349 5.96 -31.20 35.85
C ALA A 349 5.95 -30.82 34.37
N MET A 350 6.93 -30.01 33.98
CA MET A 350 6.94 -29.48 32.63
C MET A 350 8.36 -29.01 32.32
N LEU A 351 8.78 -29.23 31.07
CA LEU A 351 10.13 -28.95 30.64
C LEU A 351 10.09 -28.04 29.40
N TYR A 352 11.13 -27.22 29.26
CA TYR A 352 11.25 -26.39 28.06
C TYR A 352 12.73 -26.12 27.80
N GLY A 353 13.00 -25.53 26.63
CA GLY A 353 14.34 -25.17 26.25
C GLY A 353 14.55 -25.25 24.76
N PRO A 354 15.79 -25.12 24.31
CA PRO A 354 16.11 -25.27 22.88
C PRO A 354 15.82 -26.69 22.42
N PRO A 355 15.51 -26.87 21.14
CA PRO A 355 15.22 -28.21 20.64
C PRO A 355 16.43 -29.12 20.69
N GLY A 356 16.17 -30.41 20.91
CA GLY A 356 17.22 -31.42 20.89
C GLY A 356 18.25 -31.28 21.99
N ILE A 357 17.83 -30.90 23.19
CA ILE A 357 18.75 -30.81 24.32
C ILE A 357 18.64 -31.99 25.26
N GLY A 358 17.60 -32.82 25.13
CA GLY A 358 17.49 -34.01 25.93
C GLY A 358 16.32 -33.99 26.90
N LYS A 359 15.32 -33.15 26.62
CA LYS A 359 14.15 -33.08 27.50
C LYS A 359 13.39 -34.41 27.51
N THR A 360 13.04 -34.90 26.33
CA THR A 360 12.34 -36.17 26.22
C THR A 360 13.21 -37.33 26.68
N THR A 361 14.49 -37.30 26.31
CA THR A 361 15.41 -38.36 26.72
C THR A 361 15.56 -38.42 28.23
N ALA A 362 15.74 -37.25 28.87
CA ALA A 362 15.87 -37.22 30.32
C ALA A 362 14.57 -37.64 31.00
N ALA A 363 13.41 -37.22 30.45
CA ALA A 363 12.15 -37.65 31.02
C ALA A 363 11.99 -39.16 30.97
N HIS A 364 12.33 -39.76 29.81
CA HIS A 364 12.24 -41.21 29.67
C HIS A 364 13.20 -41.92 30.62
N LEU A 365 14.42 -41.41 30.76
CA LEU A 365 15.40 -42.06 31.62
C LEU A 365 15.03 -41.94 33.08
N VAL A 366 14.49 -40.79 33.49
CA VAL A 366 14.01 -40.64 34.86
C VAL A 366 12.84 -41.59 35.13
N ALA A 367 11.94 -41.72 34.15
CA ALA A 367 10.82 -42.64 34.31
C ALA A 367 11.28 -44.10 34.42
N GLN A 368 12.28 -44.49 33.63
CA GLN A 368 12.65 -45.89 33.58
C GLN A 368 13.62 -46.31 34.68
N GLU A 369 14.50 -45.42 35.13
CA GLU A 369 15.41 -45.79 36.22
C GLU A 369 14.66 -45.94 37.53
N LEU A 370 13.81 -44.97 37.86
CA LEU A 370 12.98 -45.07 39.06
C LEU A 370 12.00 -46.22 38.94
N GLY A 371 11.58 -46.54 37.72
CA GLY A 371 10.66 -47.64 37.47
C GLY A 371 9.26 -47.14 37.26
N TYR A 372 8.86 -46.99 35.99
CA TYR A 372 7.53 -46.53 35.64
C TYR A 372 7.16 -47.08 34.27
N ASP A 373 5.86 -47.11 33.99
CA ASP A 373 5.35 -47.57 32.70
C ASP A 373 5.22 -46.34 31.80
N ILE A 374 6.14 -46.22 30.84
CA ILE A 374 6.15 -45.06 29.96
C ILE A 374 4.98 -45.15 28.99
N LEU A 375 4.24 -44.05 28.86
CA LEU A 375 3.11 -43.98 27.94
C LEU A 375 3.03 -42.57 27.39
N GLU A 376 2.67 -42.45 26.11
CA GLU A 376 2.65 -41.17 25.42
C GLU A 376 1.23 -40.90 24.93
N GLN A 377 0.62 -39.83 25.43
CA GLN A 377 -0.69 -39.37 24.98
C GLN A 377 -0.61 -38.17 24.05
N ASN A 378 0.59 -37.81 23.59
CA ASN A 378 0.76 -36.64 22.74
C ASN A 378 0.16 -36.86 21.35
N ALA A 379 -0.13 -35.74 20.68
CA ALA A 379 -0.75 -35.77 19.36
C ALA A 379 0.22 -36.30 18.31
N ASN A 415 5.94 -48.49 42.25
CA ASN A 415 6.03 -47.44 41.25
C ASN A 415 6.23 -48.00 39.85
N GLY A 416 6.82 -49.21 39.79
CA GLY A 416 7.13 -49.80 38.50
C GLY A 416 5.93 -50.08 37.64
N LYS A 417 4.80 -50.42 38.26
CA LYS A 417 3.56 -50.67 37.54
C LYS A 417 2.71 -49.42 37.36
N HIS A 418 3.20 -48.26 37.80
CA HIS A 418 2.47 -47.00 37.66
C HIS A 418 2.76 -46.41 36.28
N PHE A 419 1.69 -46.13 35.53
CA PHE A 419 1.82 -45.54 34.21
C PHE A 419 2.13 -44.05 34.33
N VAL A 420 3.17 -43.61 33.61
CA VAL A 420 3.56 -42.21 33.58
C VAL A 420 3.27 -41.66 32.18
N ILE A 421 2.72 -40.45 32.14
CA ILE A 421 2.35 -39.82 30.87
C ILE A 421 3.50 -38.92 30.44
N ILE A 422 4.10 -39.24 29.30
CA ILE A 422 5.17 -38.44 28.71
C ILE A 422 4.66 -37.98 27.35
N MET A 423 4.06 -36.78 27.30
CA MET A 423 3.51 -36.23 26.07
C MET A 423 4.38 -35.03 25.69
N ASP A 424 4.69 -34.92 24.41
CA ASP A 424 5.61 -33.88 23.94
C ASP A 424 4.87 -32.80 23.18
N GLU A 425 5.53 -31.66 23.03
CA GLU A 425 5.09 -30.55 22.17
C GLU A 425 3.71 -30.03 22.58
N VAL A 426 3.66 -29.47 23.80
CA VAL A 426 2.46 -28.77 24.24
C VAL A 426 2.21 -27.54 23.37
N ASP A 427 3.28 -26.87 22.93
CA ASP A 427 3.14 -25.69 22.08
C ASP A 427 2.67 -26.04 20.68
N GLY A 428 2.63 -27.32 20.33
CA GLY A 428 2.24 -27.76 19.00
C GLY A 428 0.75 -27.85 18.74
N MET A 429 -0.08 -27.32 19.63
CA MET A 429 -1.53 -27.33 19.43
C MET A 429 -1.88 -26.42 18.24
N GLY A 436 -7.98 -26.27 23.04
CA GLY A 436 -7.45 -27.51 23.58
C GLY A 436 -6.45 -27.30 24.71
N VAL A 437 -5.78 -26.15 24.68
CA VAL A 437 -4.79 -25.84 25.71
C VAL A 437 -5.46 -25.68 27.07
N GLY A 438 -6.67 -25.12 27.12
CA GLY A 438 -7.38 -25.00 28.39
C GLY A 438 -7.77 -26.35 28.96
N GLN A 439 -8.27 -27.25 28.11
CA GLN A 439 -8.62 -28.59 28.56
C GLN A 439 -7.39 -29.36 29.02
N LEU A 440 -6.27 -29.20 28.30
CA LEU A 440 -5.03 -29.85 28.71
C LEU A 440 -4.53 -29.30 30.04
N ALA A 441 -4.66 -27.99 30.25
CA ALA A 441 -4.28 -27.40 31.53
C ALA A 441 -5.16 -27.92 32.67
N GLN A 442 -6.46 -28.05 32.41
CA GLN A 442 -7.36 -28.61 33.42
C GLN A 442 -7.00 -30.06 33.75
N PHE A 443 -6.67 -30.84 32.72
CA PHE A 443 -6.25 -32.22 32.93
C PHE A 443 -4.95 -32.28 33.72
N CYS A 444 -4.05 -31.32 33.49
CA CYS A 444 -2.84 -31.25 34.32
C CYS A 444 -3.17 -30.89 35.75
N ARG A 445 -4.15 -30.00 35.96
CA ARG A 445 -4.56 -29.64 37.31
C ARG A 445 -5.12 -30.84 38.06
N LYS A 446 -5.97 -31.65 37.41
CA LYS A 446 -6.51 -32.86 38.01
C LYS A 446 -5.98 -34.07 37.25
N THR A 447 -4.92 -34.68 37.79
CA THR A 447 -4.33 -35.87 37.19
C THR A 447 -4.01 -36.85 38.30
N SER A 448 -4.44 -38.10 38.14
CA SER A 448 -4.16 -39.15 39.11
C SER A 448 -2.90 -39.93 38.79
N THR A 449 -2.19 -39.58 37.72
CA THR A 449 -0.99 -40.27 37.28
C THR A 449 0.15 -39.26 37.13
N PRO A 450 1.40 -39.71 37.24
CA PRO A 450 2.53 -38.82 36.93
C PRO A 450 2.46 -38.33 35.49
N LEU A 451 2.81 -37.06 35.30
CA LEU A 451 2.69 -36.42 34.00
C LEU A 451 3.87 -35.48 33.80
N ILE A 452 4.45 -35.52 32.60
CA ILE A 452 5.58 -34.68 32.24
C ILE A 452 5.26 -33.99 30.91
N LEU A 453 5.47 -32.68 30.87
CA LEU A 453 5.23 -31.88 29.67
C LEU A 453 6.57 -31.45 29.08
N ILE A 454 6.70 -31.58 27.76
CA ILE A 454 7.90 -31.18 27.03
C ILE A 454 7.49 -30.17 25.97
N CYS A 455 8.15 -29.02 25.95
CA CYS A 455 7.87 -27.98 24.97
C CYS A 455 9.16 -27.20 24.72
N ASN A 456 9.05 -26.12 23.95
CA ASN A 456 10.20 -25.27 23.63
C ASN A 456 10.00 -23.82 24.04
N GLU A 457 8.78 -23.40 24.37
CA GLU A 457 8.49 -22.03 24.74
C GLU A 457 7.52 -22.01 25.91
N ARG A 458 7.83 -21.22 26.93
CA ARG A 458 6.97 -21.07 28.09
C ARG A 458 6.18 -19.77 28.05
N ASN A 459 6.81 -18.68 27.64
CA ASN A 459 6.19 -17.36 27.64
C ASN A 459 5.23 -17.14 26.46
N LEU A 460 4.87 -18.19 25.74
CA LEU A 460 3.92 -18.05 24.65
C LEU A 460 2.53 -17.70 25.21
N PRO A 461 1.76 -16.89 24.47
CA PRO A 461 0.40 -16.57 24.94
C PRO A 461 -0.50 -17.78 25.06
N LYS A 462 -0.32 -18.80 24.21
CA LYS A 462 -1.11 -20.02 24.32
C LYS A 462 -0.72 -20.85 25.54
N MET A 463 0.46 -20.62 26.11
CA MET A 463 0.91 -21.33 27.30
C MET A 463 0.52 -20.62 28.59
N ARG A 464 -0.26 -19.53 28.50
CA ARG A 464 -0.71 -18.83 29.69
C ARG A 464 -1.50 -19.71 30.66
N PRO A 465 -2.40 -20.60 30.22
CA PRO A 465 -3.05 -21.52 31.19
C PRO A 465 -2.07 -22.43 31.92
N PHE A 466 -0.87 -22.64 31.38
CA PHE A 466 0.14 -23.47 32.02
C PHE A 466 1.11 -22.64 32.85
N ASP A 467 0.73 -21.42 33.23
CA ASP A 467 1.65 -20.55 33.97
C ASP A 467 1.80 -21.00 35.43
N ARG A 468 0.70 -21.37 36.07
CA ARG A 468 0.71 -21.64 37.51
C ARG A 468 0.12 -23.01 37.83
N VAL A 469 0.15 -23.95 36.87
CA VAL A 469 -0.40 -25.28 37.08
C VAL A 469 0.63 -26.38 36.88
N CYS A 470 1.86 -26.04 36.47
CA CYS A 470 2.89 -27.03 36.20
C CYS A 470 4.21 -26.57 36.79
N LEU A 471 5.07 -27.54 37.10
CA LEU A 471 6.38 -27.24 37.64
C LEU A 471 7.25 -26.54 36.60
N ASP A 472 8.14 -25.67 37.06
CA ASP A 472 8.95 -24.82 36.21
C ASP A 472 10.35 -25.37 35.98
N ILE A 473 10.49 -26.69 35.84
CA ILE A 473 11.79 -27.28 35.53
C ILE A 473 12.30 -26.71 34.22
N GLN A 474 13.48 -26.11 34.28
CA GLN A 474 14.04 -25.37 33.14
C GLN A 474 15.34 -26.01 32.69
N PHE A 475 15.41 -26.33 31.40
CA PHE A 475 16.63 -26.75 30.73
C PHE A 475 17.20 -25.56 29.96
N ARG A 476 18.46 -25.68 29.57
CA ARG A 476 19.14 -24.59 28.88
C ARG A 476 20.26 -25.17 28.03
N ARG A 477 21.07 -24.27 27.47
CA ARG A 477 22.28 -24.68 26.78
C ARG A 477 23.26 -25.27 27.80
N PRO A 478 23.66 -26.51 27.63
CA PRO A 478 24.43 -27.20 28.67
C PRO A 478 25.91 -26.84 28.63
N ASP A 479 26.61 -27.27 29.67
CA ASP A 479 28.05 -27.02 29.76
C ASP A 479 28.79 -27.83 28.70
N ALA A 480 29.96 -27.32 28.30
CA ALA A 480 30.73 -27.92 27.22
C ALA A 480 31.74 -28.97 27.71
N ASN A 481 31.47 -29.63 28.82
CA ASN A 481 32.36 -30.65 29.37
C ASN A 481 31.79 -32.06 29.27
N SER A 482 30.57 -32.28 29.78
CA SER A 482 29.97 -33.61 29.72
C SER A 482 29.63 -33.99 28.29
N ILE A 483 29.07 -33.05 27.51
CA ILE A 483 28.85 -33.30 26.09
C ILE A 483 30.17 -33.51 25.36
N LYS A 484 31.22 -32.80 25.77
CA LYS A 484 32.53 -33.02 25.18
C LYS A 484 32.99 -34.45 25.41
N SER A 485 32.86 -34.95 26.64
CA SER A 485 33.26 -36.32 26.95
C SER A 485 32.41 -37.32 26.18
N ARG A 486 31.11 -37.04 26.05
CA ARG A 486 30.24 -37.92 25.27
C ARG A 486 30.68 -37.96 23.80
N LEU A 487 31.08 -36.82 23.25
CA LEU A 487 31.55 -36.80 21.87
C LEU A 487 32.88 -37.53 21.73
N MET A 488 33.76 -37.44 22.74
CA MET A 488 34.97 -38.26 22.72
C MET A 488 34.63 -39.74 22.68
N THR A 489 33.67 -40.18 23.50
CA THR A 489 33.29 -41.59 23.50
C THR A 489 32.70 -42.00 22.15
N ILE A 490 31.82 -41.16 21.60
CA ILE A 490 31.18 -41.47 20.32
C ILE A 490 32.22 -41.53 19.21
N ALA A 491 33.19 -40.62 19.22
CA ALA A 491 34.19 -40.58 18.17
C ALA A 491 35.15 -41.77 18.27
N ILE A 492 35.58 -42.11 19.49
CA ILE A 492 36.49 -43.26 19.62
C ILE A 492 35.76 -44.56 19.34
N ARG A 493 34.42 -44.56 19.46
CA ARG A 493 33.68 -45.74 19.03
C ARG A 493 33.47 -45.76 17.52
N GLU A 494 33.39 -44.58 16.89
CA GLU A 494 33.13 -44.48 15.45
C GLU A 494 34.39 -44.25 14.61
N LYS A 495 35.56 -44.14 15.25
CA LYS A 495 36.85 -44.10 14.56
C LYS A 495 36.95 -42.92 13.58
N PHE A 496 36.92 -41.70 14.12
CA PHE A 496 37.25 -40.53 13.33
C PHE A 496 37.96 -39.50 14.20
N LYS A 497 39.00 -38.89 13.64
CA LYS A 497 39.86 -37.98 14.39
C LYS A 497 39.15 -36.65 14.66
N LEU A 498 39.46 -36.05 15.81
CA LEU A 498 38.91 -34.77 16.20
C LEU A 498 39.83 -34.14 17.23
N ASP A 499 39.57 -32.86 17.53
CA ASP A 499 40.38 -32.15 18.50
C ASP A 499 39.59 -31.88 19.77
N PRO A 500 40.25 -31.90 20.94
CA PRO A 500 39.56 -31.51 22.17
C PRO A 500 38.90 -30.14 22.12
N ASN A 501 39.55 -29.15 21.50
CA ASN A 501 39.05 -27.78 21.53
C ASN A 501 38.06 -27.51 20.40
N VAL A 502 37.05 -28.36 20.26
CA VAL A 502 35.99 -28.17 19.28
C VAL A 502 34.60 -28.11 19.92
N ILE A 503 34.45 -28.56 21.17
CA ILE A 503 33.13 -28.61 21.81
C ILE A 503 32.52 -27.22 21.94
N ASP A 504 33.34 -26.19 22.22
CA ASP A 504 32.80 -24.85 22.40
C ASP A 504 32.15 -24.34 21.12
N ARG A 505 32.86 -24.46 20.00
CA ARG A 505 32.32 -24.03 18.71
C ARG A 505 31.14 -24.89 18.30
N LEU A 506 31.20 -26.19 18.60
CA LEU A 506 30.10 -27.09 18.24
C LEU A 506 28.81 -26.70 18.98
N ILE A 507 28.92 -26.39 20.28
CA ILE A 507 27.75 -26.03 21.06
C ILE A 507 27.23 -24.64 20.65
N GLN A 508 28.12 -23.67 20.49
CA GLN A 508 27.64 -22.32 20.19
C GLN A 508 27.13 -22.19 18.76
N THR A 509 27.66 -23.01 17.83
CA THR A 509 27.16 -22.98 16.46
C THR A 509 25.74 -23.52 16.40
N THR A 510 25.45 -24.59 17.13
CA THR A 510 24.14 -25.22 17.14
C THR A 510 23.26 -24.71 18.27
N ARG A 511 23.61 -23.59 18.90
CA ARG A 511 22.81 -22.98 19.96
C ARG A 511 22.53 -23.97 21.09
N GLY A 512 23.54 -24.78 21.40
CA GLY A 512 23.39 -25.80 22.43
C GLY A 512 22.39 -26.89 22.11
N ASP A 513 22.41 -27.39 20.87
CA ASP A 513 21.52 -28.46 20.43
C ASP A 513 22.37 -29.72 20.28
N ILE A 514 22.25 -30.63 21.24
CA ILE A 514 23.09 -31.83 21.26
C ILE A 514 22.75 -32.74 20.09
N ARG A 515 21.45 -32.89 19.77
CA ARG A 515 21.04 -33.74 18.67
C ARG A 515 21.61 -33.25 17.34
N GLN A 516 21.59 -31.93 17.14
CA GLN A 516 22.20 -31.37 15.93
C GLN A 516 23.71 -31.59 15.91
N VAL A 517 24.35 -31.60 17.08
CA VAL A 517 25.78 -31.90 17.13
C VAL A 517 26.04 -33.33 16.70
N ILE A 518 25.21 -34.27 17.18
CA ILE A 518 25.38 -35.67 16.78
C ILE A 518 25.15 -35.82 15.27
N ASN A 519 24.12 -35.14 14.75
CA ASN A 519 23.85 -35.19 13.31
C ASN A 519 25.02 -34.61 12.53
N LEU A 520 25.60 -33.50 13.01
CA LEU A 520 26.75 -32.90 12.35
C LEU A 520 27.96 -33.84 12.34
N LEU A 521 28.24 -34.49 13.47
CA LEU A 521 29.37 -35.43 13.51
C LEU A 521 29.14 -36.58 12.54
N SER A 522 27.92 -37.13 12.50
CA SER A 522 27.63 -38.21 11.56
C SER A 522 27.81 -37.74 10.12
N THR A 523 27.24 -36.57 9.79
CA THR A 523 27.30 -36.06 8.43
C THR A 523 28.73 -35.80 7.98
N ILE A 524 29.54 -35.20 8.84
CA ILE A 524 30.92 -34.91 8.46
C ILE A 524 31.74 -36.20 8.39
N SER A 525 31.56 -37.10 9.36
CA SER A 525 32.31 -38.35 9.37
C SER A 525 31.96 -39.26 8.21
N THR A 526 30.79 -39.07 7.58
CA THR A 526 30.52 -39.81 6.34
C THR A 526 31.54 -39.50 5.27
N THR A 527 32.08 -38.27 5.25
CA THR A 527 33.09 -37.87 4.29
C THR A 527 34.42 -37.50 4.93
N THR A 528 34.42 -36.59 5.91
CA THR A 528 35.64 -36.08 6.52
C THR A 528 35.77 -36.66 7.93
N LYS A 529 36.79 -37.49 8.14
CA LYS A 529 37.05 -38.10 9.43
C LYS A 529 38.12 -37.36 10.22
N THR A 530 38.32 -36.08 9.92
CA THR A 530 39.33 -35.24 10.55
C THR A 530 38.73 -33.90 10.96
N ILE A 531 37.58 -33.96 11.66
CA ILE A 531 36.88 -32.75 12.08
C ILE A 531 37.63 -32.10 13.23
N ASN A 532 38.39 -31.04 12.91
CA ASN A 532 39.24 -30.37 13.88
C ASN A 532 39.12 -28.86 13.70
N HIS A 533 40.02 -28.12 14.35
CA HIS A 533 39.96 -26.66 14.34
C HIS A 533 40.20 -26.09 12.94
N GLU A 534 40.95 -26.81 12.09
CA GLU A 534 41.23 -26.31 10.75
C GLU A 534 40.00 -26.30 9.85
N ASN A 535 39.00 -27.13 10.15
CA ASN A 535 37.78 -27.20 9.36
C ASN A 535 36.55 -26.63 10.06
N ILE A 536 36.63 -26.43 11.38
CA ILE A 536 35.44 -26.06 12.15
C ILE A 536 34.88 -24.71 11.74
N ASN A 537 35.71 -23.80 11.20
CA ASN A 537 35.16 -22.53 10.75
C ASN A 537 34.27 -22.69 9.51
N GLU A 538 34.68 -23.50 8.52
CA GLU A 538 33.75 -23.75 7.42
C GLU A 538 32.56 -24.58 7.89
N ILE A 539 32.77 -25.45 8.87
CA ILE A 539 31.65 -26.24 9.40
C ILE A 539 30.60 -25.31 10.02
N SER A 540 31.04 -24.33 10.81
CA SER A 540 30.11 -23.37 11.39
C SER A 540 29.46 -22.51 10.33
N LYS A 541 30.25 -22.06 9.33
CA LYS A 541 29.70 -21.25 8.26
C LYS A 541 28.69 -22.01 7.40
N ALA A 542 28.75 -23.33 7.41
CA ALA A 542 27.75 -24.13 6.71
C ALA A 542 26.60 -24.57 7.61
N TRP A 543 26.80 -24.57 8.93
CA TRP A 543 25.81 -25.12 9.86
C TRP A 543 25.40 -24.15 10.96
N GLU A 544 25.32 -22.85 10.67
CA GLU A 544 24.82 -21.89 11.68
C GLU A 544 23.35 -22.21 11.99
N LYS A 545 23.03 -22.53 13.24
CA LYS A 545 21.61 -22.78 13.61
C LYS A 545 20.95 -21.42 13.89
N ASN A 546 20.76 -20.61 12.85
CA ASN A 546 20.18 -19.25 13.02
C ASN A 546 18.81 -19.35 13.67
N ILE A 547 18.53 -18.49 14.66
CA ILE A 547 17.20 -18.48 15.34
C ILE A 547 16.73 -17.02 15.48
N ALA A 548 15.44 -16.77 15.30
CA ALA A 548 14.91 -15.39 15.36
C ALA A 548 15.04 -14.84 16.79
N LEU A 549 15.46 -13.57 16.92
CA LEU A 549 15.61 -12.94 18.25
C LEU A 549 14.23 -12.53 18.77
N LYS A 550 14.02 -12.61 20.09
CA LYS A 550 12.81 -12.04 20.73
C LYS A 550 12.86 -10.51 20.62
N PRO A 551 11.73 -9.79 20.78
CA PRO A 551 11.72 -8.33 20.59
C PRO A 551 12.82 -7.68 21.45
N PHE A 552 12.86 -8.01 22.74
CA PHE A 552 13.86 -7.40 23.65
C PHE A 552 15.28 -7.67 23.11
N ASP A 553 15.55 -8.89 22.66
CA ASP A 553 16.87 -9.14 22.09
C ASP A 553 17.07 -8.36 20.80
N ILE A 554 16.00 -8.12 20.03
CA ILE A 554 16.10 -7.31 18.82
C ILE A 554 16.46 -5.87 19.16
N ALA A 555 15.83 -5.32 20.20
CA ALA A 555 16.07 -3.94 20.58
C ALA A 555 17.51 -3.74 21.05
N HIS A 556 18.02 -4.67 21.85
CA HIS A 556 19.40 -4.56 22.31
C HIS A 556 20.39 -4.68 21.16
N LYS A 557 20.14 -5.60 20.23
CA LYS A 557 21.00 -5.73 19.06
C LYS A 557 20.90 -4.49 18.17
N MET A 558 19.69 -3.95 18.00
CA MET A 558 19.52 -2.76 17.17
C MET A 558 20.09 -1.52 17.85
N LEU A 559 20.02 -1.45 19.18
CA LEU A 559 20.57 -0.31 19.92
C LEU A 559 21.98 -0.63 20.42
N ASP A 560 22.89 -0.83 19.47
CA ASP A 560 24.29 -1.08 19.77
C ASP A 560 25.14 -0.20 18.87
N GLY A 561 26.03 0.60 19.47
CA GLY A 561 26.88 1.48 18.69
C GLY A 561 27.93 0.76 17.88
N GLN A 562 28.25 -0.49 18.23
CA GLN A 562 29.27 -1.24 17.50
C GLN A 562 28.80 -1.59 16.09
N ILE A 563 27.55 -2.04 15.97
CA ILE A 563 27.07 -2.53 14.68
C ILE A 563 26.87 -1.41 13.67
N TYR A 564 26.79 -0.16 14.12
CA TYR A 564 26.72 0.98 13.21
C TYR A 564 28.07 1.64 12.98
N SER A 565 29.13 1.15 13.61
CA SER A 565 30.46 1.64 13.31
C SER A 565 30.97 1.03 12.01
N ASP A 566 32.09 1.57 11.51
CA ASP A 566 32.64 1.09 10.25
C ASP A 566 33.07 -0.37 10.35
N ILE A 567 33.74 -0.73 11.45
CA ILE A 567 34.19 -2.10 11.62
C ILE A 567 33.02 -3.04 11.87
N GLY A 568 32.09 -2.63 12.75
CA GLY A 568 31.01 -3.52 13.15
C GLY A 568 29.92 -3.68 12.11
N SER A 569 29.80 -2.74 11.16
CA SER A 569 28.77 -2.86 10.14
C SER A 569 29.03 -4.01 9.19
N ARG A 570 30.31 -4.34 8.97
CA ARG A 570 30.65 -5.42 8.05
C ARG A 570 30.19 -6.77 8.61
N ASN A 571 30.34 -6.98 9.91
CA ASN A 571 29.91 -8.23 10.52
C ASN A 571 28.39 -8.37 10.51
N PHE A 572 27.68 -7.30 10.87
CA PHE A 572 26.23 -7.30 10.93
C PHE A 572 25.75 -6.26 9.93
N THR A 573 25.52 -6.69 8.70
CA THR A 573 25.26 -5.80 7.58
C THR A 573 23.86 -5.20 7.64
N LEU A 574 23.60 -4.28 6.71
CA LEU A 574 22.28 -3.65 6.64
C LEU A 574 21.20 -4.66 6.30
N ASN A 575 21.51 -5.64 5.44
CA ASN A 575 20.56 -6.69 5.13
C ASN A 575 20.22 -7.49 6.39
N ASP A 576 21.24 -7.77 7.21
CA ASP A 576 20.99 -8.44 8.47
C ASP A 576 20.11 -7.60 9.39
N LYS A 577 20.33 -6.28 9.39
CA LYS A 577 19.47 -5.39 10.17
C LYS A 577 18.03 -5.44 9.66
N ILE A 578 17.85 -5.44 8.35
CA ILE A 578 16.51 -5.59 7.78
C ILE A 578 15.94 -6.96 8.11
N ALA A 579 16.75 -8.00 8.01
CA ALA A 579 16.30 -9.34 8.37
C ALA A 579 15.98 -9.44 9.86
N LEU A 580 16.72 -8.71 10.69
CA LEU A 580 16.43 -8.68 12.12
C LEU A 580 15.06 -8.04 12.38
N TYR A 581 14.69 -7.05 11.55
CA TYR A 581 13.40 -6.39 11.71
C TYR A 581 12.24 -7.36 11.47
N PHE A 582 12.35 -8.18 10.43
CA PHE A 582 11.24 -9.03 10.01
C PHE A 582 10.95 -10.17 10.97
N ASP A 583 11.84 -10.44 11.94
CA ASP A 583 11.56 -11.48 12.92
C ASP A 583 10.34 -11.12 13.77
N ASP A 584 10.23 -9.87 14.19
CA ASP A 584 9.10 -9.38 14.98
C ASP A 584 8.63 -8.04 14.44
N PHE A 585 8.39 -7.99 13.12
CA PHE A 585 8.10 -6.74 12.43
C PHE A 585 6.87 -6.03 12.98
N ASP A 586 5.96 -6.76 13.64
CA ASP A 586 4.85 -6.11 14.33
C ASP A 586 5.33 -5.36 15.57
N PHE A 587 6.26 -5.97 16.32
CA PHE A 587 6.70 -5.40 17.59
C PHE A 587 8.04 -4.68 17.49
N THR A 588 8.79 -4.87 16.40
CA THR A 588 10.10 -4.22 16.27
C THR A 588 10.03 -2.69 16.27
N PRO A 589 9.20 -2.01 15.46
CA PRO A 589 9.27 -0.55 15.45
C PRO A 589 8.71 0.11 16.70
N LEU A 590 7.84 -0.58 17.44
CA LEU A 590 7.36 -0.03 18.70
C LEU A 590 8.46 -0.06 19.76
N MET A 591 9.30 -1.08 19.73
CA MET A 591 10.37 -1.20 20.72
C MET A 591 11.46 -0.15 20.49
N ILE A 592 11.77 0.14 19.23
CA ILE A 592 12.81 1.12 18.93
C ILE A 592 12.39 2.50 19.38
N GLN A 593 11.13 2.88 19.13
CA GLN A 593 10.65 4.20 19.53
C GLN A 593 10.59 4.34 21.05
N GLU A 594 10.39 3.24 21.77
CA GLU A 594 10.23 3.34 23.22
C GLU A 594 11.54 3.63 23.94
N ASN A 595 12.67 3.13 23.41
CA ASN A 595 13.91 3.21 24.17
C ASN A 595 15.05 3.84 23.37
N TYR A 596 14.74 4.56 22.28
CA TYR A 596 15.78 5.33 21.60
C TYR A 596 16.15 6.58 22.36
N LEU A 597 15.41 6.93 23.41
CA LEU A 597 15.66 8.09 24.24
C LEU A 597 16.55 7.81 25.44
N SER A 598 16.55 6.58 25.94
CA SER A 598 17.26 6.22 27.16
C SER A 598 18.69 5.76 26.90
N THR A 599 19.13 5.75 25.65
CA THR A 599 20.47 5.31 25.30
C THR A 599 21.35 6.50 24.96
N ARG A 600 22.56 6.54 25.51
CA ARG A 600 23.51 7.59 25.17
C ARG A 600 24.21 7.23 23.86
N PRO A 601 24.15 8.08 22.84
CA PRO A 601 24.76 7.73 21.55
C PRO A 601 26.28 7.69 21.62
N SER A 602 26.86 6.83 20.79
CA SER A 602 28.31 6.71 20.68
C SER A 602 28.83 7.07 19.30
N VAL A 603 27.96 7.33 18.33
CA VAL A 603 28.37 7.69 16.98
C VAL A 603 27.98 9.14 16.71
N LEU A 604 27.96 9.95 17.77
CA LEU A 604 27.55 11.34 17.64
C LEU A 604 28.47 12.12 16.72
N LYS A 605 27.87 12.89 15.81
CA LYS A 605 28.62 13.77 14.95
C LYS A 605 29.23 14.91 15.78
N PRO A 606 30.37 15.47 15.34
CA PRO A 606 30.88 16.69 15.99
C PRO A 606 29.86 17.81 16.01
N GLY A 607 29.42 18.20 17.21
CA GLY A 607 28.36 19.16 17.38
C GLY A 607 26.97 18.56 17.53
N GLN A 608 26.83 17.24 17.37
CA GLN A 608 25.55 16.57 17.50
C GLN A 608 25.29 16.28 18.97
N SER A 609 24.39 17.03 19.60
CA SER A 609 24.05 16.79 20.99
C SER A 609 23.07 15.62 21.09
N HIS A 610 22.90 15.13 22.32
CA HIS A 610 21.94 14.05 22.56
C HIS A 610 20.50 14.49 22.30
N LEU A 611 20.18 15.75 22.55
CA LEU A 611 18.87 16.30 22.22
C LEU A 611 18.68 16.51 20.73
N GLU A 612 19.72 16.99 20.04
CA GLU A 612 19.62 17.22 18.60
C GLU A 612 19.52 15.90 17.84
N ALA A 613 20.24 14.88 18.29
CA ALA A 613 20.18 13.58 17.63
C ALA A 613 18.80 12.96 17.74
N VAL A 614 18.13 13.16 18.88
CA VAL A 614 16.76 12.68 19.05
C VAL A 614 15.82 13.38 18.08
N ALA A 615 16.01 14.68 17.84
CA ALA A 615 15.11 15.44 16.99
C ALA A 615 15.10 14.88 15.57
N GLU A 616 16.28 14.56 15.02
CA GLU A 616 16.34 13.91 13.73
C GLU A 616 15.79 12.49 13.81
N ALA A 617 16.12 11.76 14.88
CA ALA A 617 15.65 10.39 15.02
C ALA A 617 14.14 10.33 15.13
N ALA A 618 13.55 11.23 15.91
CA ALA A 618 12.09 11.28 16.02
C ALA A 618 11.42 11.72 14.73
N ASN A 619 12.13 12.49 13.89
CA ASN A 619 11.58 12.88 12.60
C ASN A 619 11.37 11.67 11.70
N CYS A 620 12.33 10.74 11.71
CA CYS A 620 12.22 9.54 10.87
C CYS A 620 11.11 8.61 11.36
N ILE A 621 10.88 8.55 12.67
CA ILE A 621 9.77 7.76 13.19
C ILE A 621 8.45 8.33 12.70
N SER A 622 8.33 9.65 12.62
CA SER A 622 7.15 10.25 11.99
C SER A 622 7.16 10.04 10.48
N LEU A 623 8.36 9.98 9.88
CA LEU A 623 8.45 9.65 8.46
C LEU A 623 7.99 8.21 8.21
N GLY A 624 8.35 7.30 9.09
CA GLY A 624 7.88 5.92 8.99
C GLY A 624 6.42 5.73 9.38
N ASP A 625 5.80 6.75 9.97
CA ASP A 625 4.38 6.71 10.28
C ASP A 625 3.52 6.65 9.03
N ILE A 626 3.92 7.35 7.97
CA ILE A 626 3.13 7.37 6.74
C ILE A 626 3.15 6.00 6.07
N VAL A 627 4.30 5.34 6.09
CA VAL A 627 4.44 4.04 5.42
C VAL A 627 3.57 2.99 6.10
N GLU A 628 3.55 2.96 7.43
CA GLU A 628 2.69 2.03 8.15
C GLU A 628 1.22 2.33 7.87
N LYS A 629 0.88 3.60 7.67
CA LYS A 629 -0.49 3.97 7.33
C LYS A 629 -0.88 3.43 5.96
N LYS A 630 0.02 3.52 4.98
CA LYS A 630 -0.31 3.10 3.62
C LYS A 630 -0.35 1.57 3.50
N ILE A 631 0.57 0.88 4.17
CA ILE A 631 0.63 -0.58 4.06
C ILE A 631 -0.63 -1.22 4.63
N ARG A 632 -1.01 -0.82 5.85
CA ARG A 632 -2.16 -1.40 6.52
C ARG A 632 -3.39 -0.52 6.34
N SER A 633 -3.74 -0.31 5.07
CA SER A 633 -4.88 0.49 4.66
C SER A 633 -5.76 -0.33 3.72
N SER A 634 -6.72 0.34 3.08
CA SER A 634 -7.57 -0.33 2.10
C SER A 634 -6.77 -0.81 0.90
N GLU A 635 -5.63 -0.17 0.61
CA GLU A 635 -4.83 -0.56 -0.55
C GLU A 635 -4.08 -1.87 -0.31
N GLN A 636 -3.60 -2.10 0.90
CA GLN A 636 -2.84 -3.31 1.25
C GLN A 636 -1.62 -3.49 0.37
N LEU A 637 -0.70 -2.53 0.49
CA LEU A 637 0.55 -2.53 -0.26
C LEU A 637 1.63 -3.13 0.63
N TRP A 638 1.64 -4.46 0.72
CA TRP A 638 2.56 -5.16 1.59
C TRP A 638 3.94 -5.38 0.98
N SER A 639 4.14 -4.98 -0.28
CA SER A 639 5.49 -4.96 -0.85
C SER A 639 6.35 -3.84 -0.25
N LEU A 640 5.75 -2.95 0.52
CA LEU A 640 6.43 -1.82 1.13
C LEU A 640 6.93 -2.13 2.54
N LEU A 641 6.80 -3.37 3.00
CA LEU A 641 7.27 -3.74 4.33
C LEU A 641 8.75 -3.48 4.56
N PRO A 642 9.68 -3.76 3.63
CA PRO A 642 11.09 -3.40 3.88
C PRO A 642 11.32 -1.91 4.06
N LEU A 643 10.46 -1.05 3.50
CA LEU A 643 10.62 0.39 3.71
C LEU A 643 10.31 0.77 5.14
N HIS A 644 9.30 0.15 5.75
CA HIS A 644 8.95 0.43 7.13
C HIS A 644 10.04 0.07 8.11
N ALA A 645 10.96 -0.83 7.73
CA ALA A 645 12.09 -1.16 8.60
C ALA A 645 13.05 0.02 8.69
N VAL A 646 13.41 0.61 7.55
CA VAL A 646 14.44 1.65 7.52
C VAL A 646 13.94 2.92 8.19
N LEU A 647 12.72 3.35 7.85
CA LEU A 647 12.22 4.62 8.38
C LEU A 647 11.87 4.54 9.85
N SER A 648 11.42 3.39 10.33
CA SER A 648 10.90 3.30 11.69
C SER A 648 11.77 2.53 12.66
N SER A 649 12.66 1.67 12.18
CA SER A 649 13.45 0.82 13.07
C SER A 649 14.95 1.05 12.94
N VAL A 650 15.48 1.05 11.71
CA VAL A 650 16.94 1.05 11.54
C VAL A 650 17.50 2.46 11.69
N TYR A 651 17.06 3.39 10.83
CA TYR A 651 17.59 4.75 10.88
C TYR A 651 17.34 5.48 12.19
N PRO A 652 16.15 5.41 12.83
CA PRO A 652 16.00 6.08 14.14
C PRO A 652 17.00 5.59 15.19
N ALA A 653 17.36 4.32 15.16
CA ALA A 653 18.35 3.78 16.08
C ALA A 653 19.78 3.89 15.55
N SER A 654 19.95 4.32 14.31
CA SER A 654 21.29 4.41 13.72
C SER A 654 22.05 5.67 14.13
N LYS A 655 21.37 6.67 14.68
CA LYS A 655 22.01 7.91 15.09
C LYS A 655 22.12 8.08 16.60
N VAL A 656 21.32 7.35 17.38
CA VAL A 656 21.42 7.38 18.84
C VAL A 656 22.02 6.09 19.39
N ALA A 657 22.67 5.29 18.54
CA ALA A 657 23.17 3.99 18.95
C ALA A 657 24.32 4.14 19.93
N GLY A 658 24.31 3.30 20.97
CA GLY A 658 25.37 3.33 21.96
C GLY A 658 25.00 2.48 23.16
N HIS A 659 25.84 2.55 24.17
CA HIS A 659 25.58 1.85 25.43
C HIS A 659 24.36 2.47 26.11
N MET A 660 23.48 1.63 26.64
CA MET A 660 22.25 2.13 27.23
C MET A 660 22.44 2.41 28.72
N ALA A 661 21.85 3.52 29.17
CA ALA A 661 21.93 3.87 30.59
C ALA A 661 21.09 2.93 31.44
N GLY A 662 19.92 2.53 30.94
CA GLY A 662 19.01 1.70 31.71
C GLY A 662 18.72 0.34 31.10
N ARG A 663 17.49 -0.12 31.28
CA ARG A 663 17.05 -1.44 30.82
C ARG A 663 16.14 -1.30 29.61
N ILE A 664 15.97 -2.40 28.88
CA ILE A 664 15.04 -2.41 27.76
C ILE A 664 13.62 -2.26 28.29
N ASN A 665 12.92 -1.24 27.81
CA ASN A 665 11.55 -0.98 28.20
C ASN A 665 10.61 -1.46 27.12
N PHE A 666 9.63 -2.29 27.50
CA PHE A 666 8.59 -2.69 26.56
C PHE A 666 7.74 -1.49 26.19
N THR A 667 7.26 -1.49 24.95
CA THR A 667 6.50 -0.34 24.46
C THR A 667 5.22 -0.14 25.28
N ALA A 668 4.98 1.11 25.66
CA ALA A 668 3.81 1.47 26.46
C ALA A 668 2.63 1.93 25.62
N TRP A 669 2.80 2.02 24.29
CA TRP A 669 1.69 2.43 23.44
C TRP A 669 0.60 1.37 23.41
N LEU A 670 0.98 0.09 23.40
CA LEU A 670 0.00 -0.98 23.38
C LEU A 670 -0.89 -0.96 24.62
N GLY A 671 -0.27 -0.75 25.79
CA GLY A 671 -1.06 -0.54 27.00
C GLY A 671 -1.85 0.75 26.96
N GLN A 672 -1.25 1.80 26.38
CA GLN A 672 -1.97 3.06 26.23
C GLN A 672 -3.14 2.93 25.27
N ASN A 673 -2.97 2.16 24.19
CA ASN A 673 -4.04 1.99 23.21
C ASN A 673 -5.23 1.27 23.85
N SER A 674 -4.97 0.23 24.64
CA SER A 674 -6.05 -0.50 25.30
C SER A 674 -6.77 0.39 26.31
N LYS A 675 -6.02 1.16 27.09
CA LYS A 675 -6.64 2.07 28.05
C LYS A 675 -7.44 3.17 27.34
N SER A 676 -6.88 3.72 26.25
CA SER A 676 -7.58 4.76 25.52
C SER A 676 -8.83 4.23 24.82
N ALA A 677 -8.75 3.01 24.28
CA ALA A 677 -9.89 2.43 23.57
C ALA A 677 -11.08 2.24 24.50
N LYS A 678 -10.83 1.74 25.71
CA LYS A 678 -11.90 1.66 26.70
C LYS A 678 -12.37 3.05 27.10
N TYR A 679 -11.45 4.00 27.24
CA TYR A 679 -11.84 5.38 27.51
C TYR A 679 -12.56 5.98 26.30
N TYR A 680 -12.14 5.63 25.08
CA TYR A 680 -12.91 5.99 23.90
C TYR A 680 -14.27 5.31 23.90
N ARG A 681 -14.31 4.04 24.32
CA ARG A 681 -15.59 3.35 24.45
C ARG A 681 -16.48 4.01 25.49
N LEU A 682 -15.90 4.39 26.63
CA LEU A 682 -16.66 5.13 27.65
C LEU A 682 -17.01 6.53 27.17
N LEU A 683 -16.22 7.08 26.25
CA LEU A 683 -16.53 8.40 25.69
C LEU A 683 -17.84 8.39 24.91
N GLN A 684 -18.09 7.35 24.12
CA GLN A 684 -19.29 7.26 23.31
C GLN A 684 -20.38 6.40 23.92
N GLU A 685 -20.15 5.83 25.10
CA GLU A 685 -21.17 5.00 25.75
C GLU A 685 -22.24 5.87 26.40
N ILE A 686 -21.83 6.74 27.32
CA ILE A 686 -22.80 7.57 28.02
C ILE A 686 -23.26 8.72 27.13
N HIS A 687 -22.40 9.14 26.20
CA HIS A 687 -22.74 10.26 25.30
C HIS A 687 -23.97 9.94 24.47
N TYR A 688 -24.05 8.72 23.93
CA TYR A 688 -25.24 8.29 23.23
C TYR A 688 -26.38 7.94 24.18
N HIS A 689 -26.07 7.62 25.44
CA HIS A 689 -27.11 7.38 26.42
C HIS A 689 -27.85 8.67 26.77
N THR A 690 -27.12 9.78 26.86
CA THR A 690 -27.70 11.09 27.16
C THR A 690 -27.95 11.92 25.92
N ARG A 691 -27.83 11.33 24.73
CA ARG A 691 -28.07 12.08 23.50
C ARG A 691 -29.50 12.57 23.41
N LEU A 692 -30.45 11.73 23.80
CA LEU A 692 -31.87 12.12 23.80
C LEU A 692 -32.26 12.69 25.15
N LEU B 5 1.33 -31.26 -33.64
CA LEU B 5 2.67 -31.83 -33.63
C LEU B 5 3.17 -32.00 -32.20
N SER B 6 4.16 -32.89 -32.03
CA SER B 6 4.76 -33.16 -30.74
C SER B 6 6.20 -32.64 -30.75
N LEU B 7 6.53 -31.79 -29.77
CA LEU B 7 7.88 -31.25 -29.67
C LEU B 7 8.84 -32.32 -29.17
N GLN B 8 10.13 -32.06 -29.37
CA GLN B 8 11.15 -32.80 -28.64
C GLN B 8 11.12 -32.40 -27.18
N LEU B 9 11.61 -33.30 -26.33
CA LEU B 9 11.62 -33.03 -24.89
C LEU B 9 12.51 -31.82 -24.61
N PRO B 10 12.08 -30.92 -23.71
CA PRO B 10 12.90 -29.74 -23.41
C PRO B 10 14.24 -30.11 -22.81
N TRP B 11 15.15 -29.13 -22.79
CA TRP B 11 16.51 -29.34 -22.32
C TRP B 11 16.56 -29.59 -20.81
N VAL B 12 15.44 -29.39 -20.13
CA VAL B 12 15.35 -29.60 -18.69
C VAL B 12 15.46 -31.10 -18.40
N GLU B 13 14.54 -31.89 -18.94
CA GLU B 13 14.55 -33.33 -18.68
C GLU B 13 15.39 -34.10 -19.68
N LYS B 14 15.72 -33.51 -20.83
CA LYS B 14 16.69 -34.14 -21.72
C LYS B 14 18.07 -34.23 -21.11
N TYR B 15 18.34 -33.41 -20.08
CA TYR B 15 19.65 -33.41 -19.46
C TYR B 15 19.57 -33.32 -17.94
N ARG B 16 18.43 -33.68 -17.35
CA ARG B 16 18.36 -33.80 -15.90
C ARG B 16 19.24 -34.95 -15.45
N PRO B 17 20.06 -34.76 -14.42
CA PRO B 17 20.98 -35.83 -14.00
C PRO B 17 20.22 -37.08 -13.57
N GLN B 18 20.84 -38.24 -13.82
CA GLN B 18 20.29 -39.52 -13.42
C GLN B 18 21.05 -40.16 -12.27
N VAL B 19 22.32 -39.80 -12.07
CA VAL B 19 23.12 -40.28 -10.97
C VAL B 19 23.74 -39.09 -10.26
N LEU B 20 24.21 -39.32 -9.03
CA LEU B 20 24.75 -38.23 -8.22
C LEU B 20 26.02 -37.62 -8.79
N SER B 21 26.75 -38.36 -9.62
CA SER B 21 28.00 -37.83 -10.17
C SER B 21 27.75 -36.74 -11.20
N ASP B 22 26.57 -36.72 -11.82
CA ASP B 22 26.30 -35.74 -12.87
C ASP B 22 26.05 -34.35 -12.29
N ILE B 23 25.58 -34.26 -11.05
CA ILE B 23 25.27 -32.96 -10.45
C ILE B 23 26.57 -32.22 -10.16
N VAL B 24 26.63 -30.96 -10.60
CA VAL B 24 27.78 -30.10 -10.33
C VAL B 24 27.38 -29.08 -9.28
N GLY B 25 28.39 -28.36 -8.78
CA GLY B 25 28.17 -27.38 -7.73
C GLY B 25 29.18 -27.50 -6.61
N ASN B 26 28.71 -27.55 -5.36
CA ASN B 26 29.59 -27.72 -4.22
C ASN B 26 29.99 -29.19 -4.10
N LYS B 27 31.29 -29.45 -4.10
CA LYS B 27 31.77 -30.84 -4.14
C LYS B 27 31.52 -31.55 -2.82
N GLU B 28 31.49 -30.82 -1.70
CA GLU B 28 31.35 -31.45 -0.40
C GLU B 28 29.98 -32.11 -0.24
N THR B 29 28.91 -31.39 -0.55
CA THR B 29 27.58 -31.98 -0.43
C THR B 29 27.39 -33.15 -1.39
N ILE B 30 27.89 -33.00 -2.62
CA ILE B 30 27.67 -34.04 -3.63
C ILE B 30 28.43 -35.31 -3.28
N ASP B 31 29.70 -35.19 -2.88
CA ASP B 31 30.42 -36.41 -2.54
C ASP B 31 29.99 -36.98 -1.18
N ARG B 32 29.44 -36.15 -0.29
CA ARG B 32 28.81 -36.70 0.91
C ARG B 32 27.59 -37.53 0.53
N LEU B 33 26.78 -37.04 -0.41
CA LEU B 33 25.63 -37.82 -0.88
C LEU B 33 26.08 -39.11 -1.54
N GLN B 34 27.16 -39.05 -2.32
CA GLN B 34 27.69 -40.26 -2.95
C GLN B 34 28.17 -41.26 -1.90
N GLN B 35 28.89 -40.79 -0.88
CA GLN B 35 29.37 -41.68 0.17
C GLN B 35 28.22 -42.30 0.95
N ILE B 36 27.19 -41.51 1.25
CA ILE B 36 26.06 -42.05 2.00
C ILE B 36 25.19 -42.95 1.12
N ALA B 37 25.25 -42.79 -0.20
CA ALA B 37 24.59 -43.74 -1.09
C ALA B 37 25.36 -45.06 -1.13
N LYS B 38 26.69 -44.98 -1.08
CA LYS B 38 27.49 -46.19 -0.95
C LYS B 38 27.21 -46.89 0.37
N ASP B 39 27.04 -46.13 1.44
CA ASP B 39 26.78 -46.73 2.75
C ASP B 39 25.36 -47.26 2.82
N GLY B 40 24.36 -46.39 2.67
CA GLY B 40 22.98 -46.83 2.69
C GLY B 40 22.14 -46.19 3.78
N ASN B 41 22.74 -45.92 4.94
CA ASN B 41 22.02 -45.34 6.07
C ASN B 41 21.97 -43.83 5.89
N MET B 42 21.09 -43.39 5.00
CA MET B 42 20.99 -41.97 4.68
C MET B 42 20.25 -41.23 5.78
N PRO B 43 20.83 -40.18 6.38
CA PRO B 43 20.14 -39.43 7.41
C PRO B 43 19.20 -38.39 6.82
N HIS B 44 18.24 -37.97 7.65
CA HIS B 44 17.27 -36.97 7.22
C HIS B 44 17.95 -35.64 6.97
N MET B 45 17.59 -35.01 5.86
CA MET B 45 18.27 -33.81 5.38
C MET B 45 17.25 -32.72 5.06
N ILE B 46 17.64 -31.47 5.29
CA ILE B 46 16.89 -30.31 4.83
C ILE B 46 17.76 -29.55 3.85
N ILE B 47 17.25 -29.37 2.63
CA ILE B 47 17.98 -28.72 1.55
C ILE B 47 17.30 -27.39 1.26
N SER B 48 18.07 -26.30 1.27
CA SER B 48 17.50 -24.98 1.10
C SER B 48 18.52 -24.07 0.42
N GLY B 49 18.01 -23.00 -0.16
CA GLY B 49 18.83 -22.05 -0.89
C GLY B 49 18.06 -21.49 -2.07
N MET B 50 18.78 -20.71 -2.88
CA MET B 50 18.21 -20.18 -4.10
C MET B 50 17.89 -21.33 -5.07
N PRO B 51 16.80 -21.22 -5.82
CA PRO B 51 16.31 -22.36 -6.60
C PRO B 51 17.08 -22.58 -7.89
N GLY B 52 16.96 -23.80 -8.41
CA GLY B 52 17.58 -24.16 -9.67
C GLY B 52 19.04 -24.51 -9.59
N ILE B 53 19.54 -24.87 -8.42
CA ILE B 53 20.95 -25.19 -8.22
C ILE B 53 21.16 -26.68 -8.00
N GLY B 54 20.11 -27.49 -8.13
CA GLY B 54 20.22 -28.91 -7.89
C GLY B 54 19.69 -29.30 -6.54
N LYS B 55 18.62 -28.64 -6.10
CA LYS B 55 18.01 -28.91 -4.81
C LYS B 55 17.02 -30.07 -4.85
N THR B 56 16.60 -30.51 -6.02
CA THR B 56 15.66 -31.61 -6.17
C THR B 56 16.21 -32.75 -7.01
N THR B 57 16.91 -32.44 -8.10
CA THR B 57 17.48 -33.50 -8.94
C THR B 57 18.58 -34.25 -8.20
N SER B 58 19.31 -33.58 -7.31
CA SER B 58 20.30 -34.27 -6.48
C SER B 58 19.62 -35.26 -5.55
N VAL B 59 18.48 -34.87 -4.95
CA VAL B 59 17.74 -35.77 -4.09
C VAL B 59 17.21 -36.95 -4.89
N HIS B 60 16.72 -36.70 -6.11
CA HIS B 60 16.22 -37.78 -6.95
C HIS B 60 17.34 -38.76 -7.32
N CYS B 61 18.52 -38.25 -7.69
CA CYS B 61 19.64 -39.12 -8.02
C CYS B 61 20.11 -39.90 -6.80
N LEU B 62 20.12 -39.26 -5.63
CA LEU B 62 20.47 -39.97 -4.41
C LEU B 62 19.48 -41.08 -4.11
N ALA B 63 18.19 -40.82 -4.30
CA ALA B 63 17.18 -41.85 -4.08
C ALA B 63 17.35 -43.01 -5.08
N HIS B 64 17.68 -42.68 -6.34
CA HIS B 64 17.96 -43.71 -7.32
C HIS B 64 19.14 -44.58 -6.90
N GLU B 65 20.21 -43.95 -6.45
CA GLU B 65 21.38 -44.71 -6.01
C GLU B 65 21.08 -45.55 -4.77
N LEU B 66 20.24 -45.03 -3.86
CA LEU B 66 19.86 -45.78 -2.67
C LEU B 66 19.02 -47.01 -3.03
N LEU B 67 18.02 -46.84 -3.89
CA LEU B 67 17.01 -47.87 -4.12
C LEU B 67 17.05 -48.43 -5.53
N GLY B 68 18.23 -48.44 -6.17
CA GLY B 68 18.50 -49.29 -7.32
C GLY B 68 17.45 -49.35 -8.40
N ARG B 69 16.85 -50.53 -8.58
CA ARG B 69 15.76 -50.73 -9.51
C ARG B 69 14.40 -50.80 -8.82
N SER B 70 14.36 -50.75 -7.49
CA SER B 70 13.13 -50.79 -6.71
C SER B 70 12.65 -49.39 -6.33
N TYR B 71 13.28 -48.36 -6.88
CA TYR B 71 12.91 -46.96 -6.67
C TYR B 71 11.40 -46.72 -6.60
N ALA B 72 10.66 -47.21 -7.59
CA ALA B 72 9.22 -46.96 -7.63
C ALA B 72 8.48 -47.65 -6.49
N ASP B 73 9.06 -48.68 -5.89
CA ASP B 73 8.37 -49.42 -4.83
C ASP B 73 8.40 -48.65 -3.51
N GLY B 74 9.50 -47.98 -3.21
CA GLY B 74 9.66 -47.38 -1.90
C GLY B 74 10.08 -45.93 -1.88
N VAL B 75 9.57 -45.13 -2.82
CA VAL B 75 9.81 -43.69 -2.85
C VAL B 75 8.47 -42.99 -2.99
N LEU B 76 8.21 -42.01 -2.12
CA LEU B 76 6.97 -41.26 -2.11
C LEU B 76 7.27 -39.82 -2.51
N GLU B 77 7.10 -39.52 -3.79
CA GLU B 77 7.33 -38.18 -4.33
C GLU B 77 6.20 -37.26 -3.90
N LEU B 78 6.50 -36.34 -2.99
CA LEU B 78 5.54 -35.36 -2.50
C LEU B 78 6.00 -33.95 -2.85
N ASN B 79 5.02 -33.08 -3.05
CA ASN B 79 5.29 -31.70 -3.47
C ASN B 79 4.04 -30.87 -3.23
N ALA B 80 4.17 -29.56 -3.44
CA ALA B 80 3.03 -28.66 -3.34
C ALA B 80 2.13 -28.74 -4.57
N SER B 81 2.59 -29.38 -5.64
CA SER B 81 1.80 -29.43 -6.87
C SER B 81 0.56 -30.30 -6.71
N ASP B 82 0.68 -31.44 -6.02
CA ASP B 82 -0.43 -32.38 -5.95
C ASP B 82 -1.50 -31.90 -4.97
N ASP B 83 -1.15 -31.82 -3.68
CA ASP B 83 -2.04 -31.36 -2.63
C ASP B 83 -1.23 -31.24 -1.34
N ARG B 84 -1.51 -30.19 -0.57
CA ARG B 84 -0.85 -29.99 0.71
C ARG B 84 -1.87 -29.68 1.79
N GLY B 85 -1.59 -30.17 2.99
CA GLY B 85 -2.44 -29.94 4.14
C GLY B 85 -1.86 -30.64 5.34
N ILE B 86 -2.53 -30.50 6.47
CA ILE B 86 -2.06 -31.19 7.67
C ILE B 86 -2.54 -32.64 7.63
N ASP B 87 -3.86 -32.85 7.64
CA ASP B 87 -4.47 -34.17 7.77
C ASP B 87 -4.68 -34.84 6.42
N VAL B 88 -3.87 -34.45 5.44
CA VAL B 88 -3.80 -35.16 4.17
C VAL B 88 -2.36 -35.64 4.00
N VAL B 89 -1.42 -34.73 4.19
CA VAL B 89 -0.02 -35.10 4.14
C VAL B 89 0.35 -36.06 5.26
N ARG B 90 -0.14 -35.84 6.49
CA ARG B 90 0.20 -36.77 7.57
C ARG B 90 -0.45 -38.13 7.34
N ASN B 91 -1.66 -38.15 6.79
CA ASN B 91 -2.30 -39.42 6.44
C ASN B 91 -1.49 -40.18 5.40
N GLN B 92 -1.01 -39.48 4.36
CA GLN B 92 -0.28 -40.16 3.30
C GLN B 92 1.09 -40.62 3.77
N ILE B 93 1.75 -39.81 4.61
CA ILE B 93 3.03 -40.22 5.20
C ILE B 93 2.83 -41.44 6.10
N LYS B 94 1.77 -41.45 6.90
CA LYS B 94 1.51 -42.60 7.76
C LYS B 94 1.21 -43.84 6.94
N HIS B 95 0.46 -43.70 5.85
CA HIS B 95 0.17 -44.84 4.99
C HIS B 95 1.44 -45.37 4.33
N PHE B 96 2.32 -44.48 3.86
CA PHE B 96 3.53 -44.92 3.18
C PHE B 96 4.52 -45.54 4.15
N ALA B 97 4.67 -44.96 5.34
CA ALA B 97 5.66 -45.46 6.29
C ALA B 97 5.25 -46.80 6.89
N GLN B 98 3.94 -47.04 7.03
CA GLN B 98 3.44 -48.29 7.59
C GLN B 98 3.38 -49.42 6.57
N LYS B 99 4.03 -49.27 5.41
CA LYS B 99 4.07 -50.30 4.38
C LYS B 99 5.30 -51.17 4.62
N LYS B 100 5.08 -52.40 5.06
CA LYS B 100 6.18 -53.33 5.34
C LYS B 100 6.67 -53.89 4.01
N LEU B 101 7.60 -53.18 3.38
CA LEU B 101 8.20 -53.60 2.13
C LEU B 101 9.58 -54.18 2.40
N HIS B 102 9.93 -55.22 1.66
CA HIS B 102 11.20 -55.92 1.86
C HIS B 102 12.32 -55.11 1.20
N LEU B 103 12.83 -54.13 1.94
CA LEU B 103 13.97 -53.33 1.51
C LEU B 103 15.24 -54.14 1.67
N PRO B 104 16.32 -53.75 1.00
CA PRO B 104 17.64 -54.35 1.25
C PRO B 104 18.05 -54.15 2.70
N PRO B 105 18.96 -54.97 3.22
CA PRO B 105 19.26 -54.92 4.65
C PRO B 105 19.78 -53.57 5.14
N GLY B 106 20.41 -52.77 4.27
CA GLY B 106 20.91 -51.48 4.69
C GLY B 106 20.29 -50.30 3.95
N LYS B 107 18.99 -50.37 3.67
CA LYS B 107 18.31 -49.33 2.92
C LYS B 107 17.00 -48.96 3.61
N HIS B 108 16.54 -47.74 3.33
CA HIS B 108 15.29 -47.23 3.88
C HIS B 108 14.42 -46.69 2.74
N LYS B 109 13.19 -46.33 3.10
CA LYS B 109 12.25 -45.74 2.15
C LYS B 109 12.42 -44.23 2.16
N ILE B 110 13.01 -43.69 1.09
CA ILE B 110 13.26 -42.26 1.01
C ILE B 110 11.97 -41.54 0.63
N VAL B 111 11.62 -40.52 1.41
CA VAL B 111 10.46 -39.67 1.14
C VAL B 111 10.98 -38.27 0.83
N ILE B 112 10.55 -37.73 -0.31
CA ILE B 112 11.00 -36.43 -0.79
C ILE B 112 9.83 -35.46 -0.75
N LEU B 113 10.02 -34.35 -0.05
CA LEU B 113 9.01 -33.29 0.05
C LEU B 113 9.57 -32.05 -0.63
N ASP B 114 9.37 -31.96 -1.94
CA ASP B 114 9.82 -30.80 -2.69
C ASP B 114 8.94 -29.60 -2.40
N GLU B 115 9.57 -28.43 -2.21
CA GLU B 115 8.88 -27.16 -1.98
C GLU B 115 7.97 -27.24 -0.75
N ALA B 116 8.61 -27.54 0.39
CA ALA B 116 7.91 -27.62 1.67
C ALA B 116 8.11 -26.38 2.52
N ASP B 117 8.68 -25.30 1.94
CA ASP B 117 8.85 -24.07 2.70
C ASP B 117 7.52 -23.44 3.06
N SER B 118 6.56 -23.48 2.14
CA SER B 118 5.23 -22.90 2.36
C SER B 118 4.33 -23.81 3.20
N MET B 119 4.87 -24.86 3.79
CA MET B 119 4.05 -25.78 4.57
C MET B 119 3.65 -25.15 5.90
N THR B 120 2.51 -25.61 6.43
CA THR B 120 1.99 -25.07 7.67
C THR B 120 2.77 -25.61 8.86
N ALA B 121 2.63 -24.91 9.99
CA ALA B 121 3.32 -25.32 11.22
C ALA B 121 2.80 -26.66 11.72
N GLY B 122 1.49 -26.90 11.62
CA GLY B 122 0.94 -28.17 12.07
C GLY B 122 1.46 -29.35 11.27
N ALA B 123 1.57 -29.17 9.95
CA ALA B 123 2.12 -30.24 9.12
C ALA B 123 3.57 -30.52 9.47
N GLN B 124 4.35 -29.48 9.74
CA GLN B 124 5.76 -29.68 10.10
C GLN B 124 5.90 -30.36 11.46
N GLN B 125 5.07 -29.97 12.44
CA GLN B 125 5.14 -30.61 13.75
C GLN B 125 4.60 -32.03 13.73
N ALA B 126 3.71 -32.36 12.79
CA ALA B 126 3.32 -33.75 12.60
C ALA B 126 4.40 -34.54 11.86
N LEU B 127 5.13 -33.89 10.95
CA LEU B 127 6.25 -34.53 10.29
C LEU B 127 7.36 -34.85 11.28
N ARG B 128 7.54 -34.00 12.29
CA ARG B 128 8.47 -34.31 13.36
C ARG B 128 8.08 -35.61 14.07
N ARG B 129 6.79 -35.78 14.36
CA ARG B 129 6.32 -37.01 14.99
C ARG B 129 6.51 -38.22 14.09
N THR B 130 6.21 -38.08 12.80
CA THR B 130 6.41 -39.19 11.87
C THR B 130 7.88 -39.57 11.78
N MET B 131 8.78 -38.58 11.79
CA MET B 131 10.20 -38.89 11.86
C MET B 131 10.57 -39.63 13.13
N GLU B 132 10.17 -39.12 14.30
CA GLU B 132 10.61 -39.72 15.55
C GLU B 132 9.95 -41.09 15.77
N LEU B 133 8.89 -41.39 15.03
CA LEU B 133 8.27 -42.70 15.13
C LEU B 133 8.88 -43.69 14.15
N TYR B 134 8.98 -43.31 12.87
CA TYR B 134 9.37 -44.21 11.79
C TYR B 134 10.76 -43.91 11.25
N SER B 135 11.68 -43.47 12.11
CA SER B 135 13.05 -43.22 11.66
C SER B 135 13.78 -44.51 11.29
N ASN B 136 13.42 -45.63 11.93
CA ASN B 136 14.09 -46.90 11.66
C ASN B 136 13.63 -47.53 10.35
N SER B 137 12.50 -47.08 9.80
CA SER B 137 11.96 -47.66 8.57
C SER B 137 12.09 -46.73 7.38
N THR B 138 11.76 -45.45 7.53
CA THR B 138 11.81 -44.49 6.43
C THR B 138 12.59 -43.26 6.85
N ARG B 139 13.24 -42.63 5.88
CA ARG B 139 14.02 -41.41 6.10
C ARG B 139 13.53 -40.35 5.13
N PHE B 140 13.28 -39.15 5.64
CA PHE B 140 12.64 -38.10 4.86
C PHE B 140 13.67 -37.28 4.11
N ALA B 141 13.18 -36.26 3.38
CA ALA B 141 14.04 -35.34 2.64
C ALA B 141 13.26 -34.08 2.29
N PHE B 142 13.80 -32.91 2.63
CA PHE B 142 13.16 -31.63 2.38
C PHE B 142 13.97 -30.82 1.39
N ALA B 143 13.29 -30.29 0.37
CA ALA B 143 13.88 -29.37 -0.59
C ALA B 143 13.00 -28.12 -0.64
N CYS B 144 13.52 -27.01 -0.13
CA CYS B 144 12.72 -25.80 0.04
C CYS B 144 13.51 -24.60 -0.45
N ASN B 145 12.77 -23.57 -0.87
CA ASN B 145 13.42 -22.34 -1.31
C ASN B 145 13.95 -21.51 -0.14
N GLN B 146 13.33 -21.63 1.03
CA GLN B 146 13.73 -20.86 2.21
C GLN B 146 13.49 -21.71 3.44
N SER B 147 14.56 -22.03 4.17
CA SER B 147 14.45 -22.82 5.38
C SER B 147 13.95 -22.03 6.58
N ASN B 148 13.84 -20.70 6.47
CA ASN B 148 13.41 -19.88 7.59
C ASN B 148 11.96 -20.18 7.97
N LYS B 149 11.10 -20.46 6.98
CA LYS B 149 9.71 -20.78 7.28
C LYS B 149 9.58 -22.11 8.00
N ILE B 150 10.53 -23.02 7.80
CA ILE B 150 10.51 -24.31 8.49
C ILE B 150 10.75 -24.09 9.98
N ILE B 151 9.96 -24.76 10.81
CA ILE B 151 10.14 -24.63 12.26
C ILE B 151 11.52 -25.13 12.66
N GLU B 152 12.06 -24.54 13.72
CA GLU B 152 13.42 -24.79 14.17
C GLU B 152 13.67 -26.26 14.57
N PRO B 153 12.76 -26.93 15.30
CA PRO B 153 13.04 -28.34 15.65
C PRO B 153 13.21 -29.26 14.45
N LEU B 154 12.59 -28.97 13.31
CA LEU B 154 12.80 -29.78 12.12
C LEU B 154 14.27 -29.70 11.67
N GLN B 155 14.80 -28.48 11.59
CA GLN B 155 16.22 -28.32 11.29
C GLN B 155 17.10 -28.87 12.39
N SER B 156 16.60 -28.92 13.62
CA SER B 156 17.33 -29.57 14.71
C SER B 156 17.48 -31.06 14.46
N ARG B 157 16.40 -31.72 14.05
CA ARG B 157 16.42 -33.16 13.79
C ARG B 157 16.68 -33.47 12.31
N CYS B 158 17.73 -32.88 11.76
CA CYS B 158 18.05 -33.06 10.34
C CYS B 158 19.54 -32.84 10.12
N ALA B 159 19.99 -33.25 8.93
CA ALA B 159 21.36 -33.03 8.47
C ALA B 159 21.30 -31.91 7.44
N ILE B 160 21.48 -30.67 7.91
CA ILE B 160 21.41 -29.48 7.05
C ILE B 160 22.54 -29.50 6.04
N LEU B 161 22.19 -29.46 4.75
CA LEU B 161 23.14 -29.45 3.66
C LEU B 161 22.83 -28.32 2.70
N ARG B 162 22.64 -27.12 3.25
CA ARG B 162 22.33 -25.94 2.45
C ARG B 162 23.42 -25.69 1.40
N TYR B 163 23.00 -25.43 0.17
CA TYR B 163 23.92 -25.17 -0.93
C TYR B 163 24.17 -23.66 -1.04
N SER B 164 24.82 -23.25 -2.13
CA SER B 164 25.09 -21.85 -2.39
C SER B 164 25.03 -21.62 -3.89
N LYS B 165 25.43 -20.42 -4.31
CA LYS B 165 25.49 -20.11 -5.73
C LYS B 165 26.54 -20.96 -6.43
N LEU B 166 26.18 -21.54 -7.56
CA LEU B 166 27.14 -22.29 -8.36
C LEU B 166 28.13 -21.32 -9.00
N SER B 167 29.42 -21.64 -8.87
CA SER B 167 30.45 -20.80 -9.47
C SER B 167 30.42 -20.93 -10.99
N ASP B 168 31.16 -20.03 -11.65
CA ASP B 168 31.20 -20.04 -13.11
C ASP B 168 31.81 -21.33 -13.64
N GLU B 169 32.69 -21.96 -12.87
CA GLU B 169 33.31 -23.22 -13.32
C GLU B 169 32.28 -24.33 -13.46
N ASP B 170 31.41 -24.49 -12.46
CA ASP B 170 30.42 -25.57 -12.51
C ASP B 170 29.41 -25.35 -13.63
N VAL B 171 28.91 -24.12 -13.77
CA VAL B 171 27.97 -23.79 -14.83
C VAL B 171 28.62 -23.98 -16.19
N LEU B 172 29.88 -23.55 -16.34
CA LEU B 172 30.59 -23.72 -17.60
C LEU B 172 30.77 -25.20 -17.93
N LYS B 173 31.14 -26.02 -16.94
CA LYS B 173 31.31 -27.44 -17.17
C LYS B 173 30.01 -28.10 -17.61
N ARG B 174 28.92 -27.81 -16.89
CA ARG B 174 27.63 -28.42 -17.24
C ARG B 174 27.16 -27.96 -18.62
N LEU B 175 27.32 -26.67 -18.92
CA LEU B 175 26.89 -26.16 -20.21
C LEU B 175 27.72 -26.73 -21.35
N LEU B 176 29.03 -26.93 -21.11
CA LEU B 176 29.85 -27.60 -22.12
C LEU B 176 29.42 -29.04 -22.32
N GLN B 177 29.02 -29.73 -21.24
CA GLN B 177 28.49 -31.08 -21.40
C GLN B 177 27.22 -31.09 -22.26
N ILE B 178 26.31 -30.15 -21.99
CA ILE B 178 25.07 -30.07 -22.76
C ILE B 178 25.39 -29.74 -24.22
N ILE B 179 26.35 -28.85 -24.44
CA ILE B 179 26.72 -28.45 -25.80
C ILE B 179 27.30 -29.63 -26.57
N LYS B 180 28.19 -30.39 -25.93
CA LYS B 180 28.79 -31.53 -26.60
C LYS B 180 27.79 -32.66 -26.83
N LEU B 181 26.78 -32.77 -25.96
CA LEU B 181 25.79 -33.83 -26.14
C LEU B 181 24.67 -33.41 -27.10
N GLU B 182 24.54 -32.12 -27.38
CA GLU B 182 23.49 -31.62 -28.27
C GLU B 182 24.03 -31.08 -29.58
N ASP B 183 25.36 -31.07 -29.77
CA ASP B 183 26.00 -30.62 -31.01
C ASP B 183 25.61 -29.16 -31.32
N VAL B 184 26.05 -28.28 -30.42
CA VAL B 184 25.78 -26.85 -30.51
C VAL B 184 27.10 -26.12 -30.68
N LYS B 185 27.17 -25.23 -31.68
CA LYS B 185 28.34 -24.37 -31.83
C LYS B 185 28.36 -23.32 -30.74
N TYR B 186 29.57 -23.02 -30.26
CA TYR B 186 29.72 -22.11 -29.13
C TYR B 186 30.92 -21.21 -29.34
N THR B 187 30.92 -20.10 -28.60
CA THR B 187 32.03 -19.17 -28.57
C THR B 187 32.21 -18.71 -27.13
N ASN B 188 33.45 -18.35 -26.77
CA ASN B 188 33.73 -17.93 -25.40
C ASN B 188 32.90 -16.71 -25.00
N ASP B 189 32.69 -15.79 -25.95
CA ASP B 189 31.81 -14.65 -25.68
C ASP B 189 30.38 -15.11 -25.39
N GLY B 190 29.88 -16.06 -26.19
CA GLY B 190 28.56 -16.61 -25.91
C GLY B 190 28.50 -17.33 -24.58
N LEU B 191 29.57 -18.06 -24.23
CA LEU B 191 29.61 -18.76 -22.95
C LEU B 191 29.52 -17.76 -21.79
N GLU B 192 30.35 -16.71 -21.81
CA GLU B 192 30.31 -15.77 -20.70
C GLU B 192 29.00 -14.98 -20.68
N ALA B 193 28.42 -14.71 -21.86
CA ALA B 193 27.12 -14.06 -21.89
C ALA B 193 26.07 -14.92 -21.21
N ILE B 194 26.09 -16.23 -21.47
CA ILE B 194 25.17 -17.14 -20.81
C ILE B 194 25.44 -17.16 -19.30
N ILE B 195 26.72 -17.09 -18.91
CA ILE B 195 27.05 -17.11 -17.48
C ILE B 195 26.48 -15.88 -16.77
N PHE B 196 26.68 -14.69 -17.34
CA PHE B 196 26.11 -13.49 -16.73
C PHE B 196 24.58 -13.51 -16.76
N THR B 197 23.97 -13.96 -17.86
CA THR B 197 22.52 -14.00 -17.91
C THR B 197 21.93 -15.12 -17.07
N ALA B 198 22.76 -16.02 -16.54
CA ALA B 198 22.25 -17.11 -15.71
C ALA B 198 21.92 -16.64 -14.29
N GLU B 199 22.60 -15.58 -13.83
CA GLU B 199 22.55 -15.16 -12.42
C GLU B 199 22.90 -16.31 -11.49
N GLY B 200 23.88 -17.12 -11.90
CA GLY B 200 24.27 -18.29 -11.12
C GLY B 200 23.17 -19.32 -10.98
N ASP B 201 22.44 -19.58 -12.06
CA ASP B 201 21.34 -20.53 -12.04
C ASP B 201 21.44 -21.47 -13.23
N MET B 202 21.22 -22.76 -12.99
CA MET B 202 21.35 -23.76 -14.05
C MET B 202 20.18 -23.66 -15.04
N ARG B 203 18.95 -23.57 -14.52
CA ARG B 203 17.78 -23.61 -15.38
C ARG B 203 17.72 -22.39 -16.29
N GLN B 204 18.02 -21.20 -15.75
CA GLN B 204 18.07 -20.01 -16.59
C GLN B 204 19.17 -20.10 -17.63
N ALA B 205 20.33 -20.65 -17.26
CA ALA B 205 21.43 -20.79 -18.21
C ALA B 205 21.05 -21.71 -19.37
N ILE B 206 20.46 -22.87 -19.05
CA ILE B 206 20.10 -23.79 -20.12
C ILE B 206 18.94 -23.23 -20.95
N ASN B 207 18.03 -22.48 -20.33
CA ASN B 207 16.95 -21.87 -21.10
C ASN B 207 17.50 -20.83 -22.08
N ASN B 208 18.42 -19.98 -21.62
CA ASN B 208 19.01 -18.98 -22.50
C ASN B 208 19.82 -19.64 -23.62
N LEU B 209 20.57 -20.69 -23.30
CA LEU B 209 21.34 -21.38 -24.32
C LEU B 209 20.44 -22.03 -25.37
N GLN B 210 19.36 -22.67 -24.92
CA GLN B 210 18.41 -23.29 -25.85
C GLN B 210 17.75 -22.24 -26.72
N SER B 211 17.35 -21.12 -26.13
CA SER B 211 16.74 -20.05 -26.92
C SER B 211 17.72 -19.50 -27.96
N THR B 212 18.97 -19.29 -27.57
CA THR B 212 19.96 -18.76 -28.50
C THR B 212 20.20 -19.72 -29.66
N VAL B 213 20.37 -21.01 -29.36
CA VAL B 213 20.70 -21.98 -30.41
C VAL B 213 19.50 -22.21 -31.33
N ALA B 214 18.29 -22.27 -30.78
CA ALA B 214 17.11 -22.45 -31.63
C ALA B 214 16.69 -21.16 -32.31
N GLY B 215 17.28 -20.03 -31.93
CA GLY B 215 17.07 -18.78 -32.63
C GLY B 215 18.25 -18.46 -33.52
N HIS B 216 19.18 -17.64 -33.03
CA HIS B 216 20.27 -17.15 -33.85
C HIS B 216 21.29 -18.23 -34.19
N GLY B 217 21.23 -19.40 -33.55
CA GLY B 217 22.13 -20.48 -33.88
C GLY B 217 23.49 -20.33 -33.24
N LEU B 218 24.30 -19.40 -33.74
CA LEU B 218 25.62 -19.17 -33.17
C LEU B 218 25.49 -18.56 -31.78
N VAL B 219 26.20 -19.14 -30.82
CA VAL B 219 26.13 -18.69 -29.43
C VAL B 219 27.24 -17.66 -29.25
N ASN B 220 26.90 -16.39 -29.50
CA ASN B 220 27.78 -15.27 -29.24
C ASN B 220 27.11 -14.33 -28.25
N ALA B 221 27.87 -13.37 -27.74
CA ALA B 221 27.34 -12.44 -26.75
C ALA B 221 26.22 -11.59 -27.34
N ASP B 222 26.38 -11.14 -28.58
CA ASP B 222 25.38 -10.26 -29.19
C ASP B 222 24.03 -10.96 -29.34
N ASN B 223 24.04 -12.21 -29.80
CA ASN B 223 22.78 -12.92 -29.99
C ASN B 223 22.09 -13.19 -28.66
N VAL B 224 22.86 -13.52 -27.62
CA VAL B 224 22.28 -13.69 -26.29
C VAL B 224 21.69 -12.38 -25.80
N PHE B 225 22.36 -11.26 -26.08
CA PHE B 225 21.81 -9.95 -25.71
C PHE B 225 20.50 -9.68 -26.44
N LYS B 226 20.42 -10.05 -27.72
CA LYS B 226 19.16 -9.88 -28.45
C LYS B 226 18.05 -10.75 -27.86
N ILE B 227 18.36 -11.99 -27.49
CA ILE B 227 17.30 -12.88 -27.02
C ILE B 227 16.95 -12.60 -25.55
N VAL B 228 17.89 -12.13 -24.74
CA VAL B 228 17.62 -11.83 -23.33
C VAL B 228 18.51 -10.67 -22.91
N ASP B 229 17.98 -9.81 -22.05
CA ASP B 229 18.68 -8.61 -21.62
C ASP B 229 19.47 -8.89 -20.33
N SER B 230 20.37 -7.97 -20.02
CA SER B 230 21.14 -8.07 -18.78
C SER B 230 20.21 -7.93 -17.58
N PRO B 231 20.53 -8.59 -16.47
CA PRO B 231 19.68 -8.47 -15.27
C PRO B 231 19.59 -7.03 -14.79
N HIS B 232 18.39 -6.67 -14.33
CA HIS B 232 18.16 -5.31 -13.88
C HIS B 232 18.94 -4.89 -12.63
N PRO B 233 19.26 -5.75 -11.65
CA PRO B 233 20.04 -5.27 -10.50
C PRO B 233 21.37 -4.64 -10.86
N LEU B 234 22.09 -5.18 -11.85
CA LEU B 234 23.39 -4.61 -12.22
C LEU B 234 23.22 -3.22 -12.81
N ILE B 235 22.26 -3.05 -13.72
CA ILE B 235 22.04 -1.76 -14.35
C ILE B 235 21.55 -0.74 -13.31
N VAL B 236 20.71 -1.16 -12.38
CA VAL B 236 20.23 -0.24 -11.35
C VAL B 236 21.37 0.14 -10.40
N LYS B 237 22.25 -0.81 -10.09
CA LYS B 237 23.41 -0.49 -9.26
C LYS B 237 24.32 0.51 -9.96
N LYS B 238 24.52 0.34 -11.28
CA LYS B 238 25.26 1.36 -12.03
C LYS B 238 24.53 2.70 -12.03
N MET B 239 23.20 2.66 -12.03
CA MET B 239 22.41 3.89 -11.98
C MET B 239 22.63 4.66 -10.69
N LEU B 240 22.53 3.97 -9.55
CA LEU B 240 22.57 4.62 -8.25
C LEU B 240 23.98 4.92 -7.77
N LEU B 241 25.00 4.57 -8.54
CA LEU B 241 26.38 4.82 -8.15
C LEU B 241 27.13 5.70 -9.15
N ALA B 242 26.43 6.30 -10.11
CA ALA B 242 27.07 7.16 -11.10
C ALA B 242 27.46 8.50 -10.47
N SER B 243 28.43 9.17 -11.10
CA SER B 243 28.96 10.40 -10.54
C SER B 243 28.00 11.56 -10.75
N ASN B 244 27.71 11.89 -12.00
CA ASN B 244 26.90 13.05 -12.33
C ASN B 244 25.43 12.69 -12.48
N LEU B 245 24.57 13.69 -12.34
CA LEU B 245 23.13 13.48 -12.42
C LEU B 245 22.64 13.24 -13.85
N GLU B 246 23.19 13.97 -14.83
CA GLU B 246 22.77 13.78 -16.20
C GLU B 246 23.14 12.40 -16.72
N ASP B 247 24.29 11.87 -16.32
CA ASP B 247 24.66 10.51 -16.70
C ASP B 247 23.68 9.49 -16.10
N SER B 248 23.30 9.69 -14.84
CA SER B 248 22.33 8.79 -14.22
C SER B 248 20.97 8.88 -14.90
N ILE B 249 20.56 10.10 -15.27
CA ILE B 249 19.26 10.29 -15.92
C ILE B 249 19.23 9.61 -17.29
N GLN B 250 20.31 9.80 -18.07
CA GLN B 250 20.34 9.19 -19.39
C GLN B 250 20.45 7.67 -19.30
N ILE B 251 21.20 7.16 -18.31
CA ILE B 251 21.25 5.71 -18.11
C ILE B 251 19.88 5.17 -17.76
N LEU B 252 19.20 5.84 -16.82
CA LEU B 252 17.81 5.49 -16.48
C LEU B 252 16.94 5.40 -17.72
N ARG B 253 16.82 6.50 -18.46
CA ARG B 253 15.88 6.51 -19.59
C ARG B 253 16.26 5.46 -20.63
N THR B 254 17.52 5.46 -21.06
CA THR B 254 17.94 4.60 -22.17
C THR B 254 17.90 3.13 -21.82
N ASP B 255 18.15 2.77 -20.55
CA ASP B 255 18.27 1.37 -20.19
C ASP B 255 17.03 0.78 -19.54
N LEU B 256 16.17 1.59 -18.92
CA LEU B 256 15.03 1.06 -18.20
C LEU B 256 13.72 1.77 -18.52
N TRP B 257 13.72 2.78 -19.39
CA TRP B 257 12.48 3.40 -19.85
C TRP B 257 12.24 3.21 -21.33
N LYS B 258 13.29 3.20 -22.15
CA LYS B 258 13.17 2.86 -23.55
C LYS B 258 13.20 1.36 -23.81
N LYS B 259 13.45 0.55 -22.77
CA LYS B 259 13.43 -0.91 -22.88
C LYS B 259 12.17 -1.52 -22.30
N GLY B 260 11.22 -0.70 -21.87
CA GLY B 260 9.93 -1.20 -21.44
C GLY B 260 9.84 -1.69 -20.01
N TYR B 261 10.84 -1.43 -19.19
CA TYR B 261 10.78 -1.86 -17.79
C TYR B 261 9.77 -1.01 -17.03
N SER B 262 8.91 -1.69 -16.26
CA SER B 262 7.89 -0.97 -15.48
C SER B 262 8.54 -0.20 -14.34
N SER B 263 7.97 0.98 -14.05
CA SER B 263 8.56 1.89 -13.07
C SER B 263 8.58 1.27 -11.68
N ILE B 264 7.50 0.57 -11.30
CA ILE B 264 7.46 -0.06 -9.98
C ILE B 264 8.55 -1.11 -9.84
N ASP B 265 8.82 -1.87 -10.92
CA ASP B 265 9.94 -2.80 -10.90
C ASP B 265 11.27 -2.07 -10.75
N ILE B 266 11.40 -0.91 -11.40
CA ILE B 266 12.62 -0.11 -11.28
C ILE B 266 12.85 0.29 -9.83
N VAL B 267 11.81 0.80 -9.17
CA VAL B 267 11.98 1.27 -7.80
C VAL B 267 12.21 0.11 -6.85
N THR B 268 11.54 -1.02 -7.07
CA THR B 268 11.78 -2.19 -6.23
C THR B 268 13.21 -2.70 -6.38
N THR B 269 13.72 -2.73 -7.61
CA THR B 269 15.11 -3.13 -7.83
C THR B 269 16.07 -2.14 -7.19
N SER B 270 15.75 -0.85 -7.23
CA SER B 270 16.57 0.15 -6.57
C SER B 270 16.61 -0.07 -5.07
N PHE B 271 15.45 -0.37 -4.48
CA PHE B 271 15.38 -0.64 -3.05
C PHE B 271 16.23 -1.86 -2.69
N ARG B 272 16.10 -2.93 -3.47
CA ARG B 272 16.86 -4.15 -3.18
C ARG B 272 18.37 -3.90 -3.33
N VAL B 273 18.77 -3.17 -4.38
CA VAL B 273 20.18 -2.90 -4.61
C VAL B 273 20.75 -2.06 -3.48
N THR B 274 20.03 -1.01 -3.07
CA THR B 274 20.52 -0.17 -1.98
C THR B 274 20.56 -0.94 -0.65
N LYS B 275 19.59 -1.83 -0.43
CA LYS B 275 19.62 -2.65 0.77
C LYS B 275 20.78 -3.64 0.76
N ASN B 276 21.20 -4.08 -0.43
CA ASN B 276 22.31 -5.01 -0.58
C ASN B 276 23.51 -4.34 -1.25
N LEU B 277 23.80 -3.10 -0.86
CA LEU B 277 24.88 -2.32 -1.45
C LEU B 277 26.07 -2.27 -0.51
N ALA B 278 27.26 -2.32 -1.09
CA ALA B 278 28.52 -2.22 -0.35
C ALA B 278 29.21 -0.91 -0.69
N GLN B 279 30.43 -0.75 -0.16
CA GLN B 279 31.37 0.35 -0.42
C GLN B 279 30.76 1.73 -0.21
N VAL B 280 29.62 1.81 0.46
CA VAL B 280 28.93 3.05 0.75
C VAL B 280 28.70 3.14 2.25
N LYS B 281 28.88 4.32 2.83
CA LYS B 281 28.68 4.52 4.25
C LYS B 281 27.24 4.16 4.64
N GLU B 282 27.09 3.65 5.86
CA GLU B 282 25.81 3.09 6.28
C GLU B 282 24.71 4.15 6.31
N SER B 283 25.01 5.31 6.89
CA SER B 283 24.00 6.37 6.97
C SER B 283 23.60 6.86 5.58
N VAL B 284 24.55 6.92 4.64
CA VAL B 284 24.24 7.29 3.27
C VAL B 284 23.28 6.27 2.66
N ARG B 285 23.54 4.98 2.88
CA ARG B 285 22.65 3.95 2.36
C ARG B 285 21.26 4.07 2.97
N LEU B 286 21.19 4.33 4.27
CA LEU B 286 19.90 4.47 4.94
C LEU B 286 19.09 5.64 4.38
N GLU B 287 19.74 6.79 4.17
CA GLU B 287 18.98 7.94 3.65
C GLU B 287 18.60 7.75 2.19
N MET B 288 19.48 7.11 1.40
CA MET B 288 19.11 6.74 0.04
C MET B 288 17.91 5.83 0.03
N ILE B 289 17.86 4.87 0.95
CA ILE B 289 16.72 3.96 1.02
C ILE B 289 15.46 4.71 1.44
N LYS B 290 15.58 5.66 2.36
CA LYS B 290 14.43 6.45 2.78
C LYS B 290 13.81 7.20 1.59
N GLU B 291 14.64 7.92 0.84
CA GLU B 291 14.11 8.69 -0.28
C GLU B 291 13.67 7.80 -1.44
N ILE B 292 14.35 6.67 -1.67
CA ILE B 292 13.90 5.72 -2.69
C ILE B 292 12.56 5.13 -2.30
N GLY B 293 12.32 4.89 -1.01
CA GLY B 293 11.03 4.40 -0.58
C GLY B 293 9.95 5.46 -0.64
N LEU B 294 10.32 6.73 -0.46
CA LEU B 294 9.35 7.80 -0.71
C LEU B 294 8.92 7.81 -2.17
N THR B 295 9.89 7.69 -3.08
CA THR B 295 9.55 7.55 -4.50
C THR B 295 8.74 6.28 -4.75
N HIS B 296 9.02 5.21 -4.01
CA HIS B 296 8.26 3.97 -4.13
C HIS B 296 6.80 4.21 -3.78
N MET B 297 6.54 4.89 -2.66
CA MET B 297 5.18 5.26 -2.31
C MET B 297 4.54 6.08 -3.42
N ARG B 298 5.27 7.08 -3.93
CA ARG B 298 4.75 7.95 -5.00
C ARG B 298 4.34 7.14 -6.22
N ILE B 299 5.13 6.12 -6.57
CA ILE B 299 4.71 5.19 -7.62
C ILE B 299 3.48 4.41 -7.19
N LEU B 300 3.37 4.10 -5.90
CA LEU B 300 2.29 3.24 -5.44
C LEU B 300 0.91 3.89 -5.48
N GLU B 301 0.77 5.20 -5.28
CA GLU B 301 -0.62 5.69 -5.40
C GLU B 301 -1.11 5.65 -6.84
N GLY B 302 -0.20 5.60 -7.82
CA GLY B 302 -0.59 5.56 -9.21
C GLY B 302 0.28 6.43 -10.08
N VAL B 303 1.14 7.23 -9.46
CA VAL B 303 1.98 8.17 -10.20
C VAL B 303 3.24 7.45 -10.66
N GLY B 304 3.16 6.83 -11.84
CA GLY B 304 4.30 6.13 -12.40
C GLY B 304 5.03 6.97 -13.43
N THR B 305 5.01 8.29 -13.22
CA THR B 305 5.64 9.22 -14.14
C THR B 305 7.16 9.05 -14.13
N TYR B 306 7.76 9.16 -15.32
CA TYR B 306 9.21 9.10 -15.45
C TYR B 306 9.88 10.21 -14.63
N LEU B 307 9.21 11.35 -14.47
CA LEU B 307 9.77 12.42 -13.67
C LEU B 307 9.88 12.05 -12.20
N GLN B 308 9.04 11.13 -11.71
CA GLN B 308 9.21 10.65 -10.34
C GLN B 308 10.55 9.94 -10.17
N LEU B 309 10.91 9.08 -11.13
CA LEU B 309 12.22 8.44 -11.11
C LEU B 309 13.33 9.46 -11.26
N ALA B 310 13.13 10.46 -12.14
CA ALA B 310 14.14 11.50 -12.31
C ALA B 310 14.36 12.27 -11.01
N SER B 311 13.28 12.59 -10.30
CA SER B 311 13.41 13.28 -9.02
C SER B 311 14.06 12.39 -7.97
N MET B 312 13.78 11.08 -8.02
CA MET B 312 14.44 10.15 -7.11
C MET B 312 15.95 10.18 -7.32
N LEU B 313 16.39 10.11 -8.58
CA LEU B 313 17.82 10.18 -8.86
C LEU B 313 18.40 11.55 -8.50
N ALA B 314 17.64 12.62 -8.72
CA ALA B 314 18.11 13.95 -8.35
C ALA B 314 18.33 14.07 -6.85
N LYS B 315 17.40 13.55 -6.05
CA LYS B 315 17.57 13.55 -4.60
C LYS B 315 18.69 12.62 -4.16
N ILE B 316 18.88 11.51 -4.88
CA ILE B 316 20.01 10.61 -4.60
C ILE B 316 21.32 11.36 -4.75
N HIS B 317 21.47 12.10 -5.85
CA HIS B 317 22.70 12.85 -6.06
C HIS B 317 22.81 14.04 -5.11
N LYS B 318 21.69 14.63 -4.72
CA LYS B 318 21.72 15.72 -3.75
C LYS B 318 22.24 15.23 -2.41
N LEU B 319 21.77 14.06 -1.95
CA LEU B 319 22.26 13.50 -0.70
C LEU B 319 23.69 12.98 -0.82
N ASN B 320 24.07 12.49 -2.01
CA ASN B 320 25.43 12.02 -2.19
C ASN B 320 26.44 13.16 -2.20
N ASN B 321 26.04 14.32 -2.71
CA ASN B 321 26.93 15.47 -2.79
C ASN B 321 27.21 16.10 -1.43
N LYS B 322 26.48 15.70 -0.39
CA LYS B 322 26.65 16.23 0.97
C LYS B 322 26.48 17.76 0.99
N ALA B 323 25.38 18.21 0.38
CA ALA B 323 25.03 19.64 0.31
C ALA B 323 26.16 20.46 -0.33
N LYS C 7 -20.67 -10.52 -32.92
CA LYS C 7 -22.08 -10.16 -32.98
C LYS C 7 -22.34 -9.11 -34.04
N ARG C 8 -23.13 -9.46 -35.06
CA ARG C 8 -23.49 -8.58 -36.17
C ARG C 8 -22.24 -8.07 -36.89
N SER C 9 -21.53 -9.04 -37.49
CA SER C 9 -20.36 -8.83 -38.34
C SER C 9 -19.15 -8.36 -37.55
N LYS C 10 -17.96 -8.58 -38.12
CA LYS C 10 -16.71 -8.21 -37.45
C LYS C 10 -16.45 -6.72 -37.47
N GLU C 11 -17.00 -5.99 -38.45
CA GLU C 11 -16.80 -4.55 -38.53
C GLU C 11 -17.41 -3.80 -37.36
N ASN C 12 -18.31 -4.45 -36.60
CA ASN C 12 -18.94 -3.83 -35.44
C ASN C 12 -18.02 -3.95 -34.22
N LEU C 13 -16.79 -3.47 -34.34
CA LEU C 13 -15.80 -3.62 -33.28
C LEU C 13 -14.89 -2.40 -33.28
N PRO C 14 -14.31 -2.05 -32.13
CA PRO C 14 -13.32 -0.97 -32.12
C PRO C 14 -12.05 -1.36 -32.86
N TRP C 15 -11.30 -0.35 -33.30
CA TRP C 15 -10.08 -0.59 -34.05
C TRP C 15 -9.08 -1.41 -33.25
N VAL C 16 -9.10 -1.30 -31.93
CA VAL C 16 -8.24 -2.13 -31.08
C VAL C 16 -8.66 -3.60 -31.17
N GLU C 17 -9.96 -3.86 -31.31
CA GLU C 17 -10.48 -5.22 -31.27
C GLU C 17 -10.96 -5.75 -32.61
N LYS C 18 -11.37 -4.88 -33.54
CA LYS C 18 -11.66 -5.33 -34.90
C LYS C 18 -10.41 -5.89 -35.55
N TYR C 19 -9.32 -5.14 -35.50
CA TYR C 19 -8.00 -5.64 -35.85
C TYR C 19 -7.36 -6.29 -34.63
N ARG C 20 -7.04 -7.58 -34.75
CA ARG C 20 -6.24 -8.31 -33.79
C ARG C 20 -5.53 -9.45 -34.53
N PRO C 21 -4.21 -9.54 -34.44
CA PRO C 21 -3.49 -10.54 -35.23
C PRO C 21 -3.89 -11.96 -34.86
N GLU C 22 -4.02 -12.80 -35.88
CA GLU C 22 -4.22 -14.23 -35.70
C GLU C 22 -3.10 -15.06 -36.31
N THR C 23 -2.16 -14.44 -37.02
CA THR C 23 -0.99 -15.11 -37.54
C THR C 23 0.25 -14.37 -37.05
N LEU C 24 1.35 -15.11 -36.92
CA LEU C 24 2.57 -14.54 -36.38
C LEU C 24 3.18 -13.49 -37.30
N ASP C 25 2.86 -13.52 -38.60
CA ASP C 25 3.41 -12.55 -39.53
C ASP C 25 2.76 -11.18 -39.39
N GLU C 26 1.62 -11.09 -38.71
CA GLU C 26 0.92 -9.82 -38.51
C GLU C 26 1.38 -9.07 -37.27
N VAL C 27 2.50 -9.48 -36.68
CA VAL C 27 3.04 -8.85 -35.47
C VAL C 27 4.39 -8.23 -35.84
N TYR C 28 4.46 -6.90 -35.75
CA TYR C 28 5.69 -6.18 -36.03
C TYR C 28 6.33 -5.71 -34.71
N GLY C 29 7.47 -5.04 -34.82
CA GLY C 29 8.14 -4.50 -33.65
C GLY C 29 9.05 -5.50 -32.96
N GLN C 30 8.47 -6.54 -32.36
CA GLN C 30 9.23 -7.57 -31.66
C GLN C 30 9.68 -8.63 -32.66
N ASN C 31 10.50 -8.19 -33.62
CA ASN C 31 10.96 -9.07 -34.68
C ASN C 31 11.83 -10.21 -34.14
N GLU C 32 12.72 -9.90 -33.21
CA GLU C 32 13.59 -10.93 -32.64
C GLU C 32 12.77 -12.00 -31.91
N VAL C 33 11.82 -11.57 -31.08
CA VAL C 33 11.01 -12.52 -30.33
C VAL C 33 10.16 -13.36 -31.27
N ILE C 34 9.58 -12.73 -32.29
CA ILE C 34 8.67 -13.46 -33.16
C ILE C 34 9.43 -14.48 -34.02
N THR C 35 10.62 -14.11 -34.51
CA THR C 35 11.39 -15.08 -35.28
C THR C 35 11.94 -16.19 -34.39
N THR C 36 12.32 -15.86 -33.15
CA THR C 36 12.80 -16.89 -32.24
C THR C 36 11.71 -17.89 -31.91
N VAL C 37 10.49 -17.42 -31.65
CA VAL C 37 9.41 -18.35 -31.33
C VAL C 37 8.97 -19.11 -32.58
N ARG C 38 9.07 -18.49 -33.76
CA ARG C 38 8.77 -19.19 -35.00
C ARG C 38 9.72 -20.37 -35.19
N LYS C 39 11.02 -20.15 -34.97
CA LYS C 39 11.96 -21.26 -35.08
C LYS C 39 11.87 -22.22 -33.90
N PHE C 40 11.31 -21.77 -32.77
CA PHE C 40 10.95 -22.70 -31.71
C PHE C 40 9.90 -23.69 -32.18
N VAL C 41 8.84 -23.19 -32.82
CA VAL C 41 7.65 -24.01 -33.02
C VAL C 41 7.68 -24.77 -34.34
N ASP C 42 8.33 -24.22 -35.38
CA ASP C 42 8.40 -24.94 -36.64
C ASP C 42 9.39 -26.10 -36.56
N GLU C 43 10.54 -25.87 -35.92
CA GLU C 43 11.52 -26.94 -35.77
C GLU C 43 11.08 -27.97 -34.73
N GLY C 44 10.47 -27.52 -33.64
CA GLY C 44 9.96 -28.43 -32.64
C GLY C 44 10.73 -28.43 -31.33
N LYS C 45 11.25 -27.27 -30.94
CA LYS C 45 12.05 -27.15 -29.72
C LYS C 45 11.57 -25.93 -28.91
N LEU C 46 10.26 -25.84 -28.71
CA LEU C 46 9.68 -24.72 -27.97
C LEU C 46 9.74 -25.00 -26.47
N PRO C 47 10.46 -24.19 -25.71
CA PRO C 47 10.49 -24.39 -24.24
C PRO C 47 9.37 -23.64 -23.54
N HIS C 48 9.35 -23.70 -22.21
CA HIS C 48 8.39 -22.91 -21.44
C HIS C 48 8.71 -21.43 -21.58
N LEU C 49 7.66 -20.62 -21.75
CA LEU C 49 7.81 -19.24 -22.18
C LEU C 49 7.50 -18.28 -21.04
N LEU C 50 8.18 -17.13 -21.07
CA LEU C 50 7.91 -16.02 -20.17
C LEU C 50 7.93 -14.75 -21.00
N PHE C 51 6.76 -14.18 -21.27
CA PHE C 51 6.63 -13.00 -22.10
C PHE C 51 6.48 -11.79 -21.19
N TYR C 52 7.48 -10.90 -21.23
CA TYR C 52 7.51 -9.71 -20.39
C TYR C 52 7.59 -8.47 -21.27
N GLY C 53 6.79 -7.46 -20.94
CA GLY C 53 6.79 -6.22 -21.69
C GLY C 53 5.80 -5.21 -21.14
N PRO C 54 5.75 -4.03 -21.77
CA PRO C 54 4.79 -3.01 -21.35
C PRO C 54 3.38 -3.42 -21.71
N PRO C 55 2.38 -2.80 -21.09
CA PRO C 55 0.98 -3.12 -21.45
C PRO C 55 0.69 -2.76 -22.90
N GLY C 56 -0.14 -3.58 -23.53
CA GLY C 56 -0.54 -3.32 -24.91
C GLY C 56 0.58 -3.41 -25.92
N THR C 57 1.46 -4.40 -25.80
CA THR C 57 2.56 -4.59 -26.72
C THR C 57 2.49 -5.94 -27.45
N GLY C 58 1.32 -6.57 -27.47
CA GLY C 58 1.13 -7.79 -28.22
C GLY C 58 1.70 -9.04 -27.57
N LYS C 59 1.22 -9.36 -26.36
CA LYS C 59 1.58 -10.61 -25.72
C LYS C 59 0.53 -11.68 -25.97
N THR C 60 -0.71 -11.42 -25.56
CA THR C 60 -1.78 -12.39 -25.74
C THR C 60 -2.11 -12.60 -27.21
N SER C 61 -2.04 -11.55 -28.03
CA SER C 61 -2.23 -11.71 -29.46
C SER C 61 -1.17 -12.63 -30.04
N THR C 62 0.08 -12.44 -29.61
CA THR C 62 1.16 -13.29 -30.08
C THR C 62 0.96 -14.74 -29.67
N ILE C 63 0.55 -14.98 -28.42
CA ILE C 63 0.41 -16.35 -27.96
C ILE C 63 -0.79 -17.04 -28.62
N VAL C 64 -1.87 -16.29 -28.87
CA VAL C 64 -3.02 -16.88 -29.56
C VAL C 64 -2.68 -17.19 -31.01
N ALA C 65 -1.95 -16.29 -31.68
CA ALA C 65 -1.51 -16.58 -33.04
C ALA C 65 -0.56 -17.77 -33.08
N LEU C 66 0.29 -17.90 -32.06
CA LEU C 66 1.17 -19.06 -31.97
C LEU C 66 0.37 -20.34 -31.80
N ALA C 67 -0.65 -20.33 -30.95
CA ALA C 67 -1.48 -21.51 -30.77
C ALA C 67 -2.19 -21.88 -32.06
N ARG C 68 -2.71 -20.87 -32.78
CA ARG C 68 -3.37 -21.13 -34.06
C ARG C 68 -2.40 -21.69 -35.09
N GLU C 69 -1.15 -21.20 -35.09
CA GLU C 69 -0.16 -21.67 -36.06
C GLU C 69 0.23 -23.13 -35.78
N ILE C 70 0.54 -23.43 -34.52
CA ILE C 70 1.00 -24.79 -34.20
C ILE C 70 -0.15 -25.78 -34.34
N TYR C 71 -1.34 -25.39 -33.87
CA TYR C 71 -2.45 -26.31 -33.63
C TYR C 71 -3.54 -26.09 -34.68
N GLY C 72 -4.60 -26.89 -34.53
CA GLY C 72 -5.76 -26.75 -35.40
C GLY C 72 -6.68 -25.64 -34.94
N LYS C 73 -7.78 -25.48 -35.69
CA LYS C 73 -8.76 -24.46 -35.36
C LYS C 73 -9.47 -24.76 -34.04
N ASN C 74 -9.81 -26.03 -33.82
CA ASN C 74 -10.52 -26.44 -32.61
C ASN C 74 -9.52 -26.81 -31.53
N TYR C 75 -9.10 -25.79 -30.77
CA TYR C 75 -8.17 -25.99 -29.66
C TYR C 75 -8.80 -25.66 -28.31
N SER C 76 -10.11 -25.88 -28.17
CA SER C 76 -10.78 -25.58 -26.90
C SER C 76 -10.27 -26.48 -25.79
N ASN C 77 -10.17 -27.78 -26.03
CA ASN C 77 -9.58 -28.72 -25.08
C ASN C 77 -8.09 -28.92 -25.31
N MET C 78 -7.53 -28.30 -26.35
CA MET C 78 -6.11 -28.43 -26.64
C MET C 78 -5.30 -27.44 -25.82
N VAL C 79 -5.79 -26.20 -25.69
CA VAL C 79 -5.10 -25.12 -24.99
C VAL C 79 -6.06 -24.52 -23.97
N LEU C 80 -5.58 -24.32 -22.75
CA LEU C 80 -6.34 -23.69 -21.69
C LEU C 80 -5.76 -22.32 -21.41
N GLU C 81 -6.59 -21.28 -21.48
CA GLU C 81 -6.19 -19.92 -21.18
C GLU C 81 -6.69 -19.53 -19.80
N LEU C 82 -5.78 -19.08 -18.95
CA LEU C 82 -6.08 -18.68 -17.59
C LEU C 82 -5.67 -17.23 -17.37
N ASN C 83 -6.54 -16.46 -16.75
CA ASN C 83 -6.33 -15.02 -16.58
C ASN C 83 -6.86 -14.59 -15.22
N ALA C 84 -6.59 -13.34 -14.86
CA ALA C 84 -7.10 -12.80 -13.61
C ALA C 84 -8.59 -12.51 -13.65
N SER C 85 -9.22 -12.59 -14.83
CA SER C 85 -10.66 -12.43 -14.92
C SER C 85 -11.39 -13.54 -14.16
N ASP C 86 -10.88 -14.76 -14.23
CA ASP C 86 -11.35 -15.86 -13.40
C ASP C 86 -10.37 -16.10 -12.27
N ASP C 87 -10.78 -16.97 -11.34
CA ASP C 87 -9.95 -17.25 -10.17
C ASP C 87 -8.67 -17.95 -10.57
N ARG C 88 -7.57 -17.60 -9.90
CA ARG C 88 -6.27 -18.24 -10.13
C ARG C 88 -5.57 -18.50 -8.81
N GLY C 89 -6.32 -18.99 -7.83
CA GLY C 89 -5.72 -19.40 -6.57
C GLY C 89 -5.02 -20.74 -6.71
N ILE C 90 -4.47 -21.21 -5.60
CA ILE C 90 -3.78 -22.49 -5.62
C ILE C 90 -4.77 -23.64 -5.84
N ASP C 91 -6.05 -23.44 -5.51
CA ASP C 91 -7.05 -24.45 -5.82
C ASP C 91 -7.19 -24.62 -7.33
N VAL C 92 -7.15 -23.51 -8.07
CA VAL C 92 -7.20 -23.59 -9.53
C VAL C 92 -5.99 -24.35 -10.06
N VAL C 93 -4.81 -24.04 -9.56
CA VAL C 93 -3.60 -24.72 -10.01
C VAL C 93 -3.63 -26.20 -9.65
N ARG C 94 -4.20 -26.55 -8.50
CA ARG C 94 -4.24 -27.93 -8.05
C ARG C 94 -5.40 -28.74 -8.62
N ASN C 95 -6.38 -28.09 -9.24
CA ASN C 95 -7.47 -28.82 -9.87
C ASN C 95 -7.46 -28.70 -11.39
N GLN C 96 -7.60 -27.48 -11.93
CA GLN C 96 -7.77 -27.32 -13.37
C GLN C 96 -6.44 -27.54 -14.10
N ILE C 97 -5.39 -26.83 -13.68
CA ILE C 97 -4.07 -27.03 -14.28
C ILE C 97 -3.60 -28.46 -14.06
N LYS C 98 -3.88 -29.01 -12.87
CA LYS C 98 -3.47 -30.38 -12.57
C LYS C 98 -4.12 -31.38 -13.51
N ASP C 99 -5.44 -31.30 -13.68
CA ASP C 99 -6.13 -32.24 -14.56
C ASP C 99 -5.77 -32.00 -16.02
N PHE C 100 -5.53 -30.75 -16.42
CA PHE C 100 -5.20 -30.48 -17.81
C PHE C 100 -3.82 -31.01 -18.17
N ALA C 101 -2.82 -30.73 -17.34
CA ALA C 101 -1.46 -31.18 -17.63
C ALA C 101 -1.27 -32.67 -17.38
N SER C 102 -1.95 -33.23 -16.39
CA SER C 102 -1.76 -34.64 -16.04
C SER C 102 -2.28 -35.56 -17.14
N THR C 103 -3.46 -35.27 -17.68
CA THR C 103 -4.06 -36.14 -18.67
C THR C 103 -3.46 -35.88 -20.04
N ARG C 104 -3.20 -36.95 -20.77
CA ARG C 104 -2.76 -36.82 -22.16
C ARG C 104 -3.89 -36.23 -23.00
N GLN C 105 -3.51 -35.56 -24.08
CA GLN C 105 -4.47 -34.84 -24.91
C GLN C 105 -5.53 -35.78 -25.48
N ILE C 106 -6.77 -35.30 -25.50
CA ILE C 106 -7.89 -36.08 -26.00
C ILE C 106 -8.17 -35.77 -27.48
N PHE C 107 -8.03 -34.51 -27.88
CA PHE C 107 -8.25 -34.14 -29.28
C PHE C 107 -7.20 -34.77 -30.18
N SER C 108 -5.94 -34.68 -29.79
CA SER C 108 -4.82 -35.21 -30.57
C SER C 108 -3.90 -35.99 -29.64
N LYS C 109 -2.74 -36.40 -30.18
CA LYS C 109 -1.74 -37.13 -29.42
C LYS C 109 -0.49 -36.29 -29.12
N GLY C 110 -0.57 -34.97 -29.32
CA GLY C 110 0.56 -34.09 -29.11
C GLY C 110 0.62 -33.55 -27.70
N PHE C 111 1.47 -32.53 -27.52
CA PHE C 111 1.68 -31.91 -26.22
C PHE C 111 0.59 -30.86 -25.98
N LYS C 112 0.71 -30.12 -24.88
CA LYS C 112 -0.29 -29.16 -24.46
C LYS C 112 0.37 -27.81 -24.17
N LEU C 113 -0.46 -26.78 -24.15
CA LEU C 113 -0.01 -25.42 -23.84
C LEU C 113 -1.01 -24.77 -22.91
N ILE C 114 -0.52 -24.17 -21.82
CA ILE C 114 -1.34 -23.46 -20.85
C ILE C 114 -0.90 -22.00 -20.82
N ILE C 115 -1.85 -21.09 -20.96
CA ILE C 115 -1.57 -19.66 -21.03
C ILE C 115 -1.80 -19.05 -19.66
N LEU C 116 -0.73 -18.48 -19.09
CA LEU C 116 -0.79 -17.78 -17.81
C LEU C 116 -0.83 -16.29 -18.10
N ASP C 117 -2.02 -15.81 -18.43
CA ASP C 117 -2.19 -14.41 -18.82
C ASP C 117 -2.24 -13.53 -17.57
N GLU C 118 -1.59 -12.37 -17.66
CA GLU C 118 -1.29 -11.49 -16.52
C GLU C 118 -0.97 -12.29 -15.25
N ALA C 119 0.02 -13.17 -15.39
CA ALA C 119 0.43 -14.07 -14.32
C ALA C 119 1.06 -13.34 -13.15
N ASP C 120 1.39 -12.06 -13.29
CA ASP C 120 1.93 -11.25 -12.20
C ASP C 120 0.89 -10.91 -11.14
N ALA C 121 -0.34 -11.42 -11.21
CA ALA C 121 -1.37 -11.09 -10.24
C ALA C 121 -1.77 -12.27 -9.36
N MET C 122 -1.03 -13.37 -9.41
CA MET C 122 -1.33 -14.52 -8.56
C MET C 122 -0.48 -14.50 -7.30
N THR C 123 -0.92 -15.27 -6.31
CA THR C 123 -0.28 -15.28 -5.01
C THR C 123 1.05 -16.03 -5.05
N ASN C 124 1.84 -15.85 -3.99
CA ASN C 124 3.13 -16.54 -3.89
C ASN C 124 2.97 -18.04 -3.76
N ALA C 125 1.97 -18.50 -3.00
CA ALA C 125 1.73 -19.94 -2.88
C ALA C 125 1.28 -20.53 -4.21
N ALA C 126 0.51 -19.77 -4.99
CA ALA C 126 0.12 -20.23 -6.32
C ALA C 126 1.33 -20.45 -7.20
N GLN C 127 2.30 -19.53 -7.16
CA GLN C 127 3.52 -19.68 -7.93
C GLN C 127 4.38 -20.82 -7.40
N ASN C 128 4.42 -21.02 -6.08
CA ASN C 128 5.17 -22.12 -5.49
C ASN C 128 4.62 -23.47 -5.92
N ALA C 129 3.30 -23.61 -6.00
CA ALA C 129 2.73 -24.85 -6.51
C ALA C 129 2.89 -24.96 -8.03
N LEU C 130 2.80 -23.82 -8.73
CA LEU C 130 2.84 -23.82 -10.18
C LEU C 130 4.21 -24.17 -10.72
N ARG C 131 5.28 -23.81 -10.00
CA ARG C 131 6.61 -24.14 -10.47
C ARG C 131 6.83 -25.66 -10.50
N ARG C 132 6.36 -26.36 -9.47
CA ARG C 132 6.46 -27.81 -9.46
C ARG C 132 5.48 -28.45 -10.44
N VAL C 133 4.31 -27.83 -10.63
CA VAL C 133 3.40 -28.27 -11.69
C VAL C 133 4.09 -28.24 -13.04
N ILE C 134 4.83 -27.16 -13.31
CA ILE C 134 5.59 -27.05 -14.55
C ILE C 134 6.67 -28.13 -14.62
N GLU C 135 7.43 -28.30 -13.55
CA GLU C 135 8.58 -29.21 -13.59
C GLU C 135 8.20 -30.68 -13.70
N ARG C 136 7.15 -31.13 -13.01
CA ARG C 136 6.79 -32.55 -13.11
C ARG C 136 6.26 -32.91 -14.49
N TYR C 137 5.41 -32.06 -15.06
CA TYR C 137 4.70 -32.37 -16.30
C TYR C 137 5.12 -31.47 -17.45
N THR C 138 6.42 -31.22 -17.59
CA THR C 138 6.94 -30.46 -18.72
C THR C 138 7.13 -31.31 -19.97
N LYS C 139 6.96 -32.63 -19.88
CA LYS C 139 7.13 -33.49 -21.05
C LYS C 139 6.02 -33.27 -22.08
N ASN C 140 4.77 -33.16 -21.61
CA ASN C 140 3.62 -33.05 -22.51
C ASN C 140 2.86 -31.74 -22.32
N THR C 141 3.42 -30.78 -21.59
CA THR C 141 2.74 -29.52 -21.34
C THR C 141 3.77 -28.39 -21.30
N ARG C 142 3.46 -27.29 -21.97
CA ARG C 142 4.30 -26.10 -21.95
C ARG C 142 3.54 -24.94 -21.30
N PHE C 143 4.29 -24.07 -20.66
CA PHE C 143 3.73 -22.94 -19.92
C PHE C 143 4.29 -21.64 -20.47
N CYS C 144 3.40 -20.74 -20.86
CA CYS C 144 3.77 -19.40 -21.30
C CYS C 144 3.25 -18.38 -20.28
N VAL C 145 4.16 -17.53 -19.80
CA VAL C 145 3.86 -16.59 -18.72
C VAL C 145 3.76 -15.19 -19.32
N LEU C 146 2.60 -14.56 -19.16
CA LEU C 146 2.40 -13.18 -19.55
C LEU C 146 2.41 -12.32 -18.29
N ALA C 147 3.33 -11.35 -18.23
CA ALA C 147 3.46 -10.50 -17.05
C ALA C 147 3.96 -9.13 -17.47
N ASN C 148 3.37 -8.10 -16.85
CA ASN C 148 3.84 -6.72 -17.05
C ASN C 148 4.79 -6.28 -15.95
N TYR C 149 4.69 -6.87 -14.77
CA TYR C 149 5.56 -6.56 -13.63
C TYR C 149 6.28 -7.84 -13.22
N ALA C 150 7.61 -7.81 -13.30
CA ALA C 150 8.41 -8.97 -12.93
C ALA C 150 8.69 -9.05 -11.43
N HIS C 151 8.40 -7.99 -10.67
CA HIS C 151 8.66 -7.98 -9.25
C HIS C 151 7.62 -8.74 -8.44
N LYS C 152 6.46 -9.02 -9.01
CA LYS C 152 5.43 -9.81 -8.34
C LYS C 152 5.55 -11.30 -8.61
N LEU C 153 6.57 -11.71 -9.36
CA LEU C 153 6.81 -13.10 -9.68
C LEU C 153 7.99 -13.60 -8.86
N THR C 154 7.87 -14.79 -8.29
CA THR C 154 8.97 -15.37 -7.54
C THR C 154 10.14 -15.69 -8.47
N PRO C 155 11.38 -15.58 -7.99
CA PRO C 155 12.54 -15.83 -8.86
C PRO C 155 12.59 -17.24 -9.43
N ALA C 156 11.99 -18.23 -8.76
CA ALA C 156 11.92 -19.57 -9.32
C ALA C 156 11.12 -19.57 -10.62
N LEU C 157 9.98 -18.87 -10.64
CA LEU C 157 9.20 -18.77 -11.87
C LEU C 157 9.93 -17.98 -12.94
N LEU C 158 10.77 -17.01 -12.54
CA LEU C 158 11.64 -16.34 -13.50
C LEU C 158 12.63 -17.32 -14.12
N SER C 159 13.21 -18.20 -13.30
CA SER C 159 14.25 -19.10 -13.78
C SER C 159 13.70 -20.26 -14.61
N ARG C 160 12.47 -20.71 -14.31
CA ARG C 160 11.93 -21.86 -15.04
C ARG C 160 11.72 -21.54 -16.52
N CYS C 161 11.06 -20.42 -16.82
CA CYS C 161 10.72 -20.07 -18.18
C CYS C 161 11.70 -19.05 -18.73
N THR C 162 12.05 -19.23 -20.01
CA THR C 162 12.94 -18.27 -20.68
C THR C 162 12.24 -16.92 -20.82
N ARG C 163 12.96 -15.86 -20.49
CA ARG C 163 12.37 -14.53 -20.41
C ARG C 163 12.46 -13.85 -21.76
N PHE C 164 11.32 -13.39 -22.27
CA PHE C 164 11.25 -12.62 -23.51
C PHE C 164 10.87 -11.19 -23.15
N ARG C 165 11.81 -10.27 -23.36
CA ARG C 165 11.57 -8.85 -23.09
C ARG C 165 10.96 -8.21 -24.33
N PHE C 166 9.71 -7.80 -24.23
CA PHE C 166 9.02 -7.14 -25.33
C PHE C 166 9.43 -5.68 -25.33
N GLN C 167 10.26 -5.29 -26.29
CA GLN C 167 10.64 -3.89 -26.42
C GLN C 167 9.42 -3.07 -26.82
N PRO C 168 9.36 -1.80 -26.42
CA PRO C 168 8.25 -0.96 -26.89
C PRO C 168 8.34 -0.75 -28.40
N LEU C 169 7.18 -0.77 -29.04
CA LEU C 169 7.13 -0.81 -30.50
C LEU C 169 7.67 0.48 -31.08
N PRO C 170 8.69 0.44 -31.94
CA PRO C 170 9.30 1.67 -32.45
C PRO C 170 8.45 2.35 -33.50
N GLN C 171 9.02 3.39 -34.14
CA GLN C 171 8.29 4.17 -35.13
C GLN C 171 7.85 3.32 -36.31
N GLU C 172 8.69 2.36 -36.71
CA GLU C 172 8.40 1.55 -37.89
C GLU C 172 7.12 0.73 -37.71
N ALA C 173 6.98 0.08 -36.55
CA ALA C 173 5.82 -0.76 -36.31
C ALA C 173 4.54 0.07 -36.30
N ILE C 174 4.57 1.22 -35.63
CA ILE C 174 3.41 2.10 -35.59
C ILE C 174 3.05 2.58 -36.99
N GLU C 175 4.07 2.96 -37.79
CA GLU C 175 3.83 3.46 -39.12
C GLU C 175 3.19 2.40 -40.03
N ARG C 176 3.75 1.19 -40.01
CA ARG C 176 3.17 0.12 -40.82
C ARG C 176 1.75 -0.23 -40.36
N ARG C 177 1.52 -0.24 -39.05
CA ARG C 177 0.19 -0.57 -38.56
C ARG C 177 -0.84 0.49 -38.92
N ILE C 178 -0.48 1.77 -38.80
CA ILE C 178 -1.42 2.81 -39.15
C ILE C 178 -1.66 2.84 -40.65
N ALA C 179 -0.63 2.52 -41.45
CA ALA C 179 -0.84 2.41 -42.89
C ALA C 179 -1.81 1.28 -43.21
N ASN C 180 -1.67 0.14 -42.53
CA ASN C 180 -2.57 -0.99 -42.75
C ASN C 180 -4.00 -0.64 -42.37
N VAL C 181 -4.19 0.03 -41.23
CA VAL C 181 -5.56 0.34 -40.82
C VAL C 181 -6.17 1.44 -41.69
N LEU C 182 -5.34 2.36 -42.20
CA LEU C 182 -5.84 3.34 -43.17
C LEU C 182 -6.29 2.66 -44.45
N VAL C 183 -5.51 1.68 -44.93
CA VAL C 183 -5.91 0.94 -46.13
C VAL C 183 -7.21 0.18 -45.88
N HIS C 184 -7.32 -0.47 -44.71
CA HIS C 184 -8.51 -1.26 -44.41
C HIS C 184 -9.74 -0.39 -44.26
N GLU C 185 -9.62 0.76 -43.60
CA GLU C 185 -10.77 1.60 -43.30
C GLU C 185 -10.96 2.74 -44.29
N LYS C 186 -10.15 2.82 -45.34
CA LYS C 186 -10.24 3.85 -46.36
C LYS C 186 -10.16 5.25 -45.75
N LEU C 187 -9.02 5.53 -45.12
CA LEU C 187 -8.79 6.79 -44.43
C LEU C 187 -7.43 7.34 -44.82
N LYS C 188 -7.29 8.66 -44.70
CA LYS C 188 -6.06 9.35 -45.06
C LYS C 188 -5.54 10.13 -43.85
N LEU C 189 -4.22 10.23 -43.76
CA LEU C 189 -3.58 10.92 -42.65
C LEU C 189 -2.52 11.87 -43.18
N SER C 190 -2.41 13.03 -42.55
CA SER C 190 -1.35 13.98 -42.82
C SER C 190 -0.08 13.59 -42.07
N PRO C 191 1.10 13.94 -42.60
CA PRO C 191 2.34 13.57 -41.88
C PRO C 191 2.43 14.11 -40.46
N ASN C 192 1.95 15.33 -40.22
CA ASN C 192 1.98 15.86 -38.86
C ASN C 192 1.03 15.08 -37.95
N ALA C 193 -0.11 14.64 -38.48
CA ALA C 193 -1.05 13.85 -37.68
C ALA C 193 -0.44 12.52 -37.25
N GLU C 194 0.23 11.83 -38.19
CA GLU C 194 0.85 10.56 -37.82
C GLU C 194 2.06 10.78 -36.92
N LYS C 195 2.78 11.89 -37.08
CA LYS C 195 3.84 12.19 -36.10
C LYS C 195 3.26 12.41 -34.71
N ALA C 196 2.17 13.18 -34.62
CA ALA C 196 1.54 13.38 -33.32
C ALA C 196 1.08 12.06 -32.73
N LEU C 197 0.60 11.15 -33.58
CA LEU C 197 0.30 9.79 -33.14
C LEU C 197 1.55 9.09 -32.62
N ILE C 198 2.70 9.32 -33.25
CA ILE C 198 3.93 8.68 -32.82
C ILE C 198 4.31 9.12 -31.40
N GLU C 199 4.34 10.44 -31.16
CA GLU C 199 4.68 10.86 -29.79
C GLU C 199 3.53 10.74 -28.80
N LEU C 200 2.31 10.45 -29.24
CA LEU C 200 1.22 10.30 -28.28
C LEU C 200 0.98 8.84 -27.90
N SER C 201 1.29 7.91 -28.81
CA SER C 201 0.96 6.50 -28.58
C SER C 201 1.77 5.91 -27.45
N ASN C 202 2.97 6.42 -27.21
CA ASN C 202 3.87 5.91 -26.16
C ASN C 202 4.16 4.41 -26.35
N GLY C 203 4.31 4.02 -27.61
CA GLY C 203 4.62 2.63 -27.93
C GLY C 203 3.49 1.67 -27.62
N ASP C 204 2.25 2.06 -27.88
CA ASP C 204 1.09 1.21 -27.65
C ASP C 204 0.20 1.21 -28.88
N MET C 205 -0.19 0.02 -29.32
CA MET C 205 -1.21 -0.08 -30.37
C MET C 205 -2.57 0.40 -29.89
N ARG C 206 -2.93 0.12 -28.63
CA ARG C 206 -4.24 0.51 -28.13
C ARG C 206 -4.45 2.00 -28.21
N ARG C 207 -3.46 2.78 -27.77
CA ARG C 207 -3.62 4.24 -27.73
C ARG C 207 -3.75 4.82 -29.13
N VAL C 208 -2.87 4.40 -30.06
CA VAL C 208 -2.91 4.97 -31.39
C VAL C 208 -4.17 4.55 -32.13
N LEU C 209 -4.61 3.30 -31.94
CA LEU C 209 -5.84 2.85 -32.59
C LEU C 209 -7.06 3.59 -32.03
N ASN C 210 -7.10 3.80 -30.71
CA ASN C 210 -8.22 4.54 -30.12
C ASN C 210 -8.25 5.99 -30.60
N VAL C 211 -7.08 6.62 -30.68
CA VAL C 211 -7.03 8.00 -31.17
C VAL C 211 -7.43 8.07 -32.63
N LEU C 212 -7.02 7.09 -33.43
CA LEU C 212 -7.41 7.05 -34.83
C LEU C 212 -8.91 6.86 -34.99
N GLN C 213 -9.52 6.00 -34.16
CA GLN C 213 -10.96 5.82 -34.20
C GLN C 213 -11.68 7.11 -33.79
N SER C 214 -11.18 7.79 -32.76
CA SER C 214 -11.80 9.04 -32.33
C SER C 214 -11.67 10.11 -33.40
N CYS C 215 -10.56 10.12 -34.14
CA CYS C 215 -10.37 11.09 -35.22
C CYS C 215 -11.26 10.77 -36.41
N LYS C 216 -11.45 9.49 -36.72
CA LYS C 216 -12.39 9.11 -37.77
C LYS C 216 -13.81 9.53 -37.41
N ALA C 217 -14.19 9.35 -36.14
CA ALA C 217 -15.50 9.81 -35.69
C ALA C 217 -15.55 11.32 -35.49
N THR C 218 -14.40 12.00 -35.51
CA THR C 218 -14.40 13.45 -35.37
C THR C 218 -14.90 14.13 -36.64
N LEU C 219 -14.45 13.64 -37.80
CA LEU C 219 -14.81 14.26 -39.07
C LEU C 219 -16.30 14.11 -39.34
N ASP C 220 -16.89 15.18 -39.91
CA ASP C 220 -18.30 15.11 -40.31
C ASP C 220 -18.52 14.07 -41.39
N ASN C 221 -17.61 13.99 -42.36
CA ASN C 221 -17.64 12.96 -43.39
C ASN C 221 -16.39 12.10 -43.25
N PRO C 222 -16.53 10.82 -42.90
CA PRO C 222 -15.33 9.97 -42.77
C PRO C 222 -14.49 9.87 -44.03
N ASP C 223 -15.14 9.84 -45.20
CA ASP C 223 -14.42 9.75 -46.45
C ASP C 223 -14.00 11.14 -46.92
N GLU C 224 -13.12 11.16 -47.92
CA GLU C 224 -12.64 12.32 -48.67
C GLU C 224 -12.17 13.48 -47.78
N ASP C 225 -11.91 13.20 -46.51
CA ASP C 225 -11.41 14.20 -45.57
C ASP C 225 -10.15 13.67 -44.88
N GLU C 226 -9.18 14.56 -44.69
CA GLU C 226 -7.89 14.20 -44.13
C GLU C 226 -7.79 14.68 -42.68
N ILE C 227 -7.32 13.81 -41.80
CA ILE C 227 -7.12 14.15 -40.40
C ILE C 227 -5.75 14.81 -40.24
N SER C 228 -5.73 16.00 -39.64
CA SER C 228 -4.50 16.74 -39.43
C SER C 228 -4.07 16.66 -37.98
N ASP C 229 -2.90 17.24 -37.70
CA ASP C 229 -2.37 17.25 -36.33
C ASP C 229 -3.24 18.07 -35.39
N ASP C 230 -3.88 19.12 -35.92
CA ASP C 230 -4.80 19.91 -35.11
C ASP C 230 -5.97 19.05 -34.64
N VAL C 231 -6.46 18.16 -35.51
CA VAL C 231 -7.52 17.24 -35.12
C VAL C 231 -7.03 16.31 -34.01
N ILE C 232 -5.80 15.82 -34.13
CA ILE C 232 -5.21 14.98 -33.08
C ILE C 232 -5.22 15.72 -31.75
N TYR C 233 -4.70 16.95 -31.76
CA TYR C 233 -4.55 17.70 -30.51
C TYR C 233 -5.91 18.07 -29.90
N GLU C 234 -6.89 18.41 -30.74
CA GLU C 234 -8.19 18.78 -30.18
C GLU C 234 -8.96 17.56 -29.68
N CYS C 235 -8.85 16.42 -30.38
CA CYS C 235 -9.59 15.25 -29.95
C CYS C 235 -8.99 14.64 -28.70
N CYS C 236 -7.66 14.49 -28.66
CA CYS C 236 -7.02 13.90 -27.49
C CYS C 236 -6.76 14.92 -26.38
N GLY C 237 -7.03 16.19 -26.61
CA GLY C 237 -6.72 17.21 -25.62
C GLY C 237 -5.25 17.35 -25.33
N ALA C 238 -4.41 17.15 -26.35
CA ALA C 238 -2.95 17.22 -26.21
C ALA C 238 -2.46 18.63 -26.52
N PRO C 239 -1.70 19.26 -25.63
CA PRO C 239 -1.14 20.57 -25.93
C PRO C 239 -0.22 20.51 -27.14
N ARG C 240 -0.28 21.56 -27.96
CA ARG C 240 0.56 21.63 -29.14
C ARG C 240 2.02 21.91 -28.74
N PRO C 241 2.98 21.29 -29.42
CA PRO C 241 4.39 21.54 -29.08
C PRO C 241 4.79 23.01 -29.25
N SER C 242 4.26 23.68 -30.28
CA SER C 242 4.51 25.11 -30.42
C SER C 242 3.90 25.89 -29.26
N ASP C 243 2.70 25.49 -28.82
CA ASP C 243 2.08 26.12 -27.67
C ASP C 243 2.91 25.91 -26.41
N LEU C 244 3.42 24.69 -26.22
CA LEU C 244 4.22 24.39 -25.04
C LEU C 244 5.53 25.19 -25.04
N LYS C 245 6.20 25.27 -26.20
CA LYS C 245 7.43 26.05 -26.25
C LYS C 245 7.17 27.54 -26.10
N ALA C 246 6.04 28.03 -26.59
CA ALA C 246 5.67 29.43 -26.36
C ALA C 246 5.43 29.70 -24.88
N VAL C 247 4.74 28.79 -24.18
CA VAL C 247 4.53 28.95 -22.75
C VAL C 247 5.85 28.93 -22.00
N LEU C 248 6.74 28.01 -22.36
CA LEU C 248 8.04 27.95 -21.69
C LEU C 248 8.85 29.22 -21.96
N LYS C 249 8.82 29.72 -23.19
CA LYS C 249 9.56 30.94 -23.50
C LYS C 249 9.01 32.14 -22.74
N SER C 250 7.68 32.24 -22.64
CA SER C 250 7.07 33.32 -21.87
C SER C 250 7.42 33.21 -20.39
N ILE C 251 7.46 31.99 -19.85
CA ILE C 251 7.88 31.81 -18.47
C ILE C 251 9.32 32.24 -18.28
N LEU C 252 10.20 31.87 -19.21
CA LEU C 252 11.63 32.09 -19.04
C LEU C 252 12.08 33.51 -19.40
N GLU C 253 11.26 34.29 -20.11
CA GLU C 253 11.69 35.63 -20.51
C GLU C 253 10.80 36.77 -20.03
N ASP C 254 9.53 36.52 -19.71
CA ASP C 254 8.64 37.60 -19.33
C ASP C 254 8.59 37.76 -17.81
N ASP C 255 7.89 38.80 -17.38
CA ASP C 255 7.75 39.09 -15.96
C ASP C 255 6.68 38.18 -15.37
N TRP C 256 6.33 38.41 -14.10
CA TRP C 256 5.36 37.58 -13.42
C TRP C 256 3.92 37.89 -13.78
N GLY C 257 3.65 39.01 -14.45
CA GLY C 257 2.32 39.31 -14.91
C GLY C 257 2.09 38.78 -16.31
N THR C 258 3.06 39.02 -17.20
CA THR C 258 2.93 38.59 -18.58
C THR C 258 2.89 37.08 -18.70
N ALA C 259 3.79 36.39 -17.98
CA ALA C 259 3.83 34.93 -18.04
C ALA C 259 2.58 34.31 -17.44
N HIS C 260 2.11 34.84 -16.32
CA HIS C 260 0.88 34.35 -15.68
C HIS C 260 -0.32 34.55 -16.60
N TYR C 261 -0.43 35.73 -17.21
CA TYR C 261 -1.50 36.00 -18.16
C TYR C 261 -1.43 35.06 -19.36
N THR C 262 -0.22 34.84 -19.88
CA THR C 262 -0.05 33.98 -21.04
C THR C 262 -0.45 32.54 -20.72
N LEU C 263 -0.04 32.04 -19.54
CA LEU C 263 -0.39 30.68 -19.15
C LEU C 263 -1.91 30.54 -18.96
N ASN C 264 -2.55 31.53 -18.33
CA ASN C 264 -4.00 31.47 -18.17
C ASN C 264 -4.71 31.52 -19.51
N LYS C 265 -4.24 32.37 -20.43
CA LYS C 265 -4.86 32.45 -21.75
C LYS C 265 -4.70 31.13 -22.51
N VAL C 266 -3.52 30.52 -22.42
CA VAL C 266 -3.28 29.24 -23.08
C VAL C 266 -4.19 28.16 -22.51
N ARG C 267 -4.33 28.12 -21.18
CA ARG C 267 -5.19 27.12 -20.55
C ARG C 267 -6.65 27.35 -20.91
N SER C 268 -7.07 28.61 -21.03
CA SER C 268 -8.48 28.91 -21.24
C SER C 268 -8.91 28.84 -22.70
N ALA C 269 -7.98 29.04 -23.64
CA ALA C 269 -8.35 29.10 -25.05
C ALA C 269 -8.87 27.77 -25.56
N LYS C 270 -8.13 26.69 -25.32
CA LYS C 270 -8.48 25.37 -25.84
C LYS C 270 -8.78 24.37 -24.73
N GLY C 271 -8.94 24.84 -23.49
CA GLY C 271 -9.20 23.95 -22.38
C GLY C 271 -8.07 22.98 -22.10
N LEU C 272 -6.83 23.46 -22.17
CA LEU C 272 -5.67 22.63 -21.93
C LEU C 272 -5.59 22.19 -20.46
N ALA C 273 -5.03 21.02 -20.24
CA ALA C 273 -4.81 20.50 -18.90
C ALA C 273 -3.44 20.94 -18.41
N LEU C 274 -3.38 21.39 -17.16
CA LEU C 274 -2.12 21.87 -16.61
C LEU C 274 -1.10 20.74 -16.48
N ILE C 275 -1.56 19.54 -16.15
CA ILE C 275 -0.64 18.42 -15.96
C ILE C 275 0.07 18.08 -17.27
N ASP C 276 -0.71 17.93 -18.36
CA ASP C 276 -0.11 17.62 -19.65
C ASP C 276 0.81 18.73 -20.12
N LEU C 277 0.50 19.98 -19.77
CA LEU C 277 1.43 21.07 -19.98
C LEU C 277 2.73 20.84 -19.21
N ILE C 278 2.62 20.26 -18.00
CA ILE C 278 3.81 20.01 -17.20
C ILE C 278 4.69 18.96 -17.88
N GLU C 279 4.10 17.84 -18.33
CA GLU C 279 4.96 16.89 -19.04
C GLU C 279 5.47 17.46 -20.36
N GLY C 280 4.72 18.33 -21.02
CA GLY C 280 5.25 18.95 -22.24
C GLY C 280 6.47 19.80 -21.98
N ILE C 281 6.41 20.64 -20.93
CA ILE C 281 7.55 21.46 -20.56
C ILE C 281 8.71 20.58 -20.13
N VAL C 282 8.44 19.52 -19.38
CA VAL C 282 9.49 18.62 -18.92
C VAL C 282 10.18 17.96 -20.10
N LYS C 283 9.39 17.45 -21.06
CA LYS C 283 9.97 16.79 -22.23
C LYS C 283 10.78 17.75 -23.08
N ILE C 284 10.34 19.02 -23.18
CA ILE C 284 11.16 19.98 -23.92
C ILE C 284 12.31 20.50 -23.05
N LEU C 285 12.40 20.06 -21.78
CA LEU C 285 13.46 20.54 -20.91
C LEU C 285 14.68 19.63 -20.78
N GLU C 286 14.61 18.34 -21.13
CA GLU C 286 15.81 17.52 -20.99
C GLU C 286 16.89 17.94 -21.97
N ASP C 287 16.52 18.28 -23.20
CA ASP C 287 17.48 18.68 -24.21
C ASP C 287 17.95 20.12 -24.04
N TYR C 288 17.41 20.85 -23.06
CA TYR C 288 17.89 22.17 -22.71
C TYR C 288 19.15 22.04 -21.87
N GLU C 289 20.23 22.66 -22.33
CA GLU C 289 21.50 22.55 -21.63
C GLU C 289 21.49 23.42 -20.37
N LEU C 290 21.87 22.81 -19.25
CA LEU C 290 21.98 23.51 -17.98
C LEU C 290 23.42 23.45 -17.49
N GLN C 291 24.03 24.62 -17.30
CA GLN C 291 25.41 24.66 -16.85
C GLN C 291 25.54 24.35 -15.37
N ASN C 292 24.45 24.49 -14.61
CA ASN C 292 24.46 24.21 -13.18
C ASN C 292 23.73 22.89 -12.92
N GLU C 293 24.41 21.97 -12.24
CA GLU C 293 23.80 20.67 -11.96
C GLU C 293 22.72 20.76 -10.90
N GLU C 294 22.87 21.68 -9.93
CA GLU C 294 21.85 21.83 -8.90
C GLU C 294 20.55 22.39 -9.47
N THR C 295 20.63 23.14 -10.58
CA THR C 295 19.42 23.61 -11.25
C THR C 295 18.55 22.45 -11.69
N ARG C 296 19.17 21.40 -12.25
CA ARG C 296 18.43 20.20 -12.61
C ARG C 296 17.79 19.57 -11.38
N VAL C 297 18.51 19.53 -10.26
CA VAL C 297 17.97 18.92 -9.04
C VAL C 297 16.71 19.65 -8.59
N HIS C 298 16.81 20.99 -8.50
CA HIS C 298 15.65 21.77 -8.06
C HIS C 298 14.49 21.65 -9.04
N LEU C 299 14.78 21.71 -10.35
CA LEU C 299 13.71 21.57 -11.34
C LEU C 299 12.99 20.24 -11.20
N LEU C 300 13.75 19.15 -11.12
CA LEU C 300 13.13 17.83 -11.04
C LEU C 300 12.32 17.67 -9.76
N THR C 301 12.88 18.06 -8.61
CA THR C 301 12.15 17.85 -7.37
C THR C 301 10.92 18.74 -7.28
N LYS C 302 11.01 20.00 -7.70
CA LYS C 302 9.88 20.90 -7.61
C LYS C 302 8.76 20.48 -8.56
N LEU C 303 9.12 20.11 -9.80
CA LEU C 303 8.10 19.64 -10.73
C LEU C 303 7.47 18.33 -10.24
N ALA C 304 8.26 17.47 -9.61
CA ALA C 304 7.69 16.23 -9.07
C ALA C 304 6.69 16.52 -7.96
N ASP C 305 7.00 17.46 -7.06
CA ASP C 305 6.03 17.84 -6.05
C ASP C 305 4.78 18.45 -6.68
N ILE C 306 4.94 19.23 -7.73
CA ILE C 306 3.78 19.86 -8.37
C ILE C 306 2.87 18.81 -9.01
N GLU C 307 3.45 17.83 -9.71
CA GLU C 307 2.60 16.77 -10.27
C GLU C 307 2.01 15.88 -9.19
N TYR C 308 2.71 15.70 -8.07
CA TYR C 308 2.12 14.97 -6.96
C TYR C 308 0.90 15.71 -6.42
N SER C 309 1.00 17.03 -6.28
CA SER C 309 -0.14 17.83 -5.84
C SER C 309 -1.28 17.77 -6.85
N ILE C 310 -0.94 17.78 -8.14
CA ILE C 310 -1.97 17.68 -9.18
C ILE C 310 -2.70 16.35 -9.09
N SER C 311 -1.93 15.26 -8.89
CA SER C 311 -2.54 13.95 -8.70
C SER C 311 -3.44 13.93 -7.46
N LYS C 312 -3.03 14.61 -6.39
CA LYS C 312 -3.95 14.80 -5.27
C LYS C 312 -5.02 15.85 -5.54
N GLY C 313 -4.82 16.69 -6.56
CA GLY C 313 -5.79 17.72 -6.90
C GLY C 313 -5.58 19.00 -6.14
N GLY C 314 -6.40 20.00 -6.49
CA GLY C 314 -6.36 21.28 -5.83
C GLY C 314 -6.64 22.39 -6.83
N ASN C 315 -6.24 23.61 -6.46
CA ASN C 315 -6.45 24.78 -7.30
C ASN C 315 -5.49 24.78 -8.47
N ASP C 316 -6.01 24.93 -9.68
CA ASP C 316 -5.19 24.83 -10.89
C ASP C 316 -4.33 26.07 -11.13
N GLN C 317 -4.86 27.26 -10.88
CA GLN C 317 -4.08 28.47 -11.13
C GLN C 317 -2.89 28.57 -10.18
N ILE C 318 -3.10 28.21 -8.92
CA ILE C 318 -2.00 28.21 -7.95
C ILE C 318 -0.92 27.23 -8.37
N GLN C 319 -1.33 26.06 -8.87
CA GLN C 319 -0.36 25.06 -9.32
C GLN C 319 0.39 25.52 -10.57
N GLY C 320 -0.30 26.21 -11.48
CA GLY C 320 0.37 26.75 -12.66
C GLY C 320 1.39 27.81 -12.29
N SER C 321 1.02 28.72 -11.38
CA SER C 321 1.98 29.71 -10.91
C SER C 321 3.10 29.04 -10.11
N ALA C 322 2.81 27.91 -9.47
CA ALA C 322 3.86 27.14 -8.81
C ALA C 322 4.87 26.62 -9.83
N VAL C 323 4.37 26.14 -10.98
CA VAL C 323 5.26 25.71 -12.06
C VAL C 323 6.12 26.89 -12.53
N ILE C 324 5.48 28.05 -12.72
CA ILE C 324 6.21 29.23 -13.18
C ILE C 324 7.29 29.62 -12.17
N GLY C 325 6.93 29.65 -10.89
CA GLY C 325 7.89 30.03 -9.86
C GLY C 325 9.01 29.03 -9.71
N ALA C 326 8.70 27.73 -9.80
CA ALA C 326 9.73 26.71 -9.72
C ALA C 326 10.72 26.85 -10.87
N ILE C 327 10.22 27.03 -12.09
CA ILE C 327 11.10 27.19 -13.24
C ILE C 327 11.96 28.43 -13.10
N LYS C 328 11.34 29.56 -12.73
CA LYS C 328 12.09 30.82 -12.62
C LYS C 328 13.14 30.76 -11.52
N ALA C 329 12.77 30.21 -10.36
CA ALA C 329 13.72 30.12 -9.25
C ALA C 329 14.86 29.17 -9.56
N SER C 330 14.55 28.01 -10.16
CA SER C 330 15.60 27.07 -10.51
C SER C 330 16.55 27.65 -11.56
N PHE C 331 16.01 28.32 -12.57
CA PHE C 331 16.87 28.97 -13.55
C PHE C 331 17.60 30.18 -12.96
N GLU C 332 17.08 30.71 -11.84
CA GLU C 332 17.77 31.83 -11.17
C GLU C 332 19.05 31.28 -10.56
N ASN C 333 19.09 29.97 -10.31
CA ASN C 333 20.31 29.32 -9.78
C ASN C 333 21.39 29.36 -10.87
N GLU C 334 20.97 29.62 -12.11
CA GLU C 334 21.87 29.48 -13.29
C GLU C 334 23.08 30.39 -13.08
N THR C 335 22.89 31.55 -12.46
CA THR C 335 24.00 32.51 -12.21
C THR C 335 23.85 33.11 -10.81
N ALA D 23 -39.35 24.53 -9.55
CA ALA D 23 -39.38 23.11 -9.84
C ALA D 23 -39.64 22.30 -8.57
N GLN D 24 -39.26 21.01 -8.60
CA GLN D 24 -39.39 20.14 -7.44
C GLN D 24 -38.06 19.52 -7.05
N GLN D 25 -36.98 19.89 -7.71
CA GLN D 25 -35.66 19.31 -7.48
C GLN D 25 -34.59 20.25 -8.05
N PRO D 26 -33.37 20.24 -7.51
CA PRO D 26 -32.44 21.36 -7.73
C PRO D 26 -32.02 21.53 -9.18
N TRP D 27 -31.41 22.69 -9.44
CA TRP D 27 -31.03 23.08 -10.79
C TRP D 27 -29.94 22.18 -11.38
N VAL D 28 -29.07 21.63 -10.54
CA VAL D 28 -27.95 20.84 -11.04
C VAL D 28 -28.44 19.58 -11.72
N GLU D 29 -29.51 18.96 -11.23
CA GLU D 29 -30.12 17.81 -11.86
C GLU D 29 -31.33 18.19 -12.71
N LYS D 30 -31.63 19.49 -12.82
CA LYS D 30 -32.71 19.96 -13.67
C LYS D 30 -32.25 20.32 -15.07
N TYR D 31 -31.02 20.82 -15.22
CA TYR D 31 -30.50 21.24 -16.51
C TYR D 31 -29.33 20.35 -16.93
N ARG D 32 -29.35 19.11 -16.48
CA ARG D 32 -28.40 18.12 -16.97
C ARG D 32 -28.63 17.90 -18.47
N PRO D 33 -27.58 17.85 -19.29
CA PRO D 33 -27.77 17.66 -20.73
C PRO D 33 -28.50 16.38 -21.07
N LYS D 34 -29.73 16.51 -21.59
CA LYS D 34 -30.51 15.34 -21.95
C LYS D 34 -29.97 14.68 -23.22
N ASN D 35 -29.51 15.49 -24.17
CA ASN D 35 -28.96 15.02 -25.43
C ASN D 35 -27.47 15.38 -25.49
N LEU D 36 -26.82 14.90 -26.55
CA LEU D 36 -25.40 15.17 -26.72
C LEU D 36 -25.14 16.63 -27.07
N ASP D 37 -26.04 17.26 -27.83
CA ASP D 37 -25.82 18.64 -28.25
C ASP D 37 -25.90 19.62 -27.08
N GLU D 38 -26.60 19.25 -26.01
CA GLU D 38 -26.72 20.12 -24.85
C GLU D 38 -25.43 20.22 -24.05
N VAL D 39 -24.44 19.38 -24.33
CA VAL D 39 -23.16 19.42 -23.63
C VAL D 39 -22.33 20.56 -24.22
N THR D 40 -22.23 21.66 -23.48
CA THR D 40 -21.45 22.80 -23.93
C THR D 40 -19.97 22.59 -23.59
N ALA D 41 -19.13 23.52 -24.07
CA ALA D 41 -17.69 23.53 -23.85
C ALA D 41 -17.03 22.28 -24.43
N GLN D 42 -17.33 21.11 -23.86
CA GLN D 42 -16.83 19.84 -24.39
C GLN D 42 -17.55 19.55 -25.70
N ASP D 43 -16.82 19.64 -26.81
CA ASP D 43 -17.34 19.25 -28.11
C ASP D 43 -16.43 18.27 -28.84
N HIS D 44 -15.14 18.24 -28.51
CA HIS D 44 -14.20 17.34 -29.18
C HIS D 44 -14.53 15.87 -28.94
N ALA D 45 -15.20 15.55 -27.84
CA ALA D 45 -15.68 14.19 -27.59
C ALA D 45 -17.15 14.01 -27.95
N VAL D 46 -17.93 15.09 -27.85
CA VAL D 46 -19.35 15.02 -28.21
C VAL D 46 -19.51 14.75 -29.70
N THR D 47 -18.69 15.38 -30.55
CA THR D 47 -18.75 15.08 -31.98
C THR D 47 -18.38 13.63 -32.27
N VAL D 48 -17.38 13.11 -31.55
CA VAL D 48 -16.98 11.71 -31.71
C VAL D 48 -18.14 10.79 -31.36
N LEU D 49 -18.79 11.05 -30.23
CA LEU D 49 -19.93 10.22 -29.83
C LEU D 49 -21.10 10.37 -30.78
N LYS D 50 -21.32 11.58 -31.30
CA LYS D 50 -22.42 11.81 -32.23
C LYS D 50 -22.23 11.04 -33.53
N LYS D 51 -21.01 11.04 -34.06
CA LYS D 51 -20.75 10.29 -35.28
C LYS D 51 -20.61 8.79 -35.01
N THR D 52 -20.31 8.40 -33.77
CA THR D 52 -20.36 6.99 -33.40
C THR D 52 -21.79 6.50 -33.20
N LEU D 53 -22.73 7.42 -32.99
CA LEU D 53 -24.14 7.04 -32.93
C LEU D 53 -24.61 6.46 -34.25
N LYS D 54 -24.22 7.08 -35.37
CA LYS D 54 -24.60 6.57 -36.68
C LYS D 54 -23.92 5.23 -36.97
N SER D 55 -22.64 5.12 -36.65
CA SER D 55 -21.90 3.87 -36.80
C SER D 55 -22.13 2.98 -35.60
N ALA D 56 -21.32 1.92 -35.46
CA ALA D 56 -21.42 1.03 -34.31
C ALA D 56 -20.08 0.64 -33.72
N ASN D 57 -18.97 1.17 -34.22
CA ASN D 57 -17.65 0.84 -33.69
C ASN D 57 -17.32 1.70 -32.48
N LEU D 58 -18.01 1.49 -31.37
CA LEU D 58 -17.79 2.28 -30.17
C LEU D 58 -16.60 1.71 -29.39
N PRO D 59 -15.53 2.48 -29.19
CA PRO D 59 -14.41 1.98 -28.39
C PRO D 59 -14.68 2.03 -26.89
N HIS D 60 -13.70 1.67 -26.08
CA HIS D 60 -13.82 1.77 -24.64
C HIS D 60 -13.48 3.19 -24.20
N MET D 61 -14.35 3.80 -23.41
CA MET D 61 -14.26 5.21 -23.06
C MET D 61 -13.61 5.37 -21.70
N LEU D 62 -12.65 6.29 -21.61
CA LEU D 62 -12.04 6.69 -20.35
C LEU D 62 -12.25 8.20 -20.19
N PHE D 63 -13.27 8.58 -19.44
CA PHE D 63 -13.63 9.98 -19.25
C PHE D 63 -12.89 10.50 -18.02
N TYR D 64 -11.89 11.34 -18.23
CA TYR D 64 -11.11 11.93 -17.15
C TYR D 64 -11.09 13.45 -17.29
N GLY D 65 -11.28 14.13 -16.17
CA GLY D 65 -11.29 15.58 -16.15
C GLY D 65 -11.63 16.10 -14.77
N PRO D 66 -11.63 17.42 -14.61
CA PRO D 66 -12.02 18.02 -13.33
C PRO D 66 -13.47 17.72 -12.99
N PRO D 67 -13.84 17.71 -11.72
CA PRO D 67 -15.23 17.46 -11.34
C PRO D 67 -16.16 18.54 -11.85
N GLY D 68 -17.39 18.15 -12.16
CA GLY D 68 -18.37 19.08 -12.65
C GLY D 68 -18.26 19.44 -14.11
N THR D 69 -17.46 18.69 -14.88
CA THR D 69 -17.30 18.96 -16.30
C THR D 69 -18.29 18.19 -17.17
N GLY D 70 -19.18 17.41 -16.57
CA GLY D 70 -20.23 16.75 -17.30
C GLY D 70 -19.92 15.39 -17.87
N LYS D 71 -18.98 14.64 -17.27
CA LYS D 71 -18.68 13.30 -17.75
C LYS D 71 -19.87 12.37 -17.58
N THR D 72 -20.46 12.37 -16.38
CA THR D 72 -21.64 11.54 -16.12
C THR D 72 -22.81 11.96 -16.99
N SER D 73 -23.01 13.27 -17.16
CA SER D 73 -24.09 13.76 -18.02
C SER D 73 -23.87 13.33 -19.46
N THR D 74 -22.63 13.42 -19.95
CA THR D 74 -22.33 13.01 -21.32
C THR D 74 -22.56 11.53 -21.52
N ILE D 75 -22.13 10.70 -20.56
CA ILE D 75 -22.31 9.26 -20.74
C ILE D 75 -23.78 8.87 -20.62
N LEU D 76 -24.55 9.56 -19.77
CA LEU D 76 -25.98 9.27 -19.69
C LEU D 76 -26.69 9.69 -20.98
N ALA D 77 -26.30 10.82 -21.57
CA ALA D 77 -26.87 11.23 -22.85
C ALA D 77 -26.52 10.22 -23.94
N LEU D 78 -25.27 9.74 -23.97
CA LEU D 78 -24.88 8.75 -24.95
C LEU D 78 -25.66 7.45 -24.76
N THR D 79 -25.86 7.04 -23.52
CA THR D 79 -26.67 5.84 -23.23
C THR D 79 -28.09 6.02 -23.73
N LYS D 80 -28.68 7.19 -23.48
CA LYS D 80 -30.05 7.43 -23.91
C LYS D 80 -30.17 7.44 -25.44
N GLU D 81 -29.22 8.05 -26.14
CA GLU D 81 -29.31 8.11 -27.59
C GLU D 81 -28.98 6.77 -28.25
N LEU D 82 -28.11 5.97 -27.65
CA LEU D 82 -27.70 4.72 -28.29
C LEU D 82 -28.85 3.71 -28.32
N TYR D 83 -29.52 3.49 -27.19
CA TYR D 83 -30.47 2.41 -27.08
C TYR D 83 -31.89 2.85 -26.76
N GLY D 84 -32.08 4.06 -26.23
CA GLY D 84 -33.39 4.52 -25.84
C GLY D 84 -33.72 4.12 -24.41
N PRO D 85 -34.73 4.77 -23.83
CA PRO D 85 -35.02 4.54 -22.40
C PRO D 85 -35.39 3.10 -22.07
N ASP D 86 -36.05 2.39 -22.99
CA ASP D 86 -36.50 1.03 -22.69
C ASP D 86 -35.34 0.05 -22.68
N LEU D 87 -34.42 0.17 -23.63
CA LEU D 87 -33.38 -0.84 -23.80
C LEU D 87 -32.26 -0.71 -22.79
N MET D 88 -31.97 0.51 -22.32
CA MET D 88 -30.84 0.71 -21.42
C MET D 88 -31.06 0.06 -20.06
N LYS D 89 -32.31 -0.20 -19.68
CA LYS D 89 -32.57 -0.84 -18.39
C LYS D 89 -31.97 -2.24 -18.35
N SER D 90 -32.08 -2.98 -19.44
CA SER D 90 -31.54 -4.34 -19.53
C SER D 90 -30.23 -4.41 -20.31
N ARG D 91 -29.73 -3.29 -20.83
CA ARG D 91 -28.51 -3.30 -21.61
C ARG D 91 -27.41 -2.43 -21.00
N ILE D 92 -27.65 -1.84 -19.83
CA ILE D 92 -26.64 -1.02 -19.16
C ILE D 92 -26.48 -1.49 -17.73
N LEU D 93 -25.23 -1.71 -17.32
CA LEU D 93 -24.89 -2.08 -15.95
C LEU D 93 -24.14 -0.93 -15.30
N GLU D 94 -24.61 -0.49 -14.14
CA GLU D 94 -24.03 0.63 -13.41
C GLU D 94 -23.37 0.13 -12.14
N LEU D 95 -22.09 0.42 -11.98
CA LEU D 95 -21.33 0.08 -10.78
C LEU D 95 -20.53 1.30 -10.34
N ASN D 96 -20.53 1.56 -9.04
CA ASN D 96 -19.81 2.70 -8.48
C ASN D 96 -19.41 2.37 -7.05
N ALA D 97 -18.84 3.37 -6.37
CA ALA D 97 -18.39 3.20 -4.99
C ALA D 97 -19.54 3.03 -4.00
N SER D 98 -20.77 3.29 -4.42
CA SER D 98 -21.93 3.07 -3.56
C SER D 98 -22.16 1.58 -3.26
N ASP D 99 -21.57 0.69 -4.04
CA ASP D 99 -21.66 -0.75 -3.82
C ASP D 99 -20.24 -1.30 -3.72
N GLU D 100 -20.15 -2.62 -3.52
CA GLU D 100 -18.85 -3.26 -3.39
C GLU D 100 -18.10 -3.23 -4.71
N ARG D 101 -16.80 -2.92 -4.64
CA ARG D 101 -15.94 -2.89 -5.81
C ARG D 101 -14.69 -3.72 -5.59
N GLY D 102 -14.80 -4.79 -4.79
CA GLY D 102 -13.67 -5.65 -4.52
C GLY D 102 -13.34 -6.55 -5.70
N ILE D 103 -12.24 -7.30 -5.55
CA ILE D 103 -11.79 -8.18 -6.62
C ILE D 103 -12.77 -9.32 -6.86
N SER D 104 -13.49 -9.77 -5.83
CA SER D 104 -14.49 -10.82 -6.03
C SER D 104 -15.66 -10.32 -6.87
N ILE D 105 -16.13 -9.10 -6.58
CA ILE D 105 -17.23 -8.54 -7.36
C ILE D 105 -16.81 -8.34 -8.80
N VAL D 106 -15.59 -7.84 -9.03
CA VAL D 106 -15.08 -7.66 -10.38
C VAL D 106 -14.98 -9.00 -11.09
N ARG D 107 -14.47 -10.02 -10.39
CA ARG D 107 -14.26 -11.32 -11.00
C ARG D 107 -15.54 -12.10 -11.24
N GLU D 108 -16.64 -11.74 -10.56
CA GLU D 108 -17.88 -12.48 -10.70
C GLU D 108 -18.95 -11.71 -11.47
N LYS D 109 -19.36 -10.54 -10.96
CA LYS D 109 -20.52 -9.85 -11.54
C LYS D 109 -20.21 -9.31 -12.93
N VAL D 110 -19.08 -8.62 -13.08
CA VAL D 110 -18.73 -8.03 -14.38
C VAL D 110 -18.43 -9.13 -15.39
N LYS D 111 -17.72 -10.18 -14.96
CA LYS D 111 -17.42 -11.29 -15.85
C LYS D 111 -18.70 -11.98 -16.34
N ASN D 112 -19.65 -12.21 -15.41
CA ASN D 112 -20.91 -12.82 -15.81
C ASN D 112 -21.69 -11.92 -16.76
N PHE D 113 -21.75 -10.63 -16.46
CA PHE D 113 -22.51 -9.71 -17.30
C PHE D 113 -21.92 -9.62 -18.70
N ALA D 114 -20.59 -9.55 -18.81
CA ALA D 114 -19.95 -9.52 -20.12
C ALA D 114 -20.03 -10.87 -20.82
N ARG D 115 -20.22 -11.96 -20.07
CA ARG D 115 -20.29 -13.28 -20.69
C ARG D 115 -21.63 -13.53 -21.38
N LEU D 116 -22.73 -12.99 -20.84
CA LEU D 116 -24.03 -13.23 -21.44
C LEU D 116 -24.15 -12.56 -22.80
N THR D 117 -25.06 -13.08 -23.61
CA THR D 117 -25.37 -12.50 -24.91
C THR D 117 -26.24 -11.26 -24.75
N VAL D 118 -26.29 -10.46 -25.82
CA VAL D 118 -27.07 -9.23 -25.78
C VAL D 118 -28.55 -9.54 -25.84
N SER D 119 -29.35 -8.72 -25.15
CA SER D 119 -30.79 -8.85 -25.24
C SER D 119 -31.27 -8.48 -26.64
N LYS D 120 -32.29 -9.17 -27.12
CA LYS D 120 -32.79 -8.92 -28.46
C LYS D 120 -33.48 -7.56 -28.52
N PRO D 121 -33.09 -6.68 -29.44
CA PRO D 121 -33.77 -5.39 -29.56
C PRO D 121 -35.19 -5.55 -30.07
N SER D 122 -36.09 -4.68 -29.60
CA SER D 122 -37.46 -4.71 -30.05
C SER D 122 -37.59 -4.04 -31.42
N LYS D 123 -38.70 -4.32 -32.10
CA LYS D 123 -38.95 -3.70 -33.39
C LYS D 123 -39.16 -2.19 -33.24
N HIS D 124 -39.82 -1.77 -32.16
CA HIS D 124 -39.97 -0.34 -31.88
C HIS D 124 -38.61 0.32 -31.66
N ASP D 125 -37.77 -0.31 -30.83
CA ASP D 125 -36.46 0.26 -30.53
C ASP D 125 -35.58 0.32 -31.77
N LEU D 126 -35.57 -0.74 -32.57
CA LEU D 126 -34.77 -0.74 -33.79
C LEU D 126 -35.31 0.24 -34.82
N GLU D 127 -36.63 0.41 -34.88
CA GLU D 127 -37.23 1.36 -35.80
C GLU D 127 -36.85 2.79 -35.45
N ASN D 128 -36.84 3.13 -34.15
CA ASN D 128 -36.51 4.49 -33.75
C ASN D 128 -35.03 4.67 -33.43
N TYR D 129 -34.49 3.83 -32.55
CA TYR D 129 -33.11 3.99 -32.16
C TYR D 129 -32.21 3.07 -33.00
N PRO D 130 -30.94 3.47 -33.20
CA PRO D 130 -30.02 2.59 -33.94
C PRO D 130 -29.80 1.24 -33.27
N CYS D 131 -29.78 1.21 -31.94
CA CYS D 131 -29.62 0.00 -31.13
C CYS D 131 -28.43 -0.84 -31.55
N PRO D 132 -27.20 -0.42 -31.27
CA PRO D 132 -26.04 -1.26 -31.54
C PRO D 132 -26.10 -2.55 -30.74
N PRO D 133 -25.59 -3.66 -31.31
CA PRO D 133 -25.73 -4.97 -30.68
C PRO D 133 -24.69 -5.27 -29.61
N TYR D 134 -24.55 -4.37 -28.64
CA TYR D 134 -23.68 -4.61 -27.49
C TYR D 134 -24.18 -3.81 -26.30
N LYS D 135 -23.77 -4.26 -25.12
CA LYS D 135 -24.12 -3.61 -23.86
C LYS D 135 -22.91 -2.88 -23.30
N ILE D 136 -23.17 -1.86 -22.49
CA ILE D 136 -22.13 -1.00 -21.95
C ILE D 136 -22.18 -1.07 -20.43
N ILE D 137 -21.04 -1.37 -19.82
CA ILE D 137 -20.88 -1.34 -18.37
C ILE D 137 -20.03 -0.13 -18.02
N ILE D 138 -20.58 0.78 -17.23
CA ILE D 138 -19.94 2.04 -16.90
C ILE D 138 -19.51 2.00 -15.44
N LEU D 139 -18.24 2.26 -15.19
CA LEU D 139 -17.67 2.30 -13.84
C LEU D 139 -17.34 3.76 -13.52
N ASP D 140 -18.32 4.49 -13.02
CA ASP D 140 -18.08 5.84 -12.53
C ASP D 140 -17.23 5.79 -11.26
N GLU D 141 -16.40 6.81 -11.09
CA GLU D 141 -15.40 6.85 -10.02
C GLU D 141 -14.48 5.62 -10.08
N ALA D 142 -13.97 5.34 -11.27
CA ALA D 142 -13.13 4.17 -11.49
C ALA D 142 -11.78 4.29 -10.79
N ASP D 143 -11.37 5.50 -10.41
CA ASP D 143 -10.08 5.68 -9.75
C ASP D 143 -10.06 5.13 -8.33
N SER D 144 -11.22 4.82 -7.75
CA SER D 144 -11.31 4.33 -6.39
C SER D 144 -11.12 2.82 -6.28
N MET D 145 -11.05 2.11 -7.41
CA MET D 145 -10.84 0.67 -7.36
C MET D 145 -9.41 0.34 -6.96
N THR D 146 -9.25 -0.80 -6.29
CA THR D 146 -7.93 -1.27 -5.90
C THR D 146 -7.14 -1.73 -7.13
N ALA D 147 -5.82 -1.82 -6.95
CA ALA D 147 -4.96 -2.26 -8.04
C ALA D 147 -5.24 -3.70 -8.44
N ASP D 148 -5.58 -4.56 -7.46
CA ASP D 148 -5.91 -5.95 -7.77
C ASP D 148 -7.17 -6.03 -8.64
N ALA D 149 -8.19 -5.24 -8.30
CA ALA D 149 -9.42 -5.24 -9.08
C ALA D 149 -9.18 -4.73 -10.50
N GLN D 150 -8.37 -3.66 -10.64
CA GLN D 150 -8.06 -3.14 -11.96
C GLN D 150 -7.27 -4.15 -12.80
N SER D 151 -6.31 -4.85 -12.16
CA SER D 151 -5.56 -5.87 -12.88
C SER D 151 -6.45 -7.03 -13.29
N ALA D 152 -7.38 -7.42 -12.41
CA ALA D 152 -8.31 -8.50 -12.75
C ALA D 152 -9.23 -8.08 -13.91
N LEU D 153 -9.69 -6.84 -13.91
CA LEU D 153 -10.56 -6.35 -14.97
C LEU D 153 -9.74 -5.81 -16.15
N ARG D 154 -9.03 -6.71 -16.81
CA ARG D 154 -8.25 -6.39 -17.99
C ARG D 154 -8.68 -7.18 -19.22
N ARG D 155 -8.75 -8.50 -19.11
CA ARG D 155 -9.11 -9.34 -20.24
C ARG D 155 -10.63 -9.45 -20.43
N THR D 156 -11.43 -8.98 -19.48
CA THR D 156 -12.87 -9.00 -19.65
C THR D 156 -13.31 -8.13 -20.82
N MET D 157 -12.55 -7.09 -21.14
CA MET D 157 -12.84 -6.27 -22.31
C MET D 157 -12.54 -7.02 -23.61
N GLU D 158 -11.29 -7.45 -23.77
CA GLU D 158 -10.87 -8.05 -25.04
C GLU D 158 -11.57 -9.38 -25.30
N THR D 159 -11.83 -10.18 -24.25
CA THR D 159 -12.49 -11.46 -24.44
C THR D 159 -13.92 -11.27 -24.93
N TYR D 160 -14.63 -10.29 -24.39
CA TYR D 160 -16.04 -10.07 -24.71
C TYR D 160 -16.26 -8.73 -25.38
N SER D 161 -15.30 -8.28 -26.19
CA SER D 161 -15.46 -7.01 -26.90
C SER D 161 -16.51 -7.12 -27.99
N GLY D 162 -16.69 -8.30 -28.58
CA GLY D 162 -17.68 -8.47 -29.63
C GLY D 162 -19.10 -8.42 -29.13
N VAL D 163 -19.29 -8.56 -27.81
CA VAL D 163 -20.62 -8.59 -27.23
C VAL D 163 -20.89 -7.43 -26.28
N THR D 164 -19.85 -6.76 -25.78
CA THR D 164 -20.06 -5.66 -24.84
C THR D 164 -18.89 -4.69 -24.91
N ARG D 165 -19.13 -3.49 -24.39
CA ARG D 165 -18.12 -2.43 -24.29
C ARG D 165 -18.09 -1.91 -22.87
N PHE D 166 -16.95 -1.34 -22.48
CA PHE D 166 -16.76 -0.80 -21.13
C PHE D 166 -16.53 0.70 -21.19
N CYS D 167 -16.96 1.39 -20.12
CA CYS D 167 -16.77 2.81 -19.96
C CYS D 167 -16.23 3.09 -18.56
N LEU D 168 -15.22 3.95 -18.47
CA LEU D 168 -14.61 4.31 -17.20
C LEU D 168 -14.69 5.83 -17.02
N ILE D 169 -15.14 6.26 -15.85
CA ILE D 169 -15.19 7.67 -15.48
C ILE D 169 -14.41 7.82 -14.19
N CYS D 170 -13.45 8.75 -14.19
CA CYS D 170 -12.62 9.00 -13.02
C CYS D 170 -11.96 10.37 -13.17
N ASN D 171 -12.07 11.19 -12.12
CA ASN D 171 -11.48 12.52 -12.16
C ASN D 171 -9.99 12.55 -11.83
N TYR D 172 -9.42 11.44 -11.36
CA TYR D 172 -7.97 11.25 -11.32
C TYR D 172 -7.62 10.12 -12.27
N VAL D 173 -7.08 10.47 -13.44
CA VAL D 173 -6.68 9.46 -14.41
C VAL D 173 -5.40 8.77 -13.96
N THR D 174 -4.62 9.41 -13.10
CA THR D 174 -3.34 8.86 -12.67
C THR D 174 -3.54 7.61 -11.80
N ARG D 175 -4.63 7.57 -11.03
CA ARG D 175 -4.90 6.40 -10.20
C ARG D 175 -5.12 5.16 -11.05
N ILE D 176 -5.64 5.32 -12.25
CA ILE D 176 -5.85 4.18 -13.14
C ILE D 176 -4.51 3.63 -13.60
N ILE D 177 -4.37 2.30 -13.52
CA ILE D 177 -3.11 1.66 -13.90
C ILE D 177 -2.90 1.77 -15.41
N ASP D 178 -1.66 1.52 -15.83
CA ASP D 178 -1.32 1.64 -17.25
C ASP D 178 -2.09 0.69 -18.16
N PRO D 179 -2.24 -0.60 -17.86
CA PRO D 179 -3.03 -1.45 -18.78
C PRO D 179 -4.49 -1.02 -18.88
N LEU D 180 -5.11 -0.69 -17.75
CA LEU D 180 -6.51 -0.30 -17.75
C LEU D 180 -6.73 1.01 -18.51
N ALA D 181 -5.81 1.96 -18.38
CA ALA D 181 -5.89 3.21 -19.13
C ALA D 181 -5.63 2.99 -20.61
N SER D 182 -4.72 2.06 -20.94
CA SER D 182 -4.41 1.79 -22.34
C SER D 182 -5.58 1.11 -23.04
N ARG D 183 -6.28 0.20 -22.35
CA ARG D 183 -7.38 -0.53 -22.98
C ARG D 183 -8.56 0.37 -23.33
N CYS D 184 -8.64 1.57 -22.75
CA CYS D 184 -9.71 2.51 -23.01
C CYS D 184 -9.20 3.72 -23.76
N SER D 185 -10.10 4.40 -24.44
CA SER D 185 -9.79 5.64 -25.16
C SER D 185 -9.95 6.81 -24.20
N LYS D 186 -8.92 7.65 -24.13
CA LYS D 186 -8.89 8.76 -23.18
C LYS D 186 -9.58 9.97 -23.79
N PHE D 187 -10.73 10.34 -23.24
CA PHE D 187 -11.44 11.56 -23.61
C PHE D 187 -11.31 12.55 -22.46
N ARG D 188 -10.53 13.60 -22.66
CA ARG D 188 -10.29 14.59 -21.62
C ARG D 188 -11.43 15.60 -21.60
N PHE D 189 -12.12 15.69 -20.47
CA PHE D 189 -13.20 16.66 -20.29
C PHE D 189 -12.57 17.94 -19.71
N LYS D 190 -12.41 18.94 -20.56
CA LYS D 190 -11.78 20.19 -20.14
C LYS D 190 -12.65 20.96 -19.16
N ALA D 191 -12.01 21.74 -18.30
CA ALA D 191 -12.73 22.53 -17.31
C ALA D 191 -13.54 23.63 -17.99
N LEU D 192 -14.71 23.90 -17.44
CA LEU D 192 -15.63 24.90 -18.00
C LEU D 192 -15.30 26.25 -17.37
N ASP D 193 -14.47 27.03 -18.07
CA ASP D 193 -14.06 28.34 -17.58
C ASP D 193 -15.10 29.41 -17.92
N ALA D 194 -14.72 30.67 -17.76
CA ALA D 194 -15.65 31.77 -18.04
C ALA D 194 -15.99 31.84 -19.52
N SER D 195 -15.00 31.63 -20.40
CA SER D 195 -15.23 31.81 -21.83
C SER D 195 -16.08 30.69 -22.41
N ASN D 196 -15.80 29.44 -22.05
CA ASN D 196 -16.48 28.31 -22.67
C ASN D 196 -17.90 28.13 -22.15
N ALA D 197 -18.11 28.34 -20.85
CA ALA D 197 -19.38 28.03 -20.21
C ALA D 197 -20.27 29.25 -20.00
N ILE D 198 -19.95 30.38 -20.63
CA ILE D 198 -20.77 31.57 -20.47
C ILE D 198 -22.14 31.37 -21.11
N ASP D 199 -22.20 30.64 -22.22
CA ASP D 199 -23.47 30.45 -22.93
C ASP D 199 -24.46 29.63 -22.10
N ARG D 200 -23.98 28.57 -21.45
CA ARG D 200 -24.88 27.73 -20.66
C ARG D 200 -25.44 28.50 -19.47
N LEU D 201 -24.58 29.20 -18.73
CA LEU D 201 -25.04 29.98 -17.59
C LEU D 201 -25.97 31.11 -18.03
N ARG D 202 -25.67 31.75 -19.16
CA ARG D 202 -26.56 32.76 -19.70
C ARG D 202 -27.94 32.18 -20.00
N PHE D 203 -27.97 31.03 -20.69
CA PHE D 203 -29.23 30.38 -21.03
C PHE D 203 -30.02 30.04 -19.78
N ILE D 204 -29.34 29.55 -18.74
CA ILE D 204 -30.00 29.32 -17.45
C ILE D 204 -30.57 30.63 -16.91
N SER D 205 -29.85 31.73 -17.11
CA SER D 205 -30.31 33.01 -16.58
C SER D 205 -31.60 33.47 -17.26
N GLU D 206 -31.68 33.40 -18.58
CA GLU D 206 -32.95 33.86 -19.17
C GLU D 206 -34.06 32.84 -18.98
N GLN D 207 -33.73 31.56 -18.89
CA GLN D 207 -34.78 30.56 -18.70
C GLN D 207 -35.38 30.64 -17.30
N GLU D 208 -34.56 30.93 -16.30
CA GLU D 208 -35.03 31.07 -14.93
C GLU D 208 -35.33 32.51 -14.55
N ASN D 209 -35.24 33.45 -15.50
CA ASN D 209 -35.50 34.87 -15.28
C ASN D 209 -34.62 35.44 -14.16
N VAL D 210 -33.32 35.12 -14.24
CA VAL D 210 -32.33 35.60 -13.29
C VAL D 210 -31.62 36.81 -13.90
N LYS D 211 -31.57 37.91 -13.16
CA LYS D 211 -31.04 39.16 -13.67
C LYS D 211 -29.55 39.26 -13.42
N CYS D 212 -28.79 39.61 -14.46
CA CYS D 212 -27.36 39.86 -14.37
C CYS D 212 -27.09 41.31 -14.76
N ASP D 213 -26.27 42.00 -13.96
CA ASP D 213 -26.11 43.44 -14.17
C ASP D 213 -25.11 43.74 -15.28
N ASP D 214 -23.83 43.45 -15.05
CA ASP D 214 -22.84 43.61 -16.11
C ASP D 214 -22.09 42.31 -16.38
N GLY D 215 -21.49 41.74 -15.33
CA GLY D 215 -20.65 40.57 -15.46
C GLY D 215 -20.78 39.61 -14.29
N VAL D 216 -21.97 39.55 -13.69
CA VAL D 216 -22.19 38.68 -12.54
C VAL D 216 -21.93 37.23 -12.89
N LEU D 217 -22.43 36.79 -14.05
CA LEU D 217 -22.17 35.43 -14.51
C LEU D 217 -20.67 35.19 -14.75
N GLU D 218 -19.99 36.18 -15.33
CA GLU D 218 -18.55 36.05 -15.57
C GLU D 218 -17.78 35.95 -14.26
N ARG D 219 -18.16 36.77 -13.27
CA ARG D 219 -17.51 36.69 -11.96
C ARG D 219 -17.79 35.35 -11.28
N ILE D 220 -19.01 34.84 -11.41
CA ILE D 220 -19.36 33.55 -10.83
C ILE D 220 -18.52 32.44 -11.48
N LEU D 221 -18.36 32.49 -12.80
CA LEU D 221 -17.50 31.54 -13.48
C LEU D 221 -16.04 31.68 -13.05
N ASP D 222 -15.59 32.91 -12.78
CA ASP D 222 -14.24 33.11 -12.29
C ASP D 222 -14.04 32.49 -10.91
N ILE D 223 -15.06 32.62 -10.04
CA ILE D 223 -14.95 32.08 -8.69
C ILE D 223 -14.84 30.56 -8.73
N SER D 224 -15.67 29.91 -9.54
CA SER D 224 -15.62 28.47 -9.67
C SER D 224 -14.35 28.04 -10.38
N ALA D 225 -13.76 26.95 -9.92
CA ALA D 225 -12.51 26.43 -10.49
C ALA D 225 -12.79 25.52 -11.69
N GLY D 226 -13.44 26.10 -12.69
CA GLY D 226 -13.78 25.36 -13.88
C GLY D 226 -14.94 24.40 -13.73
N ASP D 227 -15.69 24.49 -12.63
CA ASP D 227 -16.81 23.62 -12.36
C ASP D 227 -18.10 24.39 -12.63
N LEU D 228 -18.87 23.93 -13.63
CA LEU D 228 -20.15 24.57 -13.91
C LEU D 228 -21.18 24.28 -12.84
N ARG D 229 -21.11 23.12 -12.18
CA ARG D 229 -22.05 22.80 -11.11
C ARG D 229 -21.94 23.79 -9.97
N ARG D 230 -20.71 24.14 -9.58
CA ARG D 230 -20.53 25.16 -8.55
C ARG D 230 -21.06 26.52 -9.00
N GLY D 231 -20.80 26.89 -10.26
CA GLY D 231 -21.33 28.14 -10.76
C GLY D 231 -22.84 28.18 -10.80
N ILE D 232 -23.46 27.08 -11.23
CA ILE D 232 -24.91 26.98 -11.22
C ILE D 232 -25.45 27.05 -9.79
N THR D 233 -24.75 26.44 -8.84
CA THR D 233 -25.18 26.50 -7.44
C THR D 233 -25.12 27.92 -6.90
N LEU D 234 -24.03 28.65 -7.18
CA LEU D 234 -23.94 30.04 -6.73
C LEU D 234 -25.00 30.90 -7.40
N LEU D 235 -25.25 30.69 -8.69
CA LEU D 235 -26.31 31.43 -9.37
C LEU D 235 -27.67 31.13 -8.77
N GLN D 236 -27.93 29.87 -8.43
CA GLN D 236 -29.20 29.50 -7.80
C GLN D 236 -29.35 30.17 -6.44
N SER D 237 -28.26 30.21 -5.65
CA SER D 237 -28.32 30.88 -4.35
C SER D 237 -28.58 32.37 -4.50
N ALA D 238 -27.91 33.01 -5.48
CA ALA D 238 -28.15 34.42 -5.74
C ALA D 238 -29.59 34.67 -6.16
N SER D 239 -30.14 33.77 -6.99
CA SER D 239 -31.54 33.89 -7.38
C SER D 239 -32.47 33.73 -6.18
N LYS D 240 -32.17 32.77 -5.30
CA LYS D 240 -32.98 32.58 -4.10
C LYS D 240 -33.01 33.84 -3.27
N GLY D 241 -31.86 34.46 -3.05
CA GLY D 241 -31.83 35.75 -2.39
C GLY D 241 -32.62 36.80 -3.14
N ALA D 242 -32.55 36.78 -4.48
CA ALA D 242 -33.25 37.77 -5.28
C ALA D 242 -34.76 37.69 -5.09
N GLN D 243 -35.33 36.49 -5.14
CA GLN D 243 -36.77 36.42 -4.90
C GLN D 243 -37.12 36.56 -3.42
N TYR D 244 -36.18 36.32 -2.51
CA TYR D 244 -36.53 36.50 -1.10
C TYR D 244 -36.60 37.98 -0.73
N LEU D 245 -35.68 38.79 -1.25
CA LEU D 245 -35.79 40.23 -1.05
C LEU D 245 -37.06 40.77 -1.69
N GLY D 246 -37.37 40.31 -2.91
CA GLY D 246 -38.63 40.65 -3.54
C GLY D 246 -38.74 42.07 -4.05
N ASP D 247 -37.66 42.83 -4.03
CA ASP D 247 -37.68 44.21 -4.50
C ASP D 247 -37.48 44.32 -6.00
N GLY D 248 -37.18 43.22 -6.69
CA GLY D 248 -36.94 43.27 -8.12
C GLY D 248 -35.73 44.10 -8.49
N LYS D 249 -34.66 44.03 -7.70
CA LYS D 249 -33.46 44.81 -7.94
C LYS D 249 -32.41 43.96 -8.66
N ASN D 250 -31.50 44.65 -9.34
CA ASN D 250 -30.48 43.98 -10.14
C ASN D 250 -29.46 43.30 -9.23
N ILE D 251 -29.08 42.09 -9.58
CA ILE D 251 -28.12 41.33 -8.78
C ILE D 251 -26.72 41.88 -9.03
N THR D 252 -26.02 42.19 -7.95
CA THR D 252 -24.67 42.75 -8.02
C THR D 252 -23.63 41.66 -7.77
N SER D 253 -22.39 41.97 -8.14
CA SER D 253 -21.28 41.03 -7.92
C SER D 253 -20.96 40.89 -6.44
N THR D 254 -21.30 41.90 -5.64
CA THR D 254 -21.04 41.83 -4.20
C THR D 254 -21.82 40.70 -3.55
N GLN D 255 -23.08 40.51 -3.97
CA GLN D 255 -23.91 39.45 -3.40
C GLN D 255 -23.33 38.08 -3.73
N VAL D 256 -22.90 37.88 -4.97
CA VAL D 256 -22.42 36.55 -5.38
C VAL D 256 -21.03 36.28 -4.82
N GLU D 257 -20.23 37.33 -4.59
CA GLU D 257 -18.94 37.10 -3.96
C GLU D 257 -19.08 36.86 -2.47
N GLU D 258 -20.07 37.49 -1.82
CA GLU D 258 -20.32 37.20 -0.41
C GLU D 258 -20.91 35.81 -0.23
N LEU D 259 -21.77 35.38 -1.16
CA LEU D 259 -22.38 34.06 -1.06
C LEU D 259 -21.37 32.95 -1.31
N ALA D 260 -20.40 33.20 -2.20
CA ALA D 260 -19.36 32.21 -2.46
C ALA D 260 -18.50 31.98 -1.22
N GLY D 261 -18.19 33.05 -0.49
CA GLY D 261 -17.36 32.96 0.69
C GLY D 261 -15.97 33.57 0.55
N VAL D 262 -15.70 34.30 -0.53
CA VAL D 262 -14.38 34.89 -0.71
C VAL D 262 -14.23 36.11 0.19
N VAL D 263 -12.98 36.47 0.46
CA VAL D 263 -12.67 37.56 1.39
C VAL D 263 -12.80 38.89 0.65
N PRO D 264 -13.44 39.90 1.24
CA PRO D 264 -13.48 41.23 0.62
C PRO D 264 -12.08 41.81 0.48
N HIS D 265 -11.93 42.65 -0.55
CA HIS D 265 -10.60 43.15 -0.93
C HIS D 265 -9.97 44.04 0.13
N ASP D 266 -10.77 44.80 0.89
CA ASP D 266 -10.19 45.69 1.90
C ASP D 266 -9.51 44.90 3.02
N ILE D 267 -10.10 43.78 3.42
CA ILE D 267 -9.48 42.93 4.43
C ILE D 267 -8.20 42.31 3.89
N LEU D 268 -8.17 41.97 2.60
CA LEU D 268 -6.92 41.52 1.98
C LEU D 268 -5.86 42.61 2.00
N ILE D 269 -6.27 43.86 1.73
CA ILE D 269 -5.33 44.97 1.73
C ILE D 269 -4.75 45.17 3.12
N GLU D 270 -5.59 45.13 4.15
CA GLU D 270 -5.06 45.30 5.51
C GLU D 270 -4.24 44.09 5.95
N ILE D 271 -4.54 42.90 5.41
CA ILE D 271 -3.69 41.74 5.64
C ILE D 271 -2.30 41.99 5.07
N VAL D 272 -2.24 42.52 3.85
CA VAL D 272 -0.95 42.85 3.24
C VAL D 272 -0.23 43.93 4.04
N GLU D 273 -0.98 44.90 4.57
CA GLU D 273 -0.39 45.94 5.39
C GLU D 273 0.22 45.37 6.66
N LYS D 274 -0.48 44.44 7.32
CA LYS D 274 0.08 43.78 8.50
C LYS D 274 1.31 42.95 8.14
N VAL D 275 1.28 42.28 6.98
CA VAL D 275 2.42 41.48 6.55
C VAL D 275 3.65 42.37 6.32
N LYS D 276 3.45 43.53 5.70
CA LYS D 276 4.56 44.42 5.40
C LYS D 276 5.19 44.99 6.66
N SER D 277 4.45 45.03 7.78
CA SER D 277 4.99 45.56 9.02
C SER D 277 6.13 44.69 9.55
N GLY D 278 5.93 43.37 9.53
CA GLY D 278 6.94 42.42 9.97
C GLY D 278 6.88 42.06 11.43
N ASP D 279 6.04 42.72 12.22
CA ASP D 279 5.93 42.41 13.64
C ASP D 279 5.15 41.11 13.81
N PHE D 280 5.72 40.16 14.55
CA PHE D 280 5.08 38.86 14.70
C PHE D 280 3.83 38.95 15.57
N ASP D 281 3.85 39.75 16.62
CA ASP D 281 2.75 39.76 17.58
C ASP D 281 1.47 40.29 16.95
N GLU D 282 1.57 41.41 16.24
CA GLU D 282 0.40 41.96 15.56
C GLU D 282 -0.11 41.02 14.49
N ILE D 283 0.80 40.36 13.77
CA ILE D 283 0.41 39.40 12.74
C ILE D 283 -0.37 38.24 13.36
N LYS D 284 0.13 37.70 14.48
CA LYS D 284 -0.55 36.58 15.13
C LYS D 284 -1.90 37.00 15.69
N LYS D 285 -1.98 38.20 16.28
CA LYS D 285 -3.25 38.69 16.81
C LYS D 285 -4.27 38.85 15.69
N TYR D 286 -3.85 39.42 14.55
CA TYR D 286 -4.79 39.60 13.45
C TYR D 286 -5.13 38.26 12.81
N VAL D 287 -4.22 37.29 12.84
CA VAL D 287 -4.52 35.96 12.34
C VAL D 287 -5.61 35.30 13.19
N ASN D 288 -5.51 35.43 14.51
CA ASN D 288 -6.56 34.92 15.39
C ASN D 288 -7.88 35.63 15.13
N THR D 289 -7.82 36.96 14.94
CA THR D 289 -9.01 37.74 14.60
C THR D 289 -9.63 37.26 13.30
N PHE D 290 -8.80 36.88 12.33
CA PHE D 290 -9.28 36.44 11.03
C PHE D 290 -9.87 35.04 11.10
N MET D 291 -9.24 34.14 11.87
CA MET D 291 -9.75 32.78 12.01
C MET D 291 -11.01 32.70 12.84
N LYS D 292 -11.25 33.66 13.75
CA LYS D 292 -12.56 33.58 14.39
C LYS D 292 -13.67 34.06 13.46
N SER D 293 -13.33 34.62 12.29
CA SER D 293 -14.35 34.92 11.29
C SER D 293 -14.80 33.65 10.57
N GLY D 294 -13.87 32.74 10.30
CA GLY D 294 -14.21 31.46 9.71
C GLY D 294 -14.05 31.34 8.21
N TRP D 295 -13.42 32.33 7.56
CA TRP D 295 -13.21 32.27 6.12
C TRP D 295 -12.17 31.19 5.78
N SER D 296 -12.44 30.45 4.72
CA SER D 296 -11.61 29.31 4.35
C SER D 296 -10.22 29.76 3.89
N ALA D 297 -9.20 29.05 4.37
CA ALA D 297 -7.82 29.43 4.08
C ALA D 297 -7.44 29.23 2.62
N ALA D 298 -8.11 28.30 1.91
CA ALA D 298 -7.85 28.14 0.48
C ALA D 298 -8.23 29.39 -0.29
N SER D 299 -9.36 30.00 0.08
CA SER D 299 -9.74 31.27 -0.55
C SER D 299 -8.73 32.37 -0.23
N VAL D 300 -8.20 32.38 0.99
CA VAL D 300 -7.19 33.37 1.35
C VAL D 300 -5.93 33.17 0.53
N VAL D 301 -5.51 31.92 0.34
CA VAL D 301 -4.34 31.63 -0.48
C VAL D 301 -4.58 32.09 -1.92
N ASN D 302 -5.77 31.81 -2.45
CA ASN D 302 -6.08 32.23 -3.83
C ASN D 302 -6.08 33.74 -3.96
N GLN D 303 -6.64 34.45 -2.98
CA GLN D 303 -6.70 35.91 -3.06
C GLN D 303 -5.33 36.54 -2.89
N LEU D 304 -4.52 36.03 -1.97
CA LEU D 304 -3.14 36.50 -1.84
C LEU D 304 -2.36 36.23 -3.13
N HIS D 305 -2.62 35.09 -3.76
CA HIS D 305 -2.01 34.80 -5.05
C HIS D 305 -2.40 35.84 -6.10
N GLU D 306 -3.69 36.07 -6.29
CA GLU D 306 -4.11 36.98 -7.35
C GLU D 306 -3.80 38.43 -7.02
N TYR D 307 -3.49 38.75 -5.77
CA TYR D 307 -3.03 40.10 -5.44
C TYR D 307 -1.52 40.25 -5.68
N TYR D 308 -0.73 39.32 -5.14
CA TYR D 308 0.73 39.46 -5.21
C TYR D 308 1.27 39.21 -6.62
N ILE D 309 0.72 38.24 -7.34
CA ILE D 309 1.24 37.93 -8.68
C ILE D 309 0.89 39.04 -9.66
N THR D 310 -0.34 39.56 -9.60
CA THR D 310 -0.77 40.56 -10.56
C THR D 310 -0.08 41.91 -10.32
N ASN D 311 0.20 42.23 -9.06
CA ASN D 311 0.84 43.50 -8.74
C ASN D 311 2.27 43.54 -9.28
N ASP D 312 2.74 44.75 -9.59
CA ASP D 312 4.05 44.93 -10.20
C ASP D 312 5.10 45.48 -9.24
N ASN D 313 4.69 46.00 -8.06
CA ASN D 313 5.67 46.59 -7.15
C ASN D 313 6.56 45.54 -6.51
N PHE D 314 6.06 44.31 -6.33
CA PHE D 314 6.86 43.25 -5.74
C PHE D 314 7.93 42.77 -6.73
N ASP D 315 9.09 42.41 -6.18
CA ASP D 315 10.22 41.99 -6.99
C ASP D 315 10.01 40.56 -7.52
N THR D 316 10.81 40.20 -8.53
CA THR D 316 10.68 38.90 -9.16
C THR D 316 11.02 37.77 -8.19
N ASN D 317 12.11 37.92 -7.44
CA ASN D 317 12.48 36.88 -6.49
C ASN D 317 11.44 36.75 -5.38
N PHE D 318 10.90 37.88 -4.91
CA PHE D 318 9.83 37.83 -3.92
C PHE D 318 8.60 37.12 -4.49
N LYS D 319 8.29 37.38 -5.76
CA LYS D 319 7.15 36.72 -6.38
C LYS D 319 7.36 35.22 -6.49
N ASN D 320 8.57 34.79 -6.88
CA ASN D 320 8.86 33.36 -6.95
C ASN D 320 8.74 32.71 -5.57
N GLN D 321 9.30 33.36 -4.55
CA GLN D 321 9.26 32.82 -3.21
C GLN D 321 7.81 32.70 -2.71
N ILE D 322 7.01 33.76 -2.91
CA ILE D 322 5.64 33.72 -2.40
C ILE D 322 4.81 32.73 -3.21
N SER D 323 5.09 32.55 -4.49
CA SER D 323 4.38 31.54 -5.27
C SER D 323 4.68 30.14 -4.73
N TRP D 324 5.96 29.87 -4.45
CA TRP D 324 6.31 28.56 -3.89
C TRP D 324 5.66 28.35 -2.52
N LEU D 325 5.65 29.39 -1.68
CA LEU D 325 5.05 29.26 -0.36
C LEU D 325 3.55 29.05 -0.43
N LEU D 326 2.86 29.78 -1.34
CA LEU D 326 1.43 29.57 -1.51
C LEU D 326 1.13 28.18 -2.04
N PHE D 327 1.96 27.68 -2.96
CA PHE D 327 1.78 26.32 -3.45
C PHE D 327 1.93 25.29 -2.34
N THR D 328 2.97 25.47 -1.51
CA THR D 328 3.18 24.54 -0.39
C THR D 328 2.02 24.60 0.60
N THR D 329 1.54 25.80 0.90
CA THR D 329 0.42 25.94 1.82
C THR D 329 -0.84 25.28 1.25
N ASP D 330 -1.11 25.48 -0.04
CA ASP D 330 -2.29 24.87 -0.65
C ASP D 330 -2.17 23.35 -0.68
N SER D 331 -0.98 22.83 -1.00
CA SER D 331 -0.78 21.39 -1.02
C SER D 331 -0.96 20.79 0.36
N ARG D 332 -0.47 21.47 1.40
CA ARG D 332 -0.68 20.98 2.76
C ARG D 332 -2.14 21.08 3.17
N LEU D 333 -2.84 22.13 2.73
CA LEU D 333 -4.27 22.26 3.04
C LEU D 333 -5.09 21.18 2.34
N ASN D 334 -4.62 20.71 1.18
CA ASN D 334 -5.30 19.60 0.52
C ASN D 334 -5.24 18.33 1.37
N ASN D 335 -4.14 18.14 2.10
CA ASN D 335 -3.98 16.97 2.95
C ASN D 335 -4.47 17.27 4.36
N GLY D 336 -5.71 17.75 4.50
CA GLY D 336 -6.28 18.03 5.80
C GLY D 336 -5.62 19.17 6.54
N THR D 337 -4.97 18.85 7.66
CA THR D 337 -4.28 19.81 8.53
C THR D 337 -5.23 20.88 9.08
N ASN D 338 -4.67 21.84 9.79
CA ASN D 338 -5.43 22.93 10.38
C ASN D 338 -5.16 24.22 9.60
N GLU D 339 -6.22 24.88 9.17
CA GLU D 339 -6.08 26.08 8.35
C GLU D 339 -5.40 27.22 9.11
N HIS D 340 -5.64 27.31 10.42
CA HIS D 340 -5.05 28.36 11.22
C HIS D 340 -3.52 28.33 11.15
N ILE D 341 -2.94 27.15 11.43
CA ILE D 341 -1.49 27.01 11.40
C ILE D 341 -0.95 27.28 10.00
N GLN D 342 -1.62 26.77 8.98
CA GLN D 342 -1.14 26.93 7.60
C GLN D 342 -1.09 28.40 7.21
N LEU D 343 -2.18 29.13 7.44
CA LEU D 343 -2.18 30.54 7.02
C LEU D 343 -1.29 31.40 7.90
N LEU D 344 -1.21 31.11 9.20
CA LEU D 344 -0.30 31.87 10.06
C LEU D 344 1.15 31.66 9.63
N ASN D 345 1.53 30.42 9.32
CA ASN D 345 2.88 30.14 8.86
C ASN D 345 3.13 30.79 7.50
N LEU D 346 2.11 30.80 6.63
CA LEU D 346 2.24 31.44 5.33
C LEU D 346 2.50 32.95 5.48
N LEU D 347 1.74 33.60 6.37
CA LEU D 347 1.93 35.02 6.59
C LEU D 347 3.29 35.32 7.21
N VAL D 348 3.73 34.48 8.16
CA VAL D 348 5.04 34.66 8.75
C VAL D 348 6.14 34.49 7.70
N LYS D 349 6.01 33.48 6.84
CA LYS D 349 6.99 33.23 5.79
C LYS D 349 7.07 34.39 4.82
N ILE D 350 5.92 34.88 4.34
CA ILE D 350 5.94 35.98 3.38
C ILE D 350 6.34 37.29 4.03
N SER D 351 6.22 37.40 5.36
CA SER D 351 6.64 38.61 6.05
C SER D 351 8.15 38.70 6.20
N GLN D 352 8.86 37.55 6.19
CA GLN D 352 10.30 37.52 6.38
C GLN D 352 11.06 37.33 5.07
N LEU D 353 10.38 37.44 3.93
CA LEU D 353 11.05 37.32 2.63
C LEU D 353 11.86 38.58 2.33
N MET E 1 -33.31 20.08 30.10
CA MET E 1 -32.11 19.50 30.68
C MET E 1 -31.48 20.47 31.67
N SER E 2 -30.93 19.94 32.77
CA SER E 2 -30.34 20.78 33.81
C SER E 2 -29.14 21.56 33.30
N LEU E 3 -28.45 21.05 32.29
CA LEU E 3 -27.26 21.71 31.78
C LEU E 3 -27.62 23.04 31.13
N TRP E 4 -26.74 24.04 31.28
CA TRP E 4 -27.07 25.39 30.86
C TRP E 4 -26.85 25.61 29.37
N VAL E 5 -25.97 24.82 28.74
CA VAL E 5 -25.65 25.05 27.34
C VAL E 5 -26.84 24.69 26.43
N ASP E 6 -27.57 23.65 26.78
CA ASP E 6 -28.59 23.12 25.87
C ASP E 6 -30.01 23.57 26.20
N LYS E 7 -30.28 24.10 27.41
CA LYS E 7 -31.60 24.65 27.66
C LYS E 7 -31.86 25.85 26.78
N TYR E 8 -30.87 26.74 26.66
CA TYR E 8 -31.03 28.01 25.97
C TYR E 8 -30.50 27.88 24.54
N ARG E 9 -31.19 27.06 23.78
CA ARG E 9 -30.85 26.76 22.40
C ARG E 9 -32.06 27.13 21.54
N PRO E 10 -31.87 27.93 20.49
CA PRO E 10 -33.01 28.35 19.68
C PRO E 10 -33.66 27.18 18.97
N LYS E 11 -34.99 27.26 18.83
CA LYS E 11 -35.77 26.20 18.20
C LYS E 11 -36.32 26.64 16.85
N SER E 12 -35.97 27.83 16.38
CA SER E 12 -36.38 28.30 15.06
C SER E 12 -35.47 29.47 14.67
N LEU E 13 -35.63 29.92 13.43
CA LEU E 13 -34.82 31.03 12.94
C LEU E 13 -35.18 32.33 13.65
N ASN E 14 -36.45 32.51 14.00
CA ASN E 14 -36.86 33.74 14.69
C ASN E 14 -36.24 33.83 16.08
N ALA E 15 -36.03 32.69 16.73
CA ALA E 15 -35.38 32.64 18.03
C ALA E 15 -33.86 32.71 17.95
N LEU E 16 -33.30 32.69 16.75
CA LEU E 16 -31.85 32.72 16.56
C LEU E 16 -31.36 34.16 16.58
N SER E 17 -30.50 34.48 17.54
CA SER E 17 -29.89 35.81 17.65
C SER E 17 -28.38 35.77 17.44
N HIS E 18 -27.84 34.66 16.94
CA HIS E 18 -26.40 34.54 16.74
C HIS E 18 -25.93 35.49 15.65
N ASN E 19 -26.60 35.49 14.50
CA ASN E 19 -26.26 36.38 13.41
C ASN E 19 -27.51 36.66 12.59
N GLU E 20 -27.47 37.77 11.85
CA GLU E 20 -28.63 38.20 11.08
C GLU E 20 -28.51 37.96 9.58
N GLU E 21 -27.33 38.17 8.99
CA GLU E 21 -27.18 37.89 7.56
C GLU E 21 -27.37 36.41 7.26
N LEU E 22 -26.78 35.54 8.08
CA LEU E 22 -26.97 34.11 7.88
C LEU E 22 -28.40 33.68 8.16
N THR E 23 -29.06 34.30 9.13
CA THR E 23 -30.48 34.01 9.35
C THR E 23 -31.31 34.40 8.12
N ASN E 24 -30.99 35.57 7.53
CA ASN E 24 -31.67 36.00 6.32
C ASN E 24 -31.46 35.01 5.18
N PHE E 25 -30.22 34.54 5.01
CA PHE E 25 -29.96 33.56 3.96
C PHE E 25 -30.67 32.24 4.23
N LEU E 26 -30.72 31.79 5.49
CA LEU E 26 -31.38 30.54 5.82
C LEU E 26 -32.88 30.64 5.53
N LYS E 27 -33.51 31.75 5.89
CA LYS E 27 -34.94 31.87 5.58
C LYS E 27 -35.19 32.16 4.10
N SER E 28 -34.19 32.71 3.38
CA SER E 28 -34.30 32.80 1.94
C SER E 28 -34.31 31.41 1.29
N LEU E 29 -33.44 30.52 1.76
CA LEU E 29 -33.48 29.14 1.28
C LEU E 29 -34.76 28.44 1.69
N SER E 30 -35.23 28.69 2.92
CA SER E 30 -36.47 28.09 3.40
C SER E 30 -37.71 28.66 2.73
N ASP E 31 -37.60 29.81 2.05
CA ASP E 31 -38.75 30.37 1.35
C ASP E 31 -39.23 29.44 0.25
N GLN E 32 -38.30 28.82 -0.49
CA GLN E 32 -38.62 27.85 -1.54
C GLN E 32 -37.89 26.56 -1.22
N PRO E 33 -38.49 25.68 -0.40
CA PRO E 33 -37.81 24.43 -0.03
C PRO E 33 -37.73 23.42 -1.16
N ARG E 34 -38.40 23.68 -2.28
CA ARG E 34 -38.42 22.72 -3.39
C ARG E 34 -37.02 22.52 -3.96
N ASP E 35 -36.42 23.58 -4.47
CA ASP E 35 -35.10 23.50 -5.09
C ASP E 35 -33.98 23.70 -4.06
N LEU E 36 -33.99 22.87 -3.02
CA LEU E 36 -32.99 22.99 -1.97
C LEU E 36 -31.78 22.13 -2.31
N PRO E 37 -30.60 22.72 -2.51
CA PRO E 37 -29.40 21.91 -2.80
C PRO E 37 -28.83 21.30 -1.54
N HIS E 38 -27.83 20.44 -1.74
CA HIS E 38 -27.10 19.87 -0.61
C HIS E 38 -26.30 20.97 0.10
N LEU E 39 -26.41 21.01 1.43
CA LEU E 39 -25.84 22.09 2.22
C LEU E 39 -24.53 21.66 2.86
N LEU E 40 -23.69 22.67 3.15
CA LEU E 40 -22.41 22.47 3.83
C LEU E 40 -22.19 23.66 4.74
N LEU E 41 -22.50 23.50 6.02
CA LEU E 41 -22.26 24.56 7.00
C LEU E 41 -20.87 24.39 7.59
N TYR E 42 -20.05 25.44 7.50
CA TYR E 42 -18.70 25.39 8.03
C TYR E 42 -18.39 26.64 8.83
N GLY E 43 -17.46 26.49 9.77
CA GLY E 43 -17.02 27.58 10.60
C GLY E 43 -16.30 27.07 11.83
N PRO E 44 -15.87 27.97 12.70
CA PRO E 44 -15.27 27.54 13.97
C PRO E 44 -16.29 26.87 14.86
N ASN E 45 -15.78 26.04 15.77
CA ASN E 45 -16.64 25.29 16.68
C ASN E 45 -17.38 26.23 17.64
N GLY E 46 -18.59 25.82 18.01
CA GLY E 46 -19.41 26.57 18.94
C GLY E 46 -20.26 27.66 18.32
N THR E 47 -20.33 27.74 16.99
CA THR E 47 -21.12 28.77 16.33
C THR E 47 -22.58 28.37 16.15
N GLY E 48 -22.99 27.22 16.65
CA GLY E 48 -24.36 26.78 16.49
C GLY E 48 -24.70 26.26 15.11
N LYS E 49 -23.74 25.64 14.43
CA LYS E 49 -24.03 25.07 13.11
C LYS E 49 -25.08 23.96 13.19
N LYS E 50 -24.99 23.11 14.21
CA LYS E 50 -26.01 22.09 14.42
C LYS E 50 -27.36 22.74 14.71
N THR E 51 -27.36 23.79 15.54
CA THR E 51 -28.60 24.49 15.85
C THR E 51 -29.19 25.15 14.62
N ARG E 52 -28.33 25.73 13.77
CA ARG E 52 -28.82 26.35 12.54
C ARG E 52 -29.41 25.32 11.60
N CYS E 53 -28.76 24.16 11.48
CA CYS E 53 -29.32 23.08 10.67
C CYS E 53 -30.67 22.64 11.23
N MET E 54 -30.78 22.50 12.55
CA MET E 54 -32.05 22.14 13.16
C MET E 54 -33.13 23.15 12.81
N ALA E 55 -32.86 24.43 13.10
CA ALA E 55 -33.86 25.48 12.89
C ALA E 55 -34.26 25.58 11.42
N LEU E 56 -33.32 25.32 10.52
CA LEU E 56 -33.68 25.23 9.11
C LEU E 56 -34.61 24.05 8.84
N LEU E 57 -34.40 22.92 9.52
CA LEU E 57 -35.31 21.80 9.37
C LEU E 57 -36.73 22.13 9.83
N GLU E 58 -36.89 22.73 11.02
CA GLU E 58 -38.25 23.13 11.41
C GLU E 58 -38.80 24.27 10.55
N SER E 59 -37.93 25.10 9.98
CA SER E 59 -38.42 26.08 9.00
C SER E 59 -38.93 25.39 7.74
N ILE E 60 -38.37 24.24 7.41
CA ILE E 60 -38.79 23.50 6.22
C ILE E 60 -39.78 22.39 6.58
N PHE E 61 -39.44 21.54 7.53
CA PHE E 61 -40.26 20.38 7.87
C PHE E 61 -41.32 20.66 8.91
N GLY E 62 -41.38 21.87 9.46
CA GLY E 62 -42.38 22.21 10.44
C GLY E 62 -42.03 21.69 11.83
N PRO E 63 -43.03 21.62 12.71
CA PRO E 63 -42.77 21.21 14.09
C PRO E 63 -42.64 19.69 14.21
N GLY E 64 -42.23 19.26 15.40
CA GLY E 64 -42.04 17.86 15.70
C GLY E 64 -40.68 17.30 15.34
N VAL E 65 -39.79 18.13 14.79
CA VAL E 65 -38.49 17.64 14.37
C VAL E 65 -37.63 17.26 15.57
N TYR E 66 -37.71 18.01 16.67
CA TYR E 66 -36.90 17.70 17.84
C TYR E 66 -37.33 16.42 18.55
N ARG E 67 -38.45 15.81 18.18
CA ARG E 67 -38.84 14.53 18.77
C ARG E 67 -37.97 13.45 18.12
N LEU E 68 -36.75 13.31 18.63
CA LEU E 68 -35.81 12.31 18.16
C LEU E 68 -35.88 11.06 19.03
N LYS E 69 -35.32 9.98 18.49
CA LYS E 69 -35.23 8.71 19.19
C LYS E 69 -33.91 8.05 18.81
N ILE E 70 -33.60 6.94 19.48
CA ILE E 70 -32.35 6.22 19.26
C ILE E 70 -32.69 4.81 18.78
N ASP E 71 -32.14 4.42 17.64
CA ASP E 71 -32.36 3.10 17.06
C ASP E 71 -31.02 2.39 16.91
N VAL E 72 -31.06 1.05 17.04
CA VAL E 72 -29.87 0.22 16.99
C VAL E 72 -29.98 -0.70 15.77
N ARG E 73 -28.90 -0.75 14.98
CA ARG E 73 -28.82 -1.61 13.82
C ARG E 73 -27.54 -2.44 13.88
N GLN E 74 -27.41 -3.40 12.98
CA GLN E 74 -26.26 -4.30 12.91
C GLN E 74 -25.51 -4.06 11.61
N PHE E 75 -24.18 -4.02 11.71
CA PHE E 75 -23.32 -3.72 10.56
C PHE E 75 -22.28 -4.82 10.42
N VAL E 76 -22.02 -5.24 9.19
CA VAL E 76 -21.10 -6.33 8.88
C VAL E 76 -19.99 -5.79 7.99
N THR E 77 -18.75 -6.17 8.30
CA THR E 77 -17.58 -5.74 7.55
C THR E 77 -16.66 -6.94 7.36
N ALA E 78 -15.41 -6.69 6.99
CA ALA E 78 -14.44 -7.75 6.77
C ALA E 78 -14.25 -8.59 8.03
N SER E 79 -14.02 -9.88 7.83
CA SER E 79 -13.96 -10.90 8.90
C SER E 79 -15.32 -10.88 9.61
N ASN E 80 -15.36 -10.81 10.94
CA ASN E 80 -16.61 -10.78 11.69
C ASN E 80 -16.58 -9.66 12.73
N ARG E 81 -16.01 -8.52 12.36
CA ARG E 81 -15.93 -7.36 13.24
C ARG E 81 -17.29 -6.68 13.27
N LYS E 82 -18.14 -7.15 14.18
CA LYS E 82 -19.50 -6.62 14.28
C LYS E 82 -19.48 -5.18 14.76
N LEU E 83 -20.27 -4.34 14.09
CA LEU E 83 -20.41 -2.93 14.44
C LEU E 83 -21.88 -2.62 14.70
N GLU E 84 -22.12 -1.82 15.73
CA GLU E 84 -23.47 -1.47 16.17
C GLU E 84 -23.59 0.03 16.40
N LEU E 85 -23.12 0.82 15.43
CA LEU E 85 -23.26 2.27 15.51
C LEU E 85 -24.73 2.66 15.52
N ASN E 86 -25.09 3.54 16.43
CA ASN E 86 -26.49 3.93 16.62
C ASN E 86 -26.88 5.06 15.68
N VAL E 87 -28.11 4.99 15.19
CA VAL E 87 -28.71 6.06 14.40
C VAL E 87 -29.73 6.77 15.27
N VAL E 88 -29.69 8.11 15.25
CA VAL E 88 -30.56 8.92 16.10
C VAL E 88 -31.80 9.23 15.24
N SER E 89 -32.77 8.31 15.30
CA SER E 89 -33.94 8.36 14.44
C SER E 89 -34.93 9.42 14.91
N SER E 90 -35.83 9.79 14.01
CA SER E 90 -36.88 10.76 14.27
C SER E 90 -37.89 10.70 13.13
N PRO E 91 -39.12 11.19 13.34
CA PRO E 91 -40.03 11.37 12.21
C PRO E 91 -39.46 12.33 11.19
N TYR E 92 -39.80 12.09 9.92
CA TYR E 92 -39.25 12.82 8.79
C TYR E 92 -37.73 12.67 8.73
N HIS E 93 -37.00 13.63 9.28
CA HIS E 93 -35.55 13.56 9.30
C HIS E 93 -35.03 12.37 10.10
N LEU E 94 -33.91 11.83 9.63
CA LEU E 94 -33.13 10.84 10.37
C LEU E 94 -31.72 11.39 10.55
N GLU E 95 -31.20 11.31 11.78
CA GLU E 95 -29.92 11.90 12.14
C GLU E 95 -28.94 10.78 12.52
N ILE E 96 -27.72 10.86 11.99
CA ILE E 96 -26.68 9.88 12.29
C ILE E 96 -25.33 10.57 12.17
N THR E 97 -24.40 10.17 13.05
CA THR E 97 -23.04 10.70 13.04
C THR E 97 -22.06 9.57 12.78
N PRO E 98 -21.14 9.73 11.80
CA PRO E 98 -20.15 8.68 11.49
C PRO E 98 -19.01 8.60 12.48
N SER E 99 -19.34 8.50 13.77
CA SER E 99 -18.34 8.46 14.83
C SER E 99 -17.91 7.01 15.09
N ASP E 100 -17.48 6.36 14.02
CA ASP E 100 -16.97 4.99 14.09
C ASP E 100 -15.49 5.03 14.47
N MET E 101 -14.82 3.88 14.33
CA MET E 101 -13.39 3.79 14.62
C MET E 101 -12.52 4.41 13.54
N GLY E 102 -13.12 5.01 12.51
CA GLY E 102 -12.35 5.66 11.46
C GLY E 102 -11.73 4.73 10.44
N ASN E 103 -12.21 3.50 10.34
CA ASN E 103 -11.65 2.54 9.39
C ASN E 103 -12.71 1.93 8.50
N ASN E 104 -13.91 1.72 9.04
CA ASN E 104 -14.98 1.08 8.28
C ASN E 104 -16.26 1.92 8.31
N ASP E 105 -16.13 3.22 8.05
CA ASP E 105 -17.30 4.09 8.00
C ASP E 105 -18.05 3.94 6.69
N ARG E 106 -17.48 3.25 5.69
CA ARG E 106 -18.15 3.08 4.41
C ARG E 106 -19.43 2.28 4.54
N ILE E 107 -19.37 1.15 5.27
CA ILE E 107 -20.49 0.22 5.30
C ILE E 107 -21.70 0.84 5.98
N VAL E 108 -21.48 1.58 7.07
CA VAL E 108 -22.59 2.18 7.81
C VAL E 108 -23.30 3.22 6.96
N ILE E 109 -22.54 4.13 6.36
CA ILE E 109 -23.13 5.19 5.55
C ILE E 109 -23.86 4.60 4.35
N GLN E 110 -23.23 3.64 3.66
CA GLN E 110 -23.86 3.03 2.50
C GLN E 110 -25.15 2.30 2.87
N GLU E 111 -25.11 1.53 3.97
CA GLU E 111 -26.28 0.76 4.37
C GLU E 111 -27.43 1.69 4.77
N LEU E 112 -27.14 2.72 5.57
CA LEU E 112 -28.19 3.65 5.98
C LEU E 112 -28.78 4.40 4.78
N LEU E 113 -27.92 4.84 3.85
CA LEU E 113 -28.44 5.59 2.71
C LEU E 113 -29.27 4.71 1.79
N LYS E 114 -28.82 3.47 1.53
CA LYS E 114 -29.59 2.57 0.69
C LYS E 114 -30.88 2.13 1.38
N GLU E 115 -30.89 2.09 2.71
CA GLU E 115 -32.12 1.74 3.42
C GLU E 115 -33.12 2.88 3.40
N VAL E 116 -32.65 4.12 3.57
CA VAL E 116 -33.55 5.27 3.54
C VAL E 116 -33.88 5.73 2.12
N ALA E 117 -33.24 5.15 1.10
CA ALA E 117 -33.55 5.50 -0.28
C ALA E 117 -34.86 4.88 -0.77
N GLN E 118 -35.54 4.07 0.05
CA GLN E 118 -36.77 3.44 -0.39
C GLN E 118 -37.86 4.48 -0.67
N MET E 119 -37.97 5.49 0.19
CA MET E 119 -38.98 6.53 0.03
C MET E 119 -38.56 7.77 0.80
N HIS E 133 -41.15 17.68 2.82
CA HIS E 133 -42.40 17.18 2.27
C HIS E 133 -42.32 15.69 1.99
N ARG E 134 -41.48 15.31 1.02
CA ARG E 134 -41.31 13.91 0.66
C ARG E 134 -39.83 13.54 0.62
N TYR E 135 -38.96 14.53 0.45
CA TYR E 135 -37.52 14.29 0.42
C TYR E 135 -36.99 14.30 1.84
N LYS E 136 -36.18 13.29 2.18
CA LYS E 136 -35.64 13.17 3.52
C LYS E 136 -34.25 13.76 3.59
N CYS E 137 -34.06 14.74 4.46
CA CYS E 137 -32.76 15.35 4.67
C CYS E 137 -31.94 14.51 5.65
N VAL E 138 -30.62 14.49 5.44
CA VAL E 138 -29.69 13.81 6.32
C VAL E 138 -28.57 14.78 6.70
N ILE E 139 -28.32 14.91 7.99
CA ILE E 139 -27.15 15.63 8.52
C ILE E 139 -26.25 14.64 9.22
N ILE E 140 -24.96 14.67 8.87
CA ILE E 140 -23.92 13.95 9.60
C ILE E 140 -22.94 14.97 10.14
N ASN E 141 -22.48 14.75 11.38
CA ASN E 141 -21.57 15.67 12.04
C ASN E 141 -20.13 15.23 11.82
N GLU E 142 -19.19 16.05 12.30
CA GLU E 142 -17.74 15.86 12.21
C GLU E 142 -17.32 15.32 10.84
N ALA E 143 -17.90 15.87 9.77
CA ALA E 143 -17.64 15.38 8.43
C ALA E 143 -16.22 15.62 7.96
N ASN E 144 -15.46 16.49 8.64
CA ASN E 144 -14.08 16.73 8.26
C ASN E 144 -13.21 15.49 8.40
N SER E 145 -13.41 14.71 9.45
CA SER E 145 -12.58 13.56 9.74
C SER E 145 -13.03 12.30 9.02
N LEU E 146 -13.75 12.45 7.90
CA LEU E 146 -14.15 11.30 7.10
C LEU E 146 -12.93 10.66 6.44
N THR E 147 -13.04 9.36 6.16
CA THR E 147 -11.90 8.56 5.71
C THR E 147 -11.70 8.61 4.20
N LYS E 148 -12.25 9.62 3.51
CA LYS E 148 -12.04 9.87 2.09
C LYS E 148 -12.71 8.80 1.22
N ASP E 149 -13.25 7.76 1.86
CA ASP E 149 -13.98 6.71 1.17
C ASP E 149 -15.48 6.82 1.35
N ALA E 150 -15.94 7.18 2.55
CA ALA E 150 -17.34 7.53 2.73
C ALA E 150 -17.72 8.73 1.88
N GLN E 151 -16.79 9.68 1.72
CA GLN E 151 -17.02 10.79 0.79
C GLN E 151 -17.16 10.29 -0.64
N ALA E 152 -16.36 9.29 -1.02
CA ALA E 152 -16.48 8.70 -2.35
C ALA E 152 -17.84 8.04 -2.53
N ALA E 153 -18.35 7.39 -1.49
CA ALA E 153 -19.69 6.82 -1.55
C ALA E 153 -20.75 7.91 -1.70
N LEU E 154 -20.63 8.99 -0.92
CA LEU E 154 -21.58 10.09 -0.99
C LEU E 154 -21.58 10.73 -2.37
N ARG E 155 -20.40 10.79 -3.01
CA ARG E 155 -20.24 11.44 -4.30
C ARG E 155 -21.23 10.92 -5.33
N ARG E 156 -21.52 9.62 -5.30
CA ARG E 156 -22.55 9.06 -6.17
C ARG E 156 -23.90 8.97 -5.47
N THR E 157 -23.93 8.70 -4.16
CA THR E 157 -25.20 8.44 -3.48
C THR E 157 -26.10 9.68 -3.50
N MET E 158 -25.53 10.86 -3.21
CA MET E 158 -26.35 12.07 -3.25
C MET E 158 -26.52 12.61 -4.65
N GLU E 159 -25.71 12.15 -5.61
CA GLU E 159 -25.94 12.54 -7.00
C GLU E 159 -27.13 11.78 -7.60
N LYS E 160 -27.19 10.47 -7.38
CA LYS E 160 -28.28 9.68 -7.95
C LYS E 160 -29.59 9.88 -7.17
N TYR E 161 -29.52 9.98 -5.85
CA TYR E 161 -30.70 10.18 -5.02
C TYR E 161 -30.93 11.66 -4.72
N SER E 162 -30.98 12.47 -5.77
CA SER E 162 -31.15 13.92 -5.62
C SER E 162 -32.61 14.33 -5.53
N LYS E 163 -33.55 13.38 -5.63
CA LYS E 163 -34.97 13.68 -5.53
C LYS E 163 -35.63 13.03 -4.33
N ASN E 164 -34.90 12.24 -3.54
CA ASN E 164 -35.48 11.56 -2.40
C ASN E 164 -34.67 11.82 -1.13
N ILE E 165 -33.36 12.02 -1.28
CA ILE E 165 -32.45 12.20 -0.16
C ILE E 165 -31.71 13.52 -0.34
N ARG E 166 -31.69 14.34 0.71
CA ARG E 166 -30.89 15.56 0.72
C ARG E 166 -29.85 15.44 1.82
N LEU E 167 -28.61 15.80 1.51
CA LEU E 167 -27.48 15.55 2.38
C LEU E 167 -26.86 16.88 2.81
N ILE E 168 -26.65 17.04 4.12
CA ILE E 168 -26.13 18.27 4.70
C ILE E 168 -24.84 17.94 5.44
N MET E 169 -23.80 18.75 5.19
CA MET E 169 -22.49 18.59 5.82
C MET E 169 -22.38 19.56 7.01
N VAL E 170 -22.10 19.01 8.18
CA VAL E 170 -21.71 19.80 9.34
C VAL E 170 -20.25 19.47 9.63
N CYS E 171 -19.37 20.42 9.32
CA CYS E 171 -17.94 20.27 9.54
C CYS E 171 -17.35 21.64 9.83
N ASP E 172 -16.17 21.65 10.44
CA ASP E 172 -15.51 22.91 10.78
C ASP E 172 -14.55 23.38 9.69
N SER E 173 -14.23 22.55 8.71
CA SER E 173 -13.36 22.93 7.60
C SER E 173 -13.57 21.96 6.45
N MET E 174 -13.14 22.38 5.26
CA MET E 174 -13.16 21.51 4.08
C MET E 174 -11.77 21.11 3.62
N SER E 175 -10.73 21.46 4.37
CA SER E 175 -9.38 21.09 3.96
C SER E 175 -9.19 19.58 3.83
N PRO E 176 -9.67 18.73 4.75
CA PRO E 176 -9.67 17.29 4.46
C PRO E 176 -10.72 16.88 3.44
N ILE E 177 -11.76 17.69 3.24
CA ILE E 177 -12.84 17.34 2.34
C ILE E 177 -12.34 17.44 0.89
N ILE E 178 -12.64 16.41 0.09
CA ILE E 178 -12.18 16.38 -1.28
C ILE E 178 -13.01 17.35 -2.13
N ALA E 179 -12.50 17.63 -3.32
CA ALA E 179 -13.15 18.59 -4.23
C ALA E 179 -14.55 18.19 -4.68
N PRO E 180 -14.84 16.95 -5.09
CA PRO E 180 -16.20 16.66 -5.59
C PRO E 180 -17.31 16.91 -4.57
N ILE E 181 -17.05 16.63 -3.29
CA ILE E 181 -18.07 16.86 -2.27
C ILE E 181 -18.37 18.35 -2.15
N LYS E 182 -17.35 19.19 -2.20
CA LYS E 182 -17.56 20.63 -2.23
C LYS E 182 -18.27 21.06 -3.50
N SER E 183 -18.02 20.35 -4.60
CA SER E 183 -18.62 20.72 -5.88
C SER E 183 -20.12 20.46 -5.90
N ARG E 184 -20.57 19.30 -5.40
CA ARG E 184 -21.99 18.96 -5.40
C ARG E 184 -22.68 19.35 -4.10
N CYS E 185 -22.19 20.38 -3.41
CA CYS E 185 -22.82 20.87 -2.19
C CYS E 185 -22.74 22.39 -2.17
N LEU E 186 -23.63 23.00 -1.40
CA LEU E 186 -23.68 24.45 -1.24
C LEU E 186 -22.83 24.86 -0.04
N LEU E 187 -21.89 25.78 -0.26
CA LEU E 187 -20.95 26.21 0.77
C LEU E 187 -21.49 27.46 1.44
N ILE E 188 -22.01 27.30 2.65
CA ILE E 188 -22.46 28.42 3.48
C ILE E 188 -21.68 28.41 4.79
N ARG E 189 -21.40 29.59 5.31
CA ARG E 189 -20.43 29.76 6.39
C ARG E 189 -21.10 30.32 7.64
N CYS E 190 -20.83 29.70 8.79
CA CYS E 190 -21.32 30.20 10.08
C CYS E 190 -20.16 30.81 10.85
N PRO E 191 -20.10 32.13 10.99
CA PRO E 191 -18.96 32.76 11.66
C PRO E 191 -19.12 32.77 13.18
N ALA E 192 -17.99 33.06 13.85
CA ALA E 192 -18.06 33.24 15.29
C ALA E 192 -18.27 34.71 15.64
N PRO E 193 -19.13 34.99 16.62
CA PRO E 193 -19.45 36.37 16.95
C PRO E 193 -18.31 37.09 17.65
N SER E 194 -18.37 38.42 17.64
CA SER E 194 -17.41 39.19 18.38
C SER E 194 -17.80 39.25 19.87
N ASP E 195 -16.93 39.88 20.66
CA ASP E 195 -17.10 39.88 22.10
C ASP E 195 -18.40 40.51 22.56
N SER E 196 -18.88 41.53 21.83
CA SER E 196 -19.98 42.35 22.32
C SER E 196 -21.29 41.58 22.32
N GLU E 197 -21.63 40.89 21.22
CA GLU E 197 -22.89 40.18 21.20
C GLU E 197 -22.83 38.89 22.03
N ILE E 198 -21.63 38.33 22.23
CA ILE E 198 -21.47 37.24 23.19
C ILE E 198 -21.77 37.72 24.60
N SER E 199 -21.25 38.90 24.96
CA SER E 199 -21.57 39.48 26.26
C SER E 199 -23.06 39.77 26.36
N THR E 200 -23.68 40.20 25.26
CA THR E 200 -25.12 40.47 25.26
C THR E 200 -25.93 39.22 25.51
N ILE E 201 -25.58 38.10 24.85
CA ILE E 201 -26.34 36.87 25.02
C ILE E 201 -26.13 36.30 26.43
N LEU E 202 -24.90 36.43 26.96
CA LEU E 202 -24.68 36.01 28.34
C LEU E 202 -25.47 36.87 29.32
N SER E 203 -25.57 38.18 29.05
CA SER E 203 -26.40 39.04 29.88
C SER E 203 -27.86 38.64 29.82
N ASP E 204 -28.34 38.29 28.62
CA ASP E 204 -29.71 37.80 28.49
C ASP E 204 -29.93 36.53 29.30
N VAL E 205 -28.97 35.60 29.26
CA VAL E 205 -29.09 34.35 30.01
C VAL E 205 -29.14 34.63 31.51
N VAL E 206 -28.19 35.42 32.01
CA VAL E 206 -28.16 35.72 33.45
C VAL E 206 -29.32 36.62 33.86
N THR E 207 -29.99 37.25 32.90
CA THR E 207 -31.25 37.92 33.20
C THR E 207 -32.39 36.91 33.30
N ASN E 208 -32.36 35.87 32.45
CA ASN E 208 -33.39 34.84 32.52
C ASN E 208 -33.34 34.08 33.85
N GLU E 209 -32.18 33.55 34.23
CA GLU E 209 -32.09 32.96 35.56
C GLU E 209 -31.52 34.00 36.53
N ARG E 210 -31.11 33.57 37.72
CA ARG E 210 -30.74 34.47 38.82
C ARG E 210 -29.25 34.37 39.10
N ILE E 211 -28.49 35.37 38.63
CA ILE E 211 -27.12 35.61 39.07
C ILE E 211 -26.95 37.10 39.32
N GLN E 212 -26.41 37.45 40.48
CA GLN E 212 -26.08 38.83 40.79
C GLN E 212 -24.66 39.13 40.34
N LEU E 213 -24.51 40.16 39.50
CA LEU E 213 -23.22 40.53 38.92
C LEU E 213 -22.69 41.77 39.64
N GLU E 214 -21.50 41.65 40.22
CA GLU E 214 -20.85 42.81 40.83
C GLU E 214 -20.45 43.83 39.77
N THR E 215 -19.93 43.36 38.64
CA THR E 215 -19.51 44.23 37.55
C THR E 215 -19.81 43.52 36.23
N LYS E 216 -20.21 44.31 35.23
CA LYS E 216 -20.53 43.75 33.92
C LYS E 216 -19.32 43.23 33.17
N ASP E 217 -18.10 43.54 33.64
CA ASP E 217 -16.89 43.13 32.94
C ASP E 217 -16.63 41.63 32.99
N ILE E 218 -17.29 40.90 33.91
CA ILE E 218 -17.04 39.47 34.02
C ILE E 218 -17.47 38.74 32.75
N LEU E 219 -18.61 39.15 32.17
CA LEU E 219 -19.07 38.55 30.93
C LEU E 219 -18.11 38.85 29.77
N LYS E 220 -17.57 40.07 29.73
CA LYS E 220 -16.58 40.41 28.70
C LYS E 220 -15.32 39.56 28.86
N ARG E 221 -14.87 39.35 30.09
CA ARG E 221 -13.70 38.51 30.32
C ARG E 221 -13.98 37.06 29.93
N ILE E 222 -15.19 36.57 30.20
CA ILE E 222 -15.57 35.23 29.79
C ILE E 222 -15.56 35.12 28.27
N ALA E 223 -16.09 36.13 27.58
CA ALA E 223 -16.08 36.14 26.12
C ALA E 223 -14.67 36.16 25.57
N GLN E 224 -13.78 36.94 26.21
CA GLN E 224 -12.37 36.96 25.78
C GLN E 224 -11.71 35.61 25.99
N ALA E 225 -12.02 34.94 27.11
CA ALA E 225 -11.42 33.64 27.38
C ALA E 225 -11.90 32.58 26.38
N SER E 226 -13.19 32.61 26.03
CA SER E 226 -13.74 31.59 25.14
C SER E 226 -13.19 31.70 23.72
N ASN E 227 -12.80 32.91 23.30
CA ASN E 227 -12.23 33.16 21.97
C ASN E 227 -13.20 32.72 20.86
N GLY E 228 -14.44 33.15 20.99
CA GLY E 228 -15.44 32.88 19.96
C GLY E 228 -16.01 31.49 20.00
N ASN E 229 -16.70 31.14 21.09
CA ASN E 229 -17.32 29.83 21.23
C ASN E 229 -18.49 29.97 22.20
N LEU E 230 -19.71 29.78 21.70
CA LEU E 230 -20.90 29.97 22.54
C LEU E 230 -21.04 28.84 23.56
N ARG E 231 -20.78 27.60 23.15
CA ARG E 231 -20.87 26.48 24.08
C ARG E 231 -19.84 26.61 25.20
N VAL E 232 -18.61 27.00 24.86
CA VAL E 232 -17.58 27.24 25.86
C VAL E 232 -18.00 28.36 26.80
N SER E 233 -18.58 29.43 26.24
CA SER E 233 -19.02 30.55 27.06
C SER E 233 -20.11 30.13 28.04
N LEU E 234 -21.08 29.33 27.58
CA LEU E 234 -22.16 28.91 28.46
C LEU E 234 -21.67 27.95 29.54
N LEU E 235 -20.77 27.03 29.17
CA LEU E 235 -20.20 26.12 30.17
C LEU E 235 -19.39 26.89 31.20
N MET E 236 -18.62 27.89 30.76
CA MET E 236 -17.87 28.72 31.69
C MET E 236 -18.80 29.51 32.59
N LEU E 237 -19.91 30.03 32.04
CA LEU E 237 -20.87 30.77 32.86
C LEU E 237 -21.48 29.88 33.93
N GLU E 238 -21.83 28.65 33.56
CA GLU E 238 -22.34 27.69 34.54
C GLU E 238 -21.30 27.40 35.61
N SER E 239 -20.03 27.22 35.20
CA SER E 239 -18.98 26.92 36.16
C SER E 239 -18.78 28.06 37.15
N MET E 240 -18.73 29.30 36.65
CA MET E 240 -18.59 30.44 37.55
C MET E 240 -19.81 30.60 38.45
N ALA E 241 -21.01 30.36 37.91
CA ALA E 241 -22.22 30.47 38.73
C ALA E 241 -22.21 29.45 39.86
N LEU E 242 -21.77 28.23 39.58
CA LEU E 242 -21.72 27.21 40.63
C LEU E 242 -20.59 27.47 41.63
N ASN E 243 -19.44 27.93 41.15
CA ASN E 243 -18.30 28.15 42.04
C ASN E 243 -18.51 29.36 42.93
N ASN E 244 -19.10 30.43 42.40
CA ASN E 244 -19.27 31.68 43.12
C ASN E 244 -20.62 31.79 43.82
N GLU E 245 -21.41 30.71 43.83
CA GLU E 245 -22.72 30.69 44.47
C GLU E 245 -23.65 31.75 43.89
N LEU E 246 -23.72 31.79 42.55
CA LEU E 246 -24.61 32.68 41.80
C LEU E 246 -24.32 34.16 42.09
N ALA E 247 -23.06 34.48 42.40
CA ALA E 247 -22.63 35.85 42.67
C ALA E 247 -21.32 36.08 41.92
N LEU E 248 -21.42 36.54 40.68
CA LEU E 248 -20.24 36.78 39.87
C LEU E 248 -19.42 37.93 40.41
N LYS E 249 -18.10 37.77 40.42
CA LYS E 249 -17.18 38.77 40.93
C LYS E 249 -16.03 38.94 39.95
N SER E 250 -15.60 40.18 39.75
CA SER E 250 -14.50 40.44 38.82
C SER E 250 -13.18 39.89 39.33
N SER E 251 -13.04 39.73 40.65
CA SER E 251 -11.79 39.20 41.21
C SER E 251 -11.66 37.70 40.98
N SER E 252 -12.74 37.02 40.61
CA SER E 252 -12.68 35.59 40.35
C SER E 252 -11.90 35.32 39.07
N PRO E 253 -10.86 34.51 39.11
CA PRO E 253 -10.07 34.25 37.89
C PRO E 253 -10.82 33.32 36.95
N ILE E 254 -10.38 33.33 35.68
CA ILE E 254 -10.97 32.46 34.68
C ILE E 254 -10.61 31.01 34.98
N ILE E 255 -11.53 30.11 34.65
CA ILE E 255 -11.33 28.67 34.87
C ILE E 255 -10.90 28.06 33.55
N LYS E 256 -9.74 27.42 33.56
CA LYS E 256 -9.18 26.79 32.37
C LYS E 256 -9.18 25.27 32.56
N PRO E 257 -9.26 24.50 31.48
CA PRO E 257 -9.23 23.04 31.61
C PRO E 257 -7.88 22.57 32.13
N ASP E 258 -7.89 21.38 32.76
CA ASP E 258 -6.64 20.73 33.14
C ASP E 258 -5.79 20.45 31.90
N TRP E 259 -6.43 20.26 30.74
CA TRP E 259 -5.71 20.09 29.49
C TRP E 259 -4.84 21.30 29.17
N ILE E 260 -5.43 22.50 29.15
CA ILE E 260 -4.65 23.69 28.84
C ILE E 260 -3.66 23.99 29.95
N ILE E 261 -4.01 23.68 31.20
CA ILE E 261 -3.10 23.92 32.31
C ILE E 261 -1.83 23.07 32.15
N VAL E 262 -1.99 21.78 31.87
CA VAL E 262 -0.82 20.92 31.74
C VAL E 262 -0.05 21.25 30.47
N ILE E 263 -0.72 21.72 29.41
CA ILE E 263 0.02 22.21 28.24
C ILE E 263 0.86 23.42 28.60
N HIS E 264 0.31 24.34 29.40
CA HIS E 264 1.08 25.50 29.82
C HIS E 264 2.28 25.10 30.66
N LYS E 265 2.09 24.15 31.58
CA LYS E 265 3.21 23.64 32.37
C LYS E 265 4.25 22.96 31.48
N LEU E 266 3.79 22.23 30.47
CA LEU E 266 4.72 21.58 29.54
C LEU E 266 5.52 22.61 28.75
N THR E 267 4.87 23.69 28.31
CA THR E 267 5.60 24.75 27.60
C THR E 267 6.62 25.43 28.50
N ARG E 268 6.24 25.71 29.75
CA ARG E 268 7.19 26.28 30.69
C ARG E 268 8.35 25.34 30.96
N LYS E 269 8.07 24.04 31.04
CA LYS E 269 9.14 23.05 31.22
C LYS E 269 10.07 23.02 30.01
N ILE E 270 9.51 23.12 28.80
CA ILE E 270 10.33 23.12 27.60
C ILE E 270 11.22 24.36 27.57
N VAL E 271 10.66 25.52 27.90
CA VAL E 271 11.43 26.75 27.79
C VAL E 271 12.42 26.89 28.94
N LYS E 272 12.19 26.23 30.07
CA LYS E 272 13.09 26.39 31.21
C LYS E 272 14.24 25.39 31.18
N GLU E 273 14.03 24.22 30.57
CA GLU E 273 15.08 23.20 30.48
C GLU E 273 14.95 22.47 29.16
N ARG E 274 15.96 22.59 28.31
CA ARG E 274 16.01 21.87 27.04
C ARG E 274 16.87 20.60 27.18
N SER E 275 16.39 19.69 28.02
CA SER E 275 17.08 18.44 28.31
C SER E 275 16.28 17.26 27.81
N VAL E 276 16.95 16.12 27.66
CA VAL E 276 16.30 14.91 27.18
C VAL E 276 15.33 14.37 28.22
N ASN E 277 15.71 14.46 29.51
CA ASN E 277 14.82 13.99 30.57
C ASN E 277 13.52 14.80 30.58
N SER E 278 13.64 16.12 30.40
CA SER E 278 12.45 16.96 30.25
C SER E 278 11.57 16.46 29.12
N LEU E 279 12.18 16.02 28.01
CA LEU E 279 11.42 15.41 26.94
C LEU E 279 10.78 14.09 27.39
N ILE E 280 11.40 13.39 28.33
CA ILE E 280 10.78 12.16 28.84
C ILE E 280 9.49 12.47 29.59
N GLU E 281 9.52 13.45 30.50
CA GLU E 281 8.26 13.78 31.18
C GLU E 281 7.25 14.43 30.23
N CYS E 282 7.72 15.17 29.22
CA CYS E 282 6.80 15.68 28.21
C CYS E 282 6.12 14.53 27.45
N ARG E 283 6.88 13.48 27.13
CA ARG E 283 6.30 12.31 26.48
C ARG E 283 5.30 11.60 27.41
N ALA E 284 5.61 11.55 28.70
CA ALA E 284 4.66 10.97 29.65
C ALA E 284 3.37 11.77 29.72
N VAL E 285 3.47 13.11 29.74
CA VAL E 285 2.29 13.96 29.72
C VAL E 285 1.51 13.77 28.43
N LEU E 286 2.21 13.61 27.32
CA LEU E 286 1.55 13.33 26.04
C LEU E 286 0.80 12.01 26.09
N TYR E 287 1.42 10.98 26.67
CA TYR E 287 0.75 9.70 26.86
C TYR E 287 -0.54 9.86 27.66
N ASP E 288 -0.46 10.56 28.78
CA ASP E 288 -1.64 10.73 29.63
C ASP E 288 -2.73 11.51 28.89
N LEU E 289 -2.33 12.55 28.16
CA LEU E 289 -3.32 13.41 27.51
C LEU E 289 -4.00 12.68 26.35
N LEU E 290 -3.23 11.90 25.57
CA LEU E 290 -3.85 11.06 24.55
C LEU E 290 -4.73 9.98 25.18
N ALA E 291 -4.38 9.52 26.39
CA ALA E 291 -5.28 8.64 27.12
C ALA E 291 -6.54 9.35 27.59
N HIS E 292 -6.52 10.67 27.68
CA HIS E 292 -7.72 11.46 28.00
C HIS E 292 -8.64 11.67 26.79
N CYS E 293 -8.35 11.02 25.66
CA CYS E 293 -9.18 11.09 24.45
C CYS E 293 -9.32 12.53 23.95
N ILE E 294 -8.19 13.13 23.60
CA ILE E 294 -8.13 14.46 23.00
C ILE E 294 -7.46 14.32 21.64
N PRO E 295 -8.08 14.79 20.56
CA PRO E 295 -7.44 14.69 19.24
C PRO E 295 -6.13 15.46 19.21
N ALA E 296 -5.12 14.86 18.56
CA ALA E 296 -3.77 15.40 18.61
C ALA E 296 -3.58 16.63 17.74
N ASN E 297 -4.45 16.86 16.75
CA ASN E 297 -4.30 18.02 15.88
C ASN E 297 -4.52 19.31 16.66
N ILE E 298 -5.62 19.39 17.42
CA ILE E 298 -5.86 20.59 18.22
C ILE E 298 -4.84 20.68 19.35
N ILE E 299 -4.36 19.55 19.85
CA ILE E 299 -3.30 19.56 20.86
C ILE E 299 -2.06 20.27 20.32
N LEU E 300 -1.62 19.87 19.13
CA LEU E 300 -0.47 20.52 18.51
C LEU E 300 -0.75 21.98 18.23
N LYS E 301 -1.96 22.30 17.76
CA LYS E 301 -2.30 23.68 17.44
C LYS E 301 -2.17 24.59 18.65
N GLU E 302 -2.81 24.21 19.77
CA GLU E 302 -2.75 25.07 20.95
C GLU E 302 -1.39 24.99 21.63
N LEU E 303 -0.67 23.88 21.49
CA LEU E 303 0.70 23.84 21.99
C LEU E 303 1.57 24.86 21.28
N THR E 304 1.48 24.92 19.94
CA THR E 304 2.25 25.92 19.20
C THR E 304 1.82 27.33 19.56
N PHE E 305 0.50 27.55 19.72
CA PHE E 305 0.04 28.86 20.12
C PHE E 305 0.58 29.24 21.50
N SER E 306 0.77 28.24 22.37
CA SER E 306 1.38 28.51 23.67
C SER E 306 2.86 28.84 23.54
N LEU E 307 3.60 28.14 22.66
CA LEU E 307 4.98 28.51 22.42
C LEU E 307 5.12 29.89 21.82
N LEU E 308 4.16 30.31 20.99
CA LEU E 308 4.19 31.63 20.39
C LEU E 308 3.69 32.72 21.32
N ASP E 309 3.20 32.35 22.52
CA ASP E 309 2.67 33.31 23.49
C ASP E 309 3.59 33.48 24.69
N VAL E 310 4.89 33.31 24.49
CA VAL E 310 5.89 33.48 25.55
C VAL E 310 6.76 34.68 25.20
N GLU E 311 6.94 35.57 26.17
CA GLU E 311 7.63 36.84 25.91
C GLU E 311 9.11 36.64 25.59
N THR E 312 9.78 35.71 26.27
CA THR E 312 11.22 35.54 26.09
C THR E 312 11.58 34.94 24.74
N LEU E 313 10.62 34.43 23.99
CA LEU E 313 10.90 33.85 22.68
C LEU E 313 11.27 34.94 21.69
N ASN E 314 12.24 34.64 20.83
CA ASN E 314 12.65 35.57 19.77
C ASN E 314 11.76 35.41 18.55
N THR E 315 12.12 36.05 17.44
CA THR E 315 11.32 35.92 16.23
C THR E 315 11.75 34.75 15.35
N THR E 316 13.07 34.48 15.28
CA THR E 316 13.54 33.33 14.52
C THR E 316 13.09 32.03 15.16
N ASN E 317 13.12 31.97 16.49
CA ASN E 317 12.65 30.77 17.20
C ASN E 317 11.17 30.54 16.94
N LYS E 318 10.36 31.60 16.97
CA LYS E 318 8.94 31.45 16.70
C LYS E 318 8.68 31.04 15.26
N SER E 319 9.46 31.59 14.32
CA SER E 319 9.30 31.20 12.92
C SER E 319 9.64 29.72 12.72
N SER E 320 10.72 29.25 13.34
CA SER E 320 11.07 27.84 13.26
C SER E 320 10.01 26.97 13.94
N ILE E 321 9.44 27.47 15.04
CA ILE E 321 8.40 26.73 15.74
C ILE E 321 7.17 26.55 14.85
N ILE E 322 6.75 27.62 14.17
CA ILE E 322 5.57 27.50 13.32
C ILE E 322 5.88 26.67 12.07
N GLU E 323 7.13 26.71 11.58
CA GLU E 323 7.52 25.85 10.46
C GLU E 323 7.40 24.38 10.84
N TYR E 324 8.01 24.00 11.97
CA TYR E 324 7.90 22.63 12.43
C TYR E 324 6.46 22.26 12.78
N SER E 325 5.67 23.24 13.22
CA SER E 325 4.25 23.02 13.46
C SER E 325 3.54 22.60 12.18
N SER E 326 3.78 23.32 11.08
CA SER E 326 3.16 22.99 9.81
C SER E 326 3.62 21.63 9.31
N VAL E 327 4.92 21.35 9.43
CA VAL E 327 5.46 20.08 8.93
C VAL E 327 4.87 18.91 9.71
N PHE E 328 4.91 18.98 11.04
CA PHE E 328 4.35 17.88 11.82
C PHE E 328 2.82 17.87 11.78
N ASP E 329 2.18 18.97 11.39
CA ASP E 329 0.75 18.93 11.15
C ASP E 329 0.42 18.10 9.92
N GLU E 330 1.18 18.28 8.83
CA GLU E 330 0.95 17.43 7.66
C GLU E 330 1.31 15.98 7.98
N ARG E 331 2.34 15.76 8.80
CA ARG E 331 2.70 14.41 9.19
C ARG E 331 1.60 13.76 10.02
N LEU E 332 1.01 14.52 10.94
CA LEU E 332 -0.10 14.03 11.75
C LEU E 332 -1.32 13.73 10.90
N SER E 333 -1.61 14.58 9.91
CA SER E 333 -2.70 14.32 9.00
C SER E 333 -2.47 13.03 8.20
N LEU E 334 -1.24 12.82 7.74
CA LEU E 334 -0.89 11.59 7.03
C LEU E 334 -0.25 10.57 7.98
N GLY E 335 -1.06 10.05 8.88
CA GLY E 335 -0.57 9.07 9.83
C GLY E 335 -1.66 8.60 10.75
N ASN E 336 -1.32 7.63 11.59
CA ASN E 336 -2.25 7.07 12.56
C ASN E 336 -1.68 7.13 13.97
N LYS E 337 -0.36 6.97 14.09
CA LYS E 337 0.32 7.06 15.39
C LYS E 337 0.39 8.53 15.78
N ALA E 338 -0.52 8.97 16.65
CA ALA E 338 -0.59 10.38 17.01
C ALA E 338 0.60 10.79 17.87
N ILE E 339 1.13 9.86 18.69
CA ILE E 339 2.20 10.20 19.61
C ILE E 339 3.51 10.48 18.87
N PHE E 340 3.73 9.82 17.73
CA PHE E 340 5.01 9.94 17.04
C PHE E 340 5.25 11.38 16.57
N HIS E 341 4.25 11.97 15.92
CA HIS E 341 4.40 13.32 15.39
C HIS E 341 4.53 14.35 16.49
N LEU E 342 3.75 14.22 17.56
CA LEU E 342 3.85 15.16 18.67
C LEU E 342 5.22 15.08 19.35
N GLU E 343 5.72 13.86 19.57
CA GLU E 343 7.04 13.71 20.17
C GLU E 343 8.13 14.28 19.26
N GLY E 344 8.02 14.04 17.95
CA GLY E 344 9.01 14.59 17.03
C GLY E 344 8.98 16.10 17.01
N PHE E 345 7.78 16.69 17.01
CA PHE E 345 7.68 18.14 16.99
C PHE E 345 8.24 18.75 18.27
N ILE E 346 7.97 18.12 19.42
CA ILE E 346 8.51 18.65 20.67
C ILE E 346 10.03 18.52 20.70
N ALA E 347 10.56 17.42 20.15
CA ALA E 347 12.02 17.29 20.06
C ALA E 347 12.61 18.38 19.19
N LYS E 348 11.97 18.68 18.06
CA LYS E 348 12.46 19.75 17.19
C LYS E 348 12.36 21.11 17.88
N VAL E 349 11.30 21.30 18.69
CA VAL E 349 11.15 22.55 19.42
C VAL E 349 12.30 22.75 20.41
N MET E 350 12.61 21.69 21.17
CA MET E 350 13.72 21.78 22.11
C MET E 350 15.05 21.96 21.38
N CYS E 351 15.20 21.33 20.22
CA CYS E 351 16.41 21.55 19.42
C CYS E 351 16.53 23.00 18.96
N CYS E 352 15.42 23.60 18.53
CA CYS E 352 15.44 25.00 18.11
C CYS E 352 15.76 25.93 19.27
N LEU E 353 15.15 25.68 20.44
CA LEU E 353 15.39 26.54 21.58
C LEU E 353 16.83 26.47 22.06
N ASP E 354 17.40 25.27 22.08
CA ASP E 354 18.78 25.09 22.52
C ASP E 354 19.77 25.56 21.45
PG AGS J . 12.70 -32.13 21.01
S1G AGS J . 12.27 -30.52 20.00
O2G AGS J . 12.85 -33.33 20.03
O3G AGS J . 11.55 -32.43 22.02
PB AGS J . 14.53 -33.01 22.83
O1B AGS J . 13.39 -33.56 23.59
O2B AGS J . 15.55 -32.31 23.72
O3B AGS J . 14.03 -31.92 21.78
PA AGS J . 15.14 -35.67 22.56
O1A AGS J . 13.84 -36.22 22.08
O2A AGS J . 15.31 -35.68 24.08
O3A AGS J . 15.32 -34.16 22.09
O5' AGS J . 16.30 -36.47 21.83
C5' AGS J . 17.39 -35.78 21.19
C4' AGS J . 18.51 -36.76 20.94
O4' AGS J . 19.78 -36.08 21.04
C3' AGS J . 18.58 -37.92 21.94
O3' AGS J . 17.83 -39.03 21.48
C2' AGS J . 20.08 -38.22 21.98
O2' AGS J . 20.48 -39.05 20.90
C1' AGS J . 20.68 -36.82 21.84
N9 AGS J . 20.86 -36.12 23.11
C8 AGS J . 20.09 -35.10 23.59
N7 AGS J . 20.49 -34.65 24.77
C5 AGS J . 21.58 -35.44 25.06
C6 AGS J . 22.45 -35.48 26.18
N6 AGS J . 22.34 -34.67 27.23
N1 AGS J . 23.45 -36.38 26.16
C2 AGS J . 23.57 -37.20 25.10
N3 AGS J . 22.80 -37.26 24.01
C4 AGS J . 21.83 -36.35 24.05
MG MG K . 10.56 -34.21 22.53
PG AGS L . 13.77 -25.49 -6.70
S1G AGS L . 12.65 -24.58 -8.01
O2G AGS L . 13.29 -26.96 -6.53
O3G AGS L . 13.65 -24.75 -5.34
PB AGS L . 15.92 -26.84 -7.67
O1B AGS L . 15.37 -27.99 -6.90
O2B AGS L . 17.44 -26.66 -7.49
O3B AGS L . 15.26 -25.48 -7.18
PA AGS L . 15.93 -28.47 -9.86
O1A AGS L . 14.74 -29.34 -9.66
O2A AGS L . 17.21 -29.02 -9.22
O3A AGS L . 15.69 -27.04 -9.22
O5' AGS L . 16.11 -28.23 -11.40
C5' AGS L . 16.26 -29.34 -12.31
C4' AGS L . 16.87 -28.84 -13.60
O4' AGS L . 18.07 -28.09 -13.31
C3' AGS L . 17.29 -29.94 -14.57
O3' AGS L . 17.18 -29.50 -15.92
C2' AGS L . 18.76 -30.18 -14.17
O2' AGS L . 19.52 -30.68 -15.26
C1' AGS L . 19.20 -28.77 -13.82
N9 AGS L . 20.26 -28.70 -12.82
C8 AGS L . 20.20 -28.07 -11.60
N7 AGS L . 21.31 -28.16 -10.90
C5 AGS L . 22.15 -28.91 -11.71
C6 AGS L . 23.48 -29.35 -11.54
N6 AGS L . 24.22 -29.11 -10.46
N1 AGS L . 24.03 -30.08 -12.54
C2 AGS L . 23.30 -30.32 -13.64
N3 AGS L . 22.05 -29.95 -13.91
C4 AGS L . 21.52 -29.25 -12.90
MG MG M . 13.73 -28.24 -8.16
PG AGS N . -2.25 -6.76 -22.14
S1G AGS N . -2.62 -5.12 -21.17
O2G AGS N . -3.56 -7.29 -22.78
O3G AGS N . -1.69 -7.84 -21.15
PB AGS N . -1.31 -7.30 -24.62
O1B AGS N . -0.92 -8.71 -24.40
O2B AGS N . -0.41 -6.56 -25.62
O3B AGS N . -1.20 -6.49 -23.26
PA AGS N . -3.00 -7.30 -26.76
O1A AGS N . -1.99 -8.18 -27.39
O2A AGS N . -4.45 -7.77 -26.97
O3A AGS N . -2.78 -7.23 -25.19
O5' AGS N . -2.79 -5.83 -27.27
C5' AGS N . -3.92 -5.02 -27.65
C4' AGS N . -3.92 -4.86 -29.15
O4' AGS N . -2.59 -4.59 -29.59
C3' AGS N . -4.34 -6.12 -29.92
O3' AGS N . -5.73 -6.07 -30.20
C2' AGS N . -3.49 -6.06 -31.20
O2' AGS N . -4.29 -5.81 -32.35
C1' AGS N . -2.52 -4.89 -30.96
N9 AGS N . -1.13 -5.17 -31.31
C8 AGS N . -0.06 -5.25 -30.46
N7 AGS N . 1.08 -5.49 -31.05
C5 AGS N . 0.74 -5.57 -32.40
C6 AGS N . 1.50 -5.82 -33.55
N6 AGS N . 2.82 -6.03 -33.54
N1 AGS N . 0.85 -5.84 -34.74
C2 AGS N . -0.47 -5.63 -34.76
N3 AGS N . -1.29 -5.40 -33.72
C4 AGS N . -0.61 -5.38 -32.56
MG MG O . -2.43 -9.23 -22.68
PG AGS P . -18.16 14.41 -11.04
S1G AGS P . -16.34 13.90 -11.49
O2G AGS P . -18.24 14.88 -9.57
O3G AGS P . -19.11 13.18 -11.25
PB AGS P . -19.10 15.27 -13.46
O1B AGS P . -17.95 15.17 -14.37
O2B AGS P . -19.91 13.96 -13.38
O3B AGS P . -18.63 15.57 -11.98
PA AGS P . -21.68 16.08 -13.93
O1A AGS P . -22.08 15.23 -15.07
O2A AGS P . -21.98 15.47 -12.57
O3A AGS P . -20.11 16.38 -13.94
O5' AGS P . -22.38 17.50 -14.09
C5' AGS P . -22.88 18.20 -12.94
C4' AGS P . -23.52 19.49 -13.40
O4' AGS P . -22.67 20.16 -14.35
C3' AGS P . -24.89 19.34 -14.07
O3' AGS P . -25.81 20.31 -13.59
C2' AGS P . -24.58 19.54 -15.56
O2' AGS P . -25.68 20.11 -16.25
C1' AGS P . -23.41 20.53 -15.49
N9 AGS P . -22.53 20.49 -16.65
C8 AGS P . -21.23 20.07 -16.69
N7 AGS P . -20.68 20.14 -17.88
C5 AGS P . -21.69 20.65 -18.67
C6 AGS P . -21.74 20.97 -20.04
N6 AGS P . -20.72 20.82 -20.89
N1 AGS P . -22.90 21.47 -20.53
C2 AGS P . -23.94 21.62 -19.69
N3 AGS P . -24.01 21.36 -18.38
C4 AGS P . -22.84 20.87 -17.93
MG MG Q . -20.51 11.65 -11.68
PB ADP R . -20.89 23.90 16.63
O1B ADP R . -20.12 25.05 16.01
O2B ADP R . -21.84 23.22 15.68
O3B ADP R . -20.05 22.97 17.46
PA ADP R . -23.04 23.79 18.41
O1A ADP R . -24.16 23.62 17.42
O2A ADP R . -22.43 22.56 19.07
O3A ADP R . -21.86 24.62 17.70
O5' ADP R . -23.54 24.77 19.57
C5' ADP R . -24.70 24.41 20.33
C4' ADP R . -24.97 25.41 21.45
O4' ADP R . -24.81 26.76 21.00
C3' ADP R . -26.39 25.28 21.95
O3' ADP R . -26.41 24.68 23.25
C2' ADP R . -26.94 26.69 22.03
O2' ADP R . -27.38 26.98 23.35
C1' ADP R . -25.78 27.60 21.65
N9 ADP R . -26.23 28.69 20.76
C8 ADP R . -25.77 28.93 19.52
N7 ADP R . -26.38 30.02 18.96
C5 ADP R . -27.26 30.48 19.88
C6 ADP R . -28.24 31.59 19.96
N6 ADP R . -28.41 32.44 18.91
N1 ADP R . -28.96 31.73 21.09
C2 ADP R . -28.80 30.88 22.13
N3 ADP R . -27.93 29.86 22.13
C4 ADP R . -27.15 29.61 21.05
#